data_3E1Y
#
_entry.id   3E1Y
#
_cell.length_a   173.966
_cell.length_b   173.966
_cell.length_c   119.824
_cell.angle_alpha   90.00
_cell.angle_beta   90.00
_cell.angle_gamma   90.00
#
_symmetry.space_group_name_H-M   'P 43'
#
loop_
_entity.id
_entity.type
_entity.pdbx_description
1 polymer 'Eukaryotic peptide chain release factor subunit 1'
2 polymer 'Eukaryotic peptide chain release factor GTP-binding subunit ERF3A'
3 non-polymer "ADENOSINE-5'-TRIPHOSPHATE"
#
loop_
_entity_poly.entity_id
_entity_poly.type
_entity_poly.pdbx_seq_one_letter_code
_entity_poly.pdbx_strand_id
1 'polypeptide(L)'
;MRGSHHHHHHGMASMADDPSAADRNVEIWKIKKLIKSLEAARGNGTSMISLIIPPKDQISRVAKMLADEFGTASNIKSRV
NRLSVLGAITSVQQRLKLYNKVPPNGLVVYCGTIVTEEGKEKKVNIDFEPFKPINTSLYLCDNKFHTEALTALLSDDSKF
GFIVIDGSGALFGTLQGNTREVLHKFTVDLPKKHGRGGQSALRFARLRMEKRHNYVRKVAETAVQLFISGDKVNVAGLVL
AGSADFKTELSQSDMFDQRLQSKVLKLVDISYGGENGFNQAIELSTEVLSNVKFIQEKKLIGRYFDEISQDTGKYCFGVE
DTLKALEMGAVEILIVYENLDIMRYVLHCQGTEEEKILYLTPEQEKDKSHFTDKETGQEHELIESMPLLEWFANNYKKFG
ATLEIVTDKSQEGSQFVKGFGGIGGILRYRVDFQGMEYQGGDDEFFDLDDY
;
A,B,C,D
2 'polypeptide(L)'
;GPLGSPIRLPIVDKYKDMGTVVLGKLESGSICKGQQLVMMPNKHNVEVLGILSDDVETDTVAPGENLKIRLKGIEEEEIL
PGFILCDPNNLCHSGRTFDAQIVIIEHKSIICPGYNAVLHIHTCIEEVEITALICLVDKKSGEKSKTRPRFVKQDQVCIA
RLRTAGTICLETFKDFPQMGRFTLRDEGKTIAIGKVLKLVPEKD
;
E,F,G,H
#
# COMPACT_ATOMS: atom_id res chain seq x y z
N ALA A 21 -30.90 16.96 -34.86
CA ALA A 21 -30.55 16.32 -33.56
C ALA A 21 -29.18 16.77 -33.04
N ALA A 22 -28.24 16.97 -33.95
CA ALA A 22 -26.87 17.37 -33.60
C ALA A 22 -26.79 18.76 -32.98
N ASP A 23 -27.85 19.55 -33.11
CA ASP A 23 -27.84 20.87 -32.55
C ASP A 23 -28.27 20.86 -31.10
N ARG A 24 -28.87 19.75 -30.66
CA ARG A 24 -29.22 19.63 -29.26
C ARG A 24 -28.13 18.91 -28.49
N ASN A 25 -27.40 18.03 -29.18
CA ASN A 25 -26.22 17.44 -28.59
C ASN A 25 -25.41 18.56 -28.02
N VAL A 26 -25.12 19.55 -28.86
CA VAL A 26 -24.39 20.73 -28.43
C VAL A 26 -25.05 21.36 -27.22
N GLU A 27 -26.37 21.46 -27.27
CA GLU A 27 -27.11 22.04 -26.17
C GLU A 27 -26.65 21.44 -24.88
N ILE A 28 -26.61 20.12 -24.87
CA ILE A 28 -26.31 19.37 -23.65
C ILE A 28 -24.87 19.63 -23.21
N TRP A 29 -23.95 19.74 -24.16
CA TRP A 29 -22.59 20.13 -23.81
C TRP A 29 -22.66 21.49 -23.13
N LYS A 30 -23.35 22.43 -23.78
CA LYS A 30 -23.47 23.78 -23.28
C LYS A 30 -23.93 23.75 -21.83
N ILE A 31 -25.07 23.10 -21.58
CA ILE A 31 -25.57 22.94 -20.21
C ILE A 31 -24.54 22.22 -19.33
N LYS A 32 -24.11 21.04 -19.77
CA LYS A 32 -23.09 20.28 -19.01
C LYS A 32 -22.00 21.21 -18.51
N LYS A 33 -21.38 21.94 -19.42
CA LYS A 33 -20.37 22.92 -19.05
C LYS A 33 -20.86 23.79 -17.90
N LEU A 34 -21.85 24.65 -18.17
CA LEU A 34 -22.35 25.55 -17.15
C LEU A 34 -22.37 24.79 -15.85
N ILE A 35 -23.26 23.80 -15.81
CA ILE A 35 -23.49 22.97 -14.64
C ILE A 35 -22.23 22.72 -13.83
N LYS A 36 -21.15 22.32 -14.48
CA LYS A 36 -19.93 22.10 -13.75
C LYS A 36 -19.27 23.43 -13.43
N SER A 37 -19.02 24.25 -14.44
CA SER A 37 -18.31 25.50 -14.15
C SER A 37 -19.16 26.51 -13.39
N LEU A 38 -20.12 26.00 -12.62
CA LEU A 38 -20.77 26.81 -11.61
C LEU A 38 -20.46 26.26 -10.24
N GLU A 39 -20.00 25.01 -10.18
CA GLU A 39 -19.51 24.44 -8.92
C GLU A 39 -18.20 25.11 -8.58
N ALA A 40 -17.48 25.44 -9.64
CA ALA A 40 -16.18 26.08 -9.53
C ALA A 40 -16.33 27.50 -8.98
N ALA A 41 -17.56 28.00 -9.00
CA ALA A 41 -17.80 29.30 -8.41
C ALA A 41 -18.32 29.13 -7.01
N ARG A 42 -17.74 29.89 -6.07
CA ARG A 42 -18.24 29.88 -4.72
C ARG A 42 -17.80 31.17 -4.05
N GLY A 43 -18.73 32.14 -3.98
CA GLY A 43 -18.47 33.46 -3.38
C GLY A 43 -18.90 33.55 -1.92
N ASN A 44 -18.49 34.61 -1.24
CA ASN A 44 -18.67 34.71 0.23
C ASN A 44 -19.96 35.42 0.67
N GLY A 45 -20.35 35.22 1.93
CA GLY A 45 -21.63 35.74 2.45
C GLY A 45 -22.76 35.23 1.59
N THR A 46 -24.02 35.43 1.97
CA THR A 46 -25.11 34.94 1.11
C THR A 46 -25.43 35.90 -0.06
N SER A 47 -24.61 35.82 -1.12
CA SER A 47 -24.76 36.69 -2.28
C SER A 47 -24.70 35.91 -3.60
N MET A 48 -25.41 34.78 -3.62
CA MET A 48 -25.41 33.89 -4.77
C MET A 48 -26.81 33.34 -5.00
N ILE A 49 -27.62 34.09 -5.75
CA ILE A 49 -29.00 33.70 -5.99
C ILE A 49 -29.14 32.71 -7.17
N SER A 50 -29.94 31.67 -6.96
CA SER A 50 -30.30 30.76 -8.04
C SER A 50 -31.77 30.99 -8.28
N LEU A 51 -32.14 31.14 -9.54
CA LEU A 51 -33.54 31.36 -9.87
C LEU A 51 -33.97 30.49 -11.03
N ILE A 52 -35.05 29.76 -10.80
CA ILE A 52 -35.62 28.89 -11.81
C ILE A 52 -37.11 29.16 -11.85
N ILE A 53 -37.56 29.86 -12.90
CA ILE A 53 -39.00 30.20 -13.09
C ILE A 53 -39.66 29.26 -14.10
N PRO A 54 -40.47 28.32 -13.60
CA PRO A 54 -41.06 27.29 -14.43
C PRO A 54 -41.99 27.96 -15.40
N PRO A 55 -42.27 27.33 -16.54
CA PRO A 55 -43.13 27.96 -17.52
C PRO A 55 -44.56 28.02 -17.00
N LYS A 56 -45.36 28.87 -17.62
CA LYS A 56 -46.76 29.07 -17.24
C LYS A 56 -46.83 29.91 -15.97
N ASP A 57 -45.67 30.26 -15.42
CA ASP A 57 -45.61 31.18 -14.30
C ASP A 57 -45.54 32.58 -14.87
N GLN A 58 -45.39 33.58 -14.01
CA GLN A 58 -45.46 34.97 -14.45
C GLN A 58 -44.43 35.91 -13.83
N ILE A 59 -43.52 36.41 -14.67
CA ILE A 59 -42.41 37.24 -14.22
C ILE A 59 -42.78 38.33 -13.22
N SER A 60 -43.62 39.26 -13.63
CA SER A 60 -44.00 40.38 -12.77
C SER A 60 -44.27 39.88 -11.35
N ARG A 61 -44.87 38.69 -11.26
CA ARG A 61 -45.09 38.04 -9.97
C ARG A 61 -43.77 37.67 -9.29
N VAL A 62 -42.96 36.89 -9.99
CA VAL A 62 -41.65 36.53 -9.46
C VAL A 62 -40.93 37.80 -9.10
N ALA A 63 -40.79 38.69 -10.07
CA ALA A 63 -40.08 39.92 -9.82
C ALA A 63 -40.71 40.64 -8.63
N LYS A 64 -42.01 40.45 -8.41
CA LYS A 64 -42.64 41.04 -7.24
C LYS A 64 -42.11 40.42 -5.96
N MET A 65 -42.04 39.10 -5.91
CA MET A 65 -41.54 38.41 -4.73
C MET A 65 -40.09 38.79 -4.47
N LEU A 66 -39.42 39.30 -5.49
CA LEU A 66 -38.04 39.74 -5.31
C LEU A 66 -37.98 41.12 -4.69
N ALA A 67 -39.07 41.87 -4.78
CA ALA A 67 -39.11 43.12 -4.05
C ALA A 67 -39.52 42.82 -2.62
N ASP A 68 -40.33 41.78 -2.46
CA ASP A 68 -40.63 41.29 -1.13
C ASP A 68 -39.37 40.78 -0.46
N GLU A 69 -38.44 40.27 -1.26
CA GLU A 69 -37.15 39.76 -0.77
C GLU A 69 -36.12 40.84 -0.51
N PHE A 70 -35.96 41.75 -1.48
CA PHE A 70 -35.16 42.94 -1.25
C PHE A 70 -35.68 43.57 0.02
N GLY A 71 -37.01 43.50 0.16
CA GLY A 71 -37.72 44.11 1.27
C GLY A 71 -37.34 43.62 2.65
N THR A 72 -37.05 42.34 2.78
CA THR A 72 -36.69 41.81 4.09
C THR A 72 -35.17 41.73 4.33
N ALA A 73 -34.39 41.40 3.30
CA ALA A 73 -32.93 41.46 3.41
C ALA A 73 -32.50 42.92 3.41
N SER A 74 -33.47 43.79 3.62
CA SER A 74 -33.23 45.21 3.82
C SER A 74 -32.78 45.45 5.28
N ASN A 75 -32.97 44.45 6.14
CA ASN A 75 -32.34 44.47 7.48
C ASN A 75 -31.09 43.58 7.57
N ILE A 76 -31.29 42.28 7.74
CA ILE A 76 -30.18 41.35 7.64
C ILE A 76 -29.22 41.48 8.83
N LYS A 77 -28.94 42.71 9.24
CA LYS A 77 -28.03 42.97 10.35
C LYS A 77 -26.73 42.21 10.18
N SER A 78 -26.07 42.40 9.04
CA SER A 78 -24.75 41.83 8.82
C SER A 78 -24.06 42.55 7.67
N ARG A 79 -24.12 43.88 7.75
CA ARG A 79 -23.40 44.79 6.87
C ARG A 79 -22.90 44.17 5.56
N VAL A 80 -21.70 43.56 5.60
CA VAL A 80 -21.08 43.04 4.38
C VAL A 80 -21.94 42.01 3.71
N ASN A 81 -22.70 41.26 4.50
CA ASN A 81 -23.65 40.34 3.93
C ASN A 81 -24.75 41.11 3.21
N ARG A 82 -25.38 42.02 3.93
CA ARG A 82 -26.47 42.80 3.38
C ARG A 82 -26.17 43.43 2.02
N LEU A 83 -25.32 44.45 1.99
CA LEU A 83 -25.01 45.21 0.77
C LEU A 83 -24.86 44.29 -0.45
N SER A 84 -24.54 43.03 -0.19
CA SER A 84 -24.29 42.07 -1.25
C SER A 84 -25.58 41.37 -1.70
N VAL A 85 -26.36 40.85 -0.74
CA VAL A 85 -27.65 40.22 -1.02
C VAL A 85 -28.46 41.14 -1.90
N LEU A 86 -28.58 42.39 -1.47
CA LEU A 86 -29.34 43.38 -2.21
C LEU A 86 -28.74 43.49 -3.59
N GLY A 87 -27.44 43.75 -3.63
CA GLY A 87 -26.76 43.93 -4.90
C GLY A 87 -26.92 42.76 -5.85
N ALA A 88 -27.40 41.63 -5.34
CA ALA A 88 -27.58 40.46 -6.17
C ALA A 88 -29.03 40.27 -6.48
N ILE A 89 -29.88 40.87 -5.65
CA ILE A 89 -31.31 40.85 -5.90
C ILE A 89 -31.63 41.85 -6.98
N THR A 90 -31.03 43.03 -6.90
CA THR A 90 -31.13 43.94 -8.00
C THR A 90 -30.59 43.19 -9.22
N SER A 91 -29.37 42.71 -9.08
CA SER A 91 -28.68 42.11 -10.19
C SER A 91 -29.59 41.15 -10.95
N VAL A 92 -30.38 40.36 -10.23
CA VAL A 92 -31.28 39.45 -10.92
C VAL A 92 -32.46 40.21 -11.49
N GLN A 93 -33.16 40.98 -10.66
CA GLN A 93 -34.31 41.70 -11.20
C GLN A 93 -33.90 42.48 -12.43
N GLN A 94 -32.71 43.07 -12.40
CA GLN A 94 -32.24 43.82 -13.54
C GLN A 94 -32.24 42.97 -14.79
N ARG A 95 -31.82 41.71 -14.68
CA ARG A 95 -31.77 40.85 -15.85
C ARG A 95 -33.16 40.31 -16.15
N LEU A 96 -34.04 40.41 -15.16
CA LEU A 96 -35.37 39.88 -15.32
C LEU A 96 -36.22 40.82 -16.18
N LYS A 97 -35.75 42.06 -16.32
CA LYS A 97 -36.43 43.05 -17.14
C LYS A 97 -36.15 42.87 -18.65
N LEU A 98 -35.12 42.11 -18.98
CA LEU A 98 -34.84 41.78 -20.37
C LEU A 98 -35.83 40.73 -20.86
N TYR A 99 -36.76 40.34 -19.99
CA TYR A 99 -37.86 39.47 -20.39
C TYR A 99 -39.16 40.15 -20.03
N ASN A 100 -40.13 40.12 -20.93
CA ASN A 100 -41.43 40.69 -20.61
C ASN A 100 -42.46 39.59 -20.40
N LYS A 101 -42.10 38.35 -20.72
CA LYS A 101 -42.94 37.21 -20.43
C LYS A 101 -42.07 35.96 -20.28
N VAL A 102 -42.50 35.05 -19.42
CA VAL A 102 -41.73 33.83 -19.21
C VAL A 102 -41.70 33.00 -20.48
N PRO A 103 -40.50 32.79 -21.00
CA PRO A 103 -40.23 32.00 -22.19
C PRO A 103 -40.88 30.64 -22.08
N PRO A 104 -41.56 30.23 -23.15
CA PRO A 104 -42.25 28.96 -23.29
C PRO A 104 -41.71 27.83 -22.41
N ASN A 105 -40.41 27.79 -22.17
CA ASN A 105 -39.84 26.66 -21.47
C ASN A 105 -39.41 26.94 -20.03
N GLY A 106 -39.47 28.20 -19.63
CA GLY A 106 -39.11 28.61 -18.29
C GLY A 106 -37.89 29.51 -18.35
N LEU A 107 -37.63 30.21 -17.25
CA LEU A 107 -36.48 31.07 -17.15
C LEU A 107 -35.51 30.56 -16.08
N VAL A 108 -34.24 30.45 -16.42
CA VAL A 108 -33.22 30.10 -15.44
C VAL A 108 -32.29 31.29 -15.26
N VAL A 109 -32.06 31.73 -14.02
CA VAL A 109 -31.15 32.84 -13.80
C VAL A 109 -30.12 32.50 -12.73
N TYR A 110 -28.95 33.15 -12.80
CA TYR A 110 -27.90 32.96 -11.81
C TYR A 110 -27.15 34.26 -11.61
N CYS A 111 -27.29 34.84 -10.42
CA CYS A 111 -26.66 36.13 -10.14
C CYS A 111 -25.83 36.17 -8.87
N GLY A 112 -24.69 36.85 -8.98
CA GLY A 112 -23.82 36.99 -7.84
C GLY A 112 -22.50 37.64 -8.19
N THR A 113 -21.48 37.35 -7.39
CA THR A 113 -20.15 37.79 -7.69
C THR A 113 -19.25 36.78 -7.05
N ILE A 114 -18.20 36.39 -7.74
CA ILE A 114 -17.47 35.25 -7.25
C ILE A 114 -15.99 35.52 -7.19
N VAL A 115 -15.35 35.01 -6.15
CA VAL A 115 -13.92 35.15 -6.00
C VAL A 115 -13.21 34.20 -6.94
N THR A 116 -12.08 34.66 -7.48
CA THR A 116 -11.24 33.85 -8.36
C THR A 116 -9.78 33.89 -7.91
N GLU A 117 -8.89 33.61 -8.87
CA GLU A 117 -7.47 33.63 -8.59
C GLU A 117 -7.05 35.04 -8.24
N GLU A 118 -5.99 35.13 -7.43
CA GLU A 118 -5.39 36.41 -7.05
C GLU A 118 -6.27 37.20 -6.10
N GLY A 119 -7.55 36.82 -6.02
CA GLY A 119 -8.51 37.55 -5.23
C GLY A 119 -9.13 38.66 -6.05
N LYS A 120 -9.33 38.38 -7.34
CA LYS A 120 -10.12 39.25 -8.20
C LYS A 120 -11.54 38.69 -8.21
N GLU A 121 -12.47 39.40 -8.86
CA GLU A 121 -13.88 38.99 -8.81
C GLU A 121 -14.48 38.63 -10.16
N LYS A 122 -15.74 39.02 -10.38
CA LYS A 122 -16.46 38.65 -11.60
C LYS A 122 -17.97 38.65 -11.34
N LYS A 123 -18.63 39.74 -11.74
CA LYS A 123 -20.06 39.82 -11.60
C LYS A 123 -20.68 38.82 -12.55
N VAL A 124 -21.11 37.69 -12.02
CA VAL A 124 -21.67 36.62 -12.87
C VAL A 124 -23.21 36.70 -13.04
N ASN A 125 -23.66 36.83 -14.30
CA ASN A 125 -25.08 37.01 -14.65
C ASN A 125 -25.57 36.05 -15.72
N ILE A 126 -26.15 34.92 -15.35
CA ILE A 126 -26.65 33.97 -16.35
C ILE A 126 -28.17 33.96 -16.37
N ASP A 127 -28.73 33.96 -17.56
CA ASP A 127 -30.16 33.88 -17.73
C ASP A 127 -30.43 33.36 -19.13
N PHE A 128 -30.95 32.15 -19.20
CA PHE A 128 -31.29 31.54 -20.48
C PHE A 128 -32.65 30.86 -20.43
N GLU A 129 -33.10 30.43 -21.59
CA GLU A 129 -34.19 29.47 -21.66
C GLU A 129 -33.62 28.09 -21.33
N PRO A 130 -34.30 27.08 -21.79
CA PRO A 130 -33.78 25.74 -21.64
C PRO A 130 -33.95 24.89 -22.91
N PHE A 131 -32.88 24.22 -23.29
CA PHE A 131 -32.94 23.31 -24.42
C PHE A 131 -34.19 22.42 -24.33
N LYS A 132 -34.91 22.52 -23.22
CA LYS A 132 -36.19 21.83 -23.11
C LYS A 132 -37.26 22.78 -22.58
N PRO A 133 -38.24 22.22 -21.84
CA PRO A 133 -39.21 22.98 -21.08
C PRO A 133 -38.97 22.79 -19.59
N ILE A 134 -37.85 23.27 -19.09
CA ILE A 134 -37.65 23.40 -17.65
C ILE A 134 -38.96 23.37 -16.85
N ASN A 135 -39.00 22.72 -15.70
CA ASN A 135 -40.25 22.62 -14.91
C ASN A 135 -39.98 22.38 -13.45
N THR A 136 -40.25 23.38 -12.63
CA THR A 136 -39.78 23.36 -11.25
C THR A 136 -39.57 24.80 -10.83
N SER A 137 -39.67 25.08 -9.55
CA SER A 137 -39.49 26.44 -9.14
C SER A 137 -38.44 26.46 -8.06
N LEU A 138 -37.72 27.56 -7.99
CA LEU A 138 -36.57 27.64 -7.09
C LEU A 138 -36.03 29.04 -7.06
N TYR A 139 -36.02 29.61 -5.85
CA TYR A 139 -35.38 30.88 -5.54
C TYR A 139 -34.60 30.61 -4.27
N LEU A 140 -33.27 30.77 -4.34
CA LEU A 140 -32.35 30.34 -3.28
C LEU A 140 -31.02 31.09 -3.36
N CYS A 141 -30.55 31.60 -2.21
CA CYS A 141 -29.22 32.22 -2.17
C CYS A 141 -28.35 31.58 -1.13
N ASP A 142 -27.47 30.70 -1.59
CA ASP A 142 -26.45 30.14 -0.73
C ASP A 142 -25.18 30.96 -1.01
N ASN A 143 -24.03 30.34 -0.78
CA ASN A 143 -22.78 30.95 -1.19
C ASN A 143 -22.28 30.25 -2.45
N LYS A 144 -23.14 29.42 -3.03
CA LYS A 144 -22.95 28.87 -4.36
C LYS A 144 -24.29 28.84 -5.07
N PHE A 145 -24.26 28.68 -6.38
CA PHE A 145 -25.50 28.56 -7.12
C PHE A 145 -26.05 27.14 -6.95
N HIS A 146 -27.23 26.86 -7.47
CA HIS A 146 -27.75 25.51 -7.29
C HIS A 146 -28.22 24.93 -8.60
N THR A 147 -27.40 24.05 -9.16
CA THR A 147 -27.75 23.43 -10.42
C THR A 147 -28.27 22.03 -10.18
N GLU A 148 -28.43 21.62 -8.93
CA GLU A 148 -28.94 20.29 -8.67
C GLU A 148 -30.17 20.12 -9.55
N ALA A 149 -30.79 21.24 -9.92
CA ALA A 149 -32.02 21.18 -10.68
C ALA A 149 -31.80 21.21 -12.19
N LEU A 150 -30.70 21.83 -12.60
CA LEU A 150 -30.33 21.91 -14.02
C LEU A 150 -29.90 20.57 -14.54
N THR A 151 -29.59 19.64 -13.64
CA THR A 151 -29.10 18.33 -14.04
C THR A 151 -30.23 17.42 -14.44
N ALA A 152 -31.45 17.79 -14.10
CA ALA A 152 -32.63 17.07 -14.57
C ALA A 152 -32.89 17.37 -16.05
N LEU A 153 -32.30 18.45 -16.55
CA LEU A 153 -32.34 18.75 -17.97
C LEU A 153 -31.40 17.85 -18.76
N LEU A 154 -30.74 16.93 -18.06
CA LEU A 154 -29.84 15.97 -18.70
C LEU A 154 -30.23 14.58 -18.28
N SER A 155 -31.40 14.14 -18.72
CA SER A 155 -31.76 12.77 -18.48
C SER A 155 -32.41 12.30 -19.76
N ASP A 156 -32.17 13.10 -20.80
CA ASP A 156 -32.67 12.89 -22.16
C ASP A 156 -32.65 11.43 -22.70
N ASP A 157 -33.28 10.50 -21.98
CA ASP A 157 -32.93 9.08 -22.10
C ASP A 157 -33.81 8.16 -22.94
N SER A 158 -33.22 7.04 -23.33
CA SER A 158 -33.87 6.01 -24.13
C SER A 158 -34.63 5.05 -23.23
N LYS A 159 -35.58 4.33 -23.82
CA LYS A 159 -36.35 3.30 -23.11
C LYS A 159 -35.65 1.94 -23.27
N PHE A 160 -35.29 1.29 -22.17
CA PHE A 160 -34.62 -0.02 -22.24
C PHE A 160 -35.56 -1.12 -21.83
N GLY A 161 -35.40 -2.30 -22.42
CA GLY A 161 -36.24 -3.44 -22.08
C GLY A 161 -35.48 -4.43 -21.22
N PHE A 162 -36.21 -5.25 -20.48
CA PHE A 162 -35.59 -6.28 -19.68
C PHE A 162 -36.43 -7.53 -19.72
N ILE A 163 -35.80 -8.67 -19.96
CA ILE A 163 -36.46 -9.96 -19.86
C ILE A 163 -35.79 -10.64 -18.71
N VAL A 164 -36.57 -11.15 -17.76
CA VAL A 164 -35.99 -11.82 -16.61
C VAL A 164 -36.50 -13.24 -16.50
N ILE A 165 -35.73 -14.20 -17.01
CA ILE A 165 -36.13 -15.59 -17.05
C ILE A 165 -35.75 -16.33 -15.78
N ASP A 166 -36.62 -17.24 -15.34
CA ASP A 166 -36.56 -17.84 -14.02
C ASP A 166 -37.15 -19.24 -14.00
N GLY A 167 -36.58 -20.12 -13.19
CA GLY A 167 -37.05 -21.51 -13.09
C GLY A 167 -38.55 -21.67 -13.08
N SER A 168 -39.23 -20.67 -12.51
CA SER A 168 -40.68 -20.59 -12.56
C SER A 168 -41.02 -19.13 -12.62
N GLY A 169 -41.68 -18.71 -13.70
CA GLY A 169 -42.03 -17.31 -13.90
C GLY A 169 -41.03 -16.57 -14.77
N ALA A 170 -41.51 -15.56 -15.47
CA ALA A 170 -40.67 -14.72 -16.28
C ALA A 170 -41.25 -13.36 -16.09
N LEU A 171 -40.48 -12.32 -16.39
CA LEU A 171 -40.93 -10.98 -16.11
C LEU A 171 -40.35 -10.00 -17.07
N PHE A 172 -41.21 -9.19 -17.69
CA PHE A 172 -40.76 -8.26 -18.71
C PHE A 172 -40.95 -6.84 -18.20
N GLY A 173 -39.96 -5.99 -18.46
CA GLY A 173 -40.02 -4.64 -17.92
C GLY A 173 -39.10 -3.70 -18.67
N THR A 174 -39.19 -2.41 -18.35
CA THR A 174 -38.38 -1.39 -18.98
C THR A 174 -37.63 -0.61 -17.93
N LEU A 175 -36.52 0.00 -18.33
CA LEU A 175 -35.82 0.94 -17.48
C LEU A 175 -35.47 2.07 -18.39
N GLN A 176 -36.15 3.19 -18.24
CA GLN A 176 -35.90 4.34 -19.08
C GLN A 176 -35.47 5.46 -18.18
N GLY A 177 -34.30 6.03 -18.45
CA GLY A 177 -33.78 7.04 -17.55
C GLY A 177 -33.84 6.52 -16.13
N ASN A 178 -34.92 6.82 -15.42
CA ASN A 178 -34.98 6.46 -14.02
C ASN A 178 -36.28 5.80 -13.58
N THR A 179 -37.09 5.40 -14.55
CA THR A 179 -38.39 4.82 -14.29
C THR A 179 -38.38 3.33 -14.59
N ARG A 180 -38.19 2.49 -13.57
CA ARG A 180 -38.44 1.07 -13.79
C ARG A 180 -39.95 0.80 -13.77
N GLU A 181 -40.44 0.17 -14.83
CA GLU A 181 -41.85 -0.16 -14.98
C GLU A 181 -41.96 -1.66 -15.15
N VAL A 182 -42.90 -2.31 -14.48
CA VAL A 182 -43.06 -3.75 -14.70
C VAL A 182 -44.23 -4.00 -15.64
N LEU A 183 -43.97 -4.68 -16.74
CA LEU A 183 -44.90 -4.68 -17.86
C LEU A 183 -45.80 -5.88 -17.96
N HIS A 184 -45.32 -7.02 -17.51
CA HIS A 184 -46.01 -8.26 -17.81
C HIS A 184 -45.27 -9.38 -17.13
N LYS A 185 -45.99 -10.36 -16.64
CA LYS A 185 -45.33 -11.53 -16.09
C LYS A 185 -46.33 -12.60 -15.75
N PHE A 186 -45.97 -13.84 -16.04
CA PHE A 186 -46.83 -14.96 -15.74
C PHE A 186 -45.96 -15.94 -14.99
N THR A 187 -46.57 -16.80 -14.20
CA THR A 187 -45.76 -17.78 -13.48
C THR A 187 -46.14 -19.22 -13.85
N VAL A 188 -45.14 -20.07 -14.02
CA VAL A 188 -45.38 -21.45 -14.43
C VAL A 188 -45.16 -22.48 -13.33
N ASP A 189 -45.67 -23.68 -13.56
CA ASP A 189 -45.53 -24.77 -12.61
C ASP A 189 -45.01 -26.02 -13.34
N LEU A 190 -43.76 -25.99 -13.79
CA LEU A 190 -43.13 -27.13 -14.50
C LEU A 190 -43.07 -28.36 -13.56
N PRO A 191 -43.98 -29.36 -13.73
CA PRO A 191 -44.17 -30.40 -12.69
C PRO A 191 -42.89 -30.75 -11.91
N LYS A 192 -42.40 -29.80 -11.10
CA LYS A 192 -41.16 -29.96 -10.31
C LYS A 192 -41.42 -30.84 -9.09
N LYS A 193 -42.70 -31.07 -8.78
CA LYS A 193 -43.10 -31.90 -7.63
C LYS A 193 -43.03 -33.38 -8.02
N HIS A 194 -42.38 -34.18 -7.19
CA HIS A 194 -42.02 -35.56 -7.57
C HIS A 194 -42.87 -36.64 -6.88
N GLY A 195 -42.42 -37.89 -6.98
CA GLY A 195 -43.16 -39.03 -6.43
C GLY A 195 -42.41 -39.83 -5.38
N ARG A 196 -42.89 -41.03 -5.08
CA ARG A 196 -42.33 -41.85 -4.00
C ARG A 196 -42.65 -43.34 -4.14
N GLY A 197 -43.07 -43.75 -5.34
CA GLY A 197 -43.44 -45.14 -5.59
C GLY A 197 -44.45 -45.32 -6.73
N GLY A 198 -44.32 -44.48 -7.77
CA GLY A 198 -45.23 -44.49 -8.91
C GLY A 198 -44.73 -43.74 -10.14
N GLN A 199 -44.13 -42.56 -9.92
CA GLN A 199 -43.65 -41.74 -11.04
C GLN A 199 -42.34 -42.26 -11.66
N SER A 200 -42.10 -41.86 -12.91
CA SER A 200 -40.90 -42.26 -13.61
C SER A 200 -39.94 -41.07 -13.73
N ALA A 201 -38.64 -41.36 -13.81
CA ALA A 201 -37.70 -40.36 -14.25
C ALA A 201 -37.90 -40.13 -15.75
N LEU A 202 -38.62 -41.05 -16.41
CA LEU A 202 -39.10 -40.85 -17.78
C LEU A 202 -40.24 -39.82 -17.78
N ARG A 203 -41.05 -39.88 -16.74
CA ARG A 203 -42.10 -38.90 -16.52
C ARG A 203 -41.52 -37.49 -16.29
N PHE A 204 -40.40 -37.40 -15.56
CA PHE A 204 -39.66 -36.13 -15.36
C PHE A 204 -39.49 -35.42 -16.70
N ALA A 205 -38.59 -35.96 -17.53
CA ALA A 205 -38.27 -35.37 -18.81
C ALA A 205 -39.46 -35.24 -19.75
N ARG A 206 -40.08 -36.36 -20.13
CA ARG A 206 -41.16 -36.33 -21.12
C ARG A 206 -41.95 -35.01 -21.05
N LEU A 207 -42.56 -34.75 -19.90
CA LEU A 207 -43.41 -33.57 -19.71
C LEU A 207 -42.57 -32.37 -19.24
N ARG A 208 -41.51 -32.62 -18.47
CA ARG A 208 -40.65 -31.52 -18.04
C ARG A 208 -39.89 -30.91 -19.24
N MET A 209 -39.21 -31.77 -20.00
CA MET A 209 -38.38 -31.36 -21.14
C MET A 209 -39.14 -30.66 -22.27
N GLU A 210 -40.45 -30.52 -22.16
CA GLU A 210 -41.24 -29.78 -23.15
C GLU A 210 -41.88 -28.57 -22.49
N LYS A 211 -42.20 -28.74 -21.21
CA LYS A 211 -42.62 -27.60 -20.41
C LYS A 211 -41.57 -26.52 -20.54
N ARG A 212 -40.33 -26.85 -20.19
CA ARG A 212 -39.24 -25.90 -20.24
C ARG A 212 -39.17 -25.36 -21.64
N HIS A 213 -39.25 -26.25 -22.61
CA HIS A 213 -39.22 -25.86 -24.02
C HIS A 213 -40.41 -24.97 -24.40
N ASN A 214 -41.61 -25.48 -24.13
CA ASN A 214 -42.87 -24.80 -24.39
C ASN A 214 -42.98 -23.51 -23.62
N TYR A 215 -42.08 -23.32 -22.70
CA TYR A 215 -42.13 -22.17 -21.84
C TYR A 215 -41.31 -21.04 -22.45
N VAL A 216 -40.10 -21.35 -22.91
CA VAL A 216 -39.28 -20.36 -23.58
C VAL A 216 -40.03 -19.82 -24.80
N ARG A 217 -40.82 -20.68 -25.43
CA ARG A 217 -41.65 -20.30 -26.55
C ARG A 217 -42.60 -19.12 -26.20
N LYS A 218 -43.23 -19.16 -25.02
CA LYS A 218 -44.12 -18.07 -24.63
C LYS A 218 -43.33 -16.86 -24.18
N VAL A 219 -42.11 -17.09 -23.75
CA VAL A 219 -41.27 -15.98 -23.37
C VAL A 219 -40.90 -15.15 -24.59
N ALA A 220 -40.43 -15.82 -25.64
CA ALA A 220 -40.07 -15.15 -26.87
C ALA A 220 -41.31 -14.50 -27.49
N GLU A 221 -42.42 -15.20 -27.33
CA GLU A 221 -43.74 -14.77 -27.73
C GLU A 221 -44.03 -13.42 -27.06
N THR A 222 -44.04 -13.42 -25.72
CA THR A 222 -44.39 -12.23 -24.98
C THR A 222 -43.26 -11.21 -25.04
N ALA A 223 -42.15 -11.59 -25.67
CA ALA A 223 -41.07 -10.64 -25.85
C ALA A 223 -41.35 -9.83 -27.11
N VAL A 224 -41.72 -10.54 -28.17
CA VAL A 224 -42.05 -9.93 -29.44
C VAL A 224 -43.32 -9.11 -29.35
N GLN A 225 -44.17 -9.47 -28.40
CA GLN A 225 -45.40 -8.73 -28.14
C GLN A 225 -45.09 -7.42 -27.43
N LEU A 226 -44.07 -7.41 -26.60
CA LEU A 226 -43.91 -6.30 -25.69
C LEU A 226 -42.82 -5.35 -26.09
N PHE A 227 -42.01 -5.71 -27.08
CA PHE A 227 -40.87 -4.87 -27.40
C PHE A 227 -40.78 -4.43 -28.82
N ILE A 228 -41.11 -5.33 -29.73
CA ILE A 228 -41.27 -4.92 -31.11
C ILE A 228 -42.75 -4.75 -31.41
N SER A 229 -43.14 -3.50 -31.57
CA SER A 229 -44.50 -3.14 -31.87
C SER A 229 -44.49 -2.28 -33.12
N GLY A 230 -45.06 -2.82 -34.20
CA GLY A 230 -45.16 -2.09 -35.44
C GLY A 230 -43.87 -2.09 -36.22
N ASP A 231 -43.60 -3.19 -36.91
CA ASP A 231 -42.53 -3.28 -37.91
C ASP A 231 -41.13 -3.26 -37.32
N LYS A 232 -41.00 -2.69 -36.12
CA LYS A 232 -39.68 -2.35 -35.56
C LYS A 232 -39.73 -2.35 -34.04
N VAL A 233 -38.57 -2.21 -33.39
CA VAL A 233 -38.46 -2.28 -31.91
C VAL A 233 -38.68 -0.95 -31.19
N ASN A 234 -39.46 -0.95 -30.10
CA ASN A 234 -39.80 0.29 -29.44
C ASN A 234 -38.97 0.52 -28.20
N VAL A 235 -38.10 -0.44 -27.94
CA VAL A 235 -37.05 -0.25 -26.96
C VAL A 235 -35.80 0.10 -27.73
N ALA A 236 -34.65 -0.29 -27.20
CA ALA A 236 -33.39 0.09 -27.82
C ALA A 236 -32.27 -0.56 -27.04
N GLY A 237 -32.65 -1.51 -26.19
CA GLY A 237 -31.73 -2.11 -25.27
C GLY A 237 -31.84 -3.61 -25.19
N LEU A 238 -32.77 -4.11 -24.40
CA LEU A 238 -32.87 -5.53 -24.12
C LEU A 238 -31.64 -6.04 -23.38
N VAL A 239 -31.79 -6.16 -22.07
CA VAL A 239 -30.88 -6.93 -21.24
C VAL A 239 -31.60 -8.23 -20.84
N LEU A 240 -30.97 -9.39 -21.01
CA LEU A 240 -31.61 -10.67 -20.63
C LEU A 240 -31.00 -11.20 -19.37
N ALA A 241 -31.81 -11.54 -18.39
CA ALA A 241 -31.29 -12.05 -17.15
C ALA A 241 -32.01 -13.32 -16.76
N GLY A 242 -31.29 -14.32 -16.27
CA GLY A 242 -31.98 -15.53 -15.90
C GLY A 242 -31.14 -16.59 -15.26
N SER A 243 -31.79 -17.48 -14.53
CA SER A 243 -31.14 -18.60 -13.91
C SER A 243 -30.42 -19.41 -14.96
N ALA A 244 -29.79 -20.48 -14.51
CA ALA A 244 -28.93 -21.23 -15.39
C ALA A 244 -29.58 -21.57 -16.73
N ASP A 245 -28.93 -21.16 -17.81
CA ASP A 245 -29.24 -21.67 -19.14
C ASP A 245 -30.48 -21.08 -19.79
N PHE A 246 -31.17 -20.19 -19.09
CA PHE A 246 -32.43 -19.68 -19.64
C PHE A 246 -32.26 -18.59 -20.67
N LYS A 247 -31.08 -18.01 -20.79
CA LYS A 247 -30.94 -16.97 -21.80
C LYS A 247 -30.18 -17.49 -23.01
N THR A 248 -29.18 -18.32 -22.72
CA THR A 248 -28.55 -19.06 -23.78
C THR A 248 -29.59 -20.01 -24.32
N GLU A 249 -30.73 -20.13 -23.64
CA GLU A 249 -31.81 -21.00 -24.10
C GLU A 249 -32.85 -20.26 -24.92
N LEU A 250 -33.04 -18.97 -24.58
CA LEU A 250 -33.93 -18.06 -25.26
C LEU A 250 -33.21 -17.33 -26.37
N SER A 251 -32.04 -16.83 -26.03
CA SER A 251 -31.18 -16.18 -27.00
C SER A 251 -31.03 -17.09 -28.22
N GLN A 252 -30.62 -18.33 -27.95
CA GLN A 252 -30.42 -19.35 -28.96
C GLN A 252 -31.71 -20.15 -29.14
N SER A 253 -32.72 -19.52 -29.72
CA SER A 253 -33.93 -20.27 -30.04
C SER A 253 -34.49 -19.88 -31.38
N ASP A 254 -34.86 -20.90 -32.15
CA ASP A 254 -35.42 -20.69 -33.48
C ASP A 254 -36.80 -20.01 -33.37
N MET A 255 -37.12 -19.42 -32.22
CA MET A 255 -38.42 -18.79 -32.07
C MET A 255 -38.28 -17.37 -31.56
N PHE A 256 -37.11 -17.05 -30.99
CA PHE A 256 -36.81 -15.70 -30.48
C PHE A 256 -35.72 -15.06 -31.32
N ASP A 257 -36.08 -14.42 -32.42
CA ASP A 257 -35.07 -13.67 -33.16
C ASP A 257 -35.58 -12.34 -33.62
N GLN A 258 -35.28 -12.04 -34.89
CA GLN A 258 -35.58 -10.76 -35.49
C GLN A 258 -34.69 -9.70 -34.85
N ARG A 259 -35.15 -8.46 -34.85
CA ARG A 259 -34.37 -7.35 -34.36
C ARG A 259 -33.91 -7.60 -32.93
N LEU A 260 -34.79 -8.21 -32.13
CA LEU A 260 -34.54 -8.34 -30.69
C LEU A 260 -33.23 -9.07 -30.42
N GLN A 261 -32.98 -10.10 -31.21
CA GLN A 261 -31.81 -10.93 -30.97
C GLN A 261 -30.59 -10.10 -31.17
N SER A 262 -30.72 -9.09 -32.03
CA SER A 262 -29.65 -8.17 -32.36
C SER A 262 -29.73 -6.85 -31.60
N LYS A 263 -30.51 -6.81 -30.53
CA LYS A 263 -30.63 -5.58 -29.74
C LYS A 263 -30.21 -5.79 -28.31
N VAL A 264 -29.76 -7.00 -27.99
CA VAL A 264 -29.42 -7.31 -26.61
C VAL A 264 -28.06 -6.77 -26.25
N LEU A 265 -27.99 -6.02 -25.17
CA LEU A 265 -26.81 -5.25 -24.82
C LEU A 265 -25.96 -5.89 -23.76
N LYS A 266 -26.57 -6.47 -22.74
CA LYS A 266 -25.82 -7.25 -21.76
C LYS A 266 -26.64 -8.43 -21.31
N LEU A 267 -25.95 -9.43 -20.77
CA LEU A 267 -26.61 -10.54 -20.11
C LEU A 267 -26.35 -10.42 -18.62
N VAL A 268 -27.11 -11.19 -17.83
CA VAL A 268 -26.97 -11.19 -16.39
C VAL A 268 -27.28 -12.59 -15.90
N ASP A 269 -26.37 -13.24 -15.22
CA ASP A 269 -26.73 -14.47 -14.57
C ASP A 269 -27.30 -14.11 -13.24
N ILE A 270 -28.54 -14.47 -12.96
CA ILE A 270 -29.13 -14.23 -11.65
C ILE A 270 -29.64 -15.50 -11.03
N SER A 271 -29.56 -15.59 -9.72
CA SER A 271 -30.08 -16.74 -9.00
C SER A 271 -31.52 -16.44 -8.65
N TYR A 272 -31.88 -15.17 -8.76
CA TYR A 272 -33.17 -14.64 -8.29
C TYR A 272 -34.34 -14.88 -9.25
N GLY A 273 -34.86 -13.81 -9.83
CA GLY A 273 -36.00 -13.91 -10.74
C GLY A 273 -37.14 -13.01 -10.32
N GLY A 274 -37.99 -12.66 -11.27
CA GLY A 274 -39.09 -11.75 -10.98
C GLY A 274 -38.56 -10.41 -10.51
N GLU A 275 -39.43 -9.62 -9.87
CA GLU A 275 -39.10 -8.22 -9.53
C GLU A 275 -37.87 -8.15 -8.65
N ASN A 276 -37.53 -9.29 -8.05
CA ASN A 276 -36.35 -9.40 -7.21
C ASN A 276 -35.11 -9.34 -8.09
N GLY A 277 -35.09 -10.19 -9.10
CA GLY A 277 -33.95 -10.30 -9.98
C GLY A 277 -34.11 -9.37 -11.16
N PHE A 278 -35.13 -8.52 -11.11
CA PHE A 278 -35.24 -7.49 -12.11
C PHE A 278 -34.49 -6.26 -11.61
N ASN A 279 -34.56 -6.01 -10.30
CA ASN A 279 -33.75 -4.96 -9.73
C ASN A 279 -32.28 -5.30 -9.91
N GLN A 280 -31.95 -6.54 -9.58
CA GLN A 280 -30.59 -7.01 -9.73
C GLN A 280 -30.12 -6.94 -11.17
N ALA A 281 -31.06 -7.10 -12.09
CA ALA A 281 -30.75 -7.06 -13.50
C ALA A 281 -30.48 -5.64 -13.94
N ILE A 282 -30.84 -4.67 -13.10
CA ILE A 282 -30.53 -3.28 -13.44
C ILE A 282 -29.22 -2.88 -12.82
N GLU A 283 -29.07 -3.14 -11.53
CA GLU A 283 -27.83 -2.82 -10.83
C GLU A 283 -26.66 -3.39 -11.57
N LEU A 284 -26.83 -4.61 -12.08
CA LEU A 284 -25.77 -5.26 -12.80
C LEU A 284 -25.60 -4.71 -14.21
N SER A 285 -26.67 -4.15 -14.77
CA SER A 285 -26.65 -3.71 -16.17
C SER A 285 -26.12 -2.29 -16.37
N THR A 286 -26.33 -1.41 -15.39
CA THR A 286 -25.90 -0.01 -15.48
C THR A 286 -24.70 0.19 -16.38
N GLU A 287 -23.75 -0.74 -16.24
CA GLU A 287 -22.44 -0.64 -16.84
C GLU A 287 -22.45 -0.40 -18.35
N VAL A 288 -23.35 -1.06 -19.05
CA VAL A 288 -23.28 -1.11 -20.51
C VAL A 288 -24.18 -0.12 -21.22
N LEU A 289 -25.33 0.17 -20.63
CA LEU A 289 -26.26 1.14 -21.17
C LEU A 289 -25.56 2.49 -21.37
N SER A 290 -24.82 2.89 -20.33
CA SER A 290 -24.07 4.13 -20.37
C SER A 290 -23.17 4.18 -21.59
N ASN A 291 -23.52 3.43 -22.62
CA ASN A 291 -22.68 3.32 -23.80
C ASN A 291 -23.38 3.83 -25.05
N VAL A 292 -24.71 3.78 -25.05
CA VAL A 292 -25.47 4.28 -26.19
C VAL A 292 -24.99 5.69 -26.58
N LYS A 293 -25.02 6.60 -25.61
CA LYS A 293 -24.46 7.92 -25.83
C LYS A 293 -23.08 7.78 -26.45
N PHE A 294 -22.42 6.67 -26.13
CA PHE A 294 -21.06 6.46 -26.60
C PHE A 294 -21.02 6.04 -28.07
N ILE A 295 -22.03 5.27 -28.47
CA ILE A 295 -22.02 4.69 -29.78
C ILE A 295 -21.91 5.73 -30.90
N GLN A 296 -22.89 6.62 -31.04
CA GLN A 296 -22.91 7.56 -32.17
C GLN A 296 -21.65 8.42 -32.24
N GLU A 297 -20.90 8.45 -31.13
CA GLU A 297 -19.62 9.16 -31.02
C GLU A 297 -18.50 8.31 -31.59
N LYS A 298 -18.62 7.01 -31.39
CA LYS A 298 -17.69 6.06 -31.98
C LYS A 298 -17.97 6.00 -33.48
N LYS A 299 -19.24 6.00 -33.86
CA LYS A 299 -19.65 5.99 -35.26
C LYS A 299 -19.06 7.18 -36.01
N LEU A 300 -19.04 8.34 -35.36
CA LEU A 300 -18.66 9.59 -36.02
C LEU A 300 -17.16 9.86 -36.10
N ILE A 301 -16.36 9.14 -35.30
CA ILE A 301 -14.91 9.23 -35.49
C ILE A 301 -14.50 8.24 -36.56
N GLY A 302 -15.34 7.22 -36.75
CA GLY A 302 -15.07 6.17 -37.73
C GLY A 302 -14.83 6.78 -39.09
N ARG A 303 -15.82 7.53 -39.56
CA ARG A 303 -15.73 8.19 -40.86
C ARG A 303 -14.50 9.10 -40.91
N TYR A 304 -14.27 9.83 -39.83
CA TYR A 304 -13.10 10.71 -39.77
C TYR A 304 -11.84 9.89 -39.94
N PHE A 305 -11.60 8.96 -39.03
CA PHE A 305 -10.42 8.11 -39.16
C PHE A 305 -10.30 7.55 -40.57
N ASP A 306 -11.41 7.04 -41.07
CA ASP A 306 -11.40 6.33 -42.35
C ASP A 306 -11.39 7.24 -43.56
N GLU A 307 -10.95 8.48 -43.35
CA GLU A 307 -10.55 9.32 -44.45
C GLU A 307 -9.08 9.06 -44.52
N ILE A 308 -8.46 9.25 -43.36
CA ILE A 308 -7.02 9.12 -43.23
C ILE A 308 -6.59 7.67 -43.45
N SER A 309 -7.53 6.74 -43.45
CA SER A 309 -7.22 5.38 -43.85
C SER A 309 -7.03 5.38 -45.34
N GLN A 310 -7.28 6.55 -45.95
CA GLN A 310 -7.47 6.64 -47.38
C GLN A 310 -6.67 7.75 -48.06
N ASP A 311 -6.37 7.54 -49.33
CA ASP A 311 -5.59 8.49 -50.11
C ASP A 311 -6.29 9.84 -50.32
N THR A 312 -7.60 9.91 -50.11
CA THR A 312 -8.37 11.03 -50.69
C THR A 312 -8.55 12.15 -49.70
N GLY A 313 -9.26 11.84 -48.64
CA GLY A 313 -9.02 12.49 -47.39
C GLY A 313 -9.46 13.93 -47.37
N LYS A 314 -10.74 14.10 -47.06
CA LYS A 314 -11.33 15.40 -46.81
C LYS A 314 -11.28 15.57 -45.30
N TYR A 315 -10.11 15.25 -44.74
CA TYR A 315 -9.92 15.27 -43.31
C TYR A 315 -8.95 16.39 -42.92
N CYS A 316 -9.16 16.97 -41.73
CA CYS A 316 -8.23 17.95 -41.18
C CYS A 316 -8.07 17.78 -39.67
N PHE A 317 -6.96 18.28 -39.13
CA PHE A 317 -6.63 18.08 -37.72
C PHE A 317 -5.77 19.22 -37.17
N GLY A 318 -5.87 19.47 -35.86
CA GLY A 318 -5.13 20.56 -35.23
C GLY A 318 -6.02 21.77 -35.02
N VAL A 319 -5.41 22.90 -34.67
CA VAL A 319 -6.13 24.16 -34.67
C VAL A 319 -6.01 24.76 -36.06
N GLU A 320 -4.77 24.94 -36.48
CA GLU A 320 -4.51 25.69 -37.68
C GLU A 320 -5.43 25.21 -38.77
N ASP A 321 -5.27 23.95 -39.16
CA ASP A 321 -5.95 23.47 -40.36
C ASP A 321 -7.45 23.63 -40.23
N THR A 322 -7.99 23.13 -39.12
CA THR A 322 -9.42 23.18 -38.82
C THR A 322 -10.00 24.59 -38.94
N LEU A 323 -9.27 25.56 -38.43
CA LEU A 323 -9.79 26.92 -38.32
C LEU A 323 -10.05 27.55 -39.69
N LYS A 324 -8.99 27.86 -40.42
CA LYS A 324 -9.16 28.49 -41.74
C LYS A 324 -10.00 27.59 -42.66
N ALA A 325 -9.89 26.28 -42.48
CA ALA A 325 -10.66 25.33 -43.28
C ALA A 325 -12.15 25.40 -42.96
N LEU A 326 -12.44 25.80 -41.74
CA LEU A 326 -13.80 26.03 -41.30
C LEU A 326 -14.21 27.41 -41.77
N GLU A 327 -13.20 28.29 -41.88
CA GLU A 327 -13.39 29.68 -42.27
C GLU A 327 -13.82 29.84 -43.73
N MET A 328 -13.42 28.89 -44.57
CA MET A 328 -13.73 29.00 -46.00
C MET A 328 -14.76 27.98 -46.43
N GLY A 329 -14.65 27.48 -47.66
CA GLY A 329 -15.49 26.38 -48.11
C GLY A 329 -15.59 25.44 -46.93
N ALA A 330 -16.79 25.30 -46.40
CA ALA A 330 -17.00 24.66 -45.10
C ALA A 330 -16.36 23.27 -44.95
N VAL A 331 -16.14 22.89 -43.70
CA VAL A 331 -15.96 21.49 -43.40
C VAL A 331 -17.37 21.03 -43.03
N GLU A 332 -17.76 19.85 -43.47
CA GLU A 332 -19.11 19.38 -43.22
C GLU A 332 -19.30 19.07 -41.74
N ILE A 333 -18.35 18.35 -41.18
CA ILE A 333 -18.40 17.96 -39.78
C ILE A 333 -17.16 18.43 -39.01
N LEU A 334 -17.40 19.15 -37.93
CA LEU A 334 -16.33 19.66 -37.09
C LEU A 334 -16.34 18.89 -35.79
N ILE A 335 -15.23 18.19 -35.51
CA ILE A 335 -15.14 17.35 -34.32
C ILE A 335 -14.22 17.93 -33.27
N VAL A 336 -14.80 18.32 -32.14
CA VAL A 336 -13.98 18.76 -31.02
C VAL A 336 -14.31 17.96 -29.77
N TYR A 337 -13.31 17.83 -28.92
CA TYR A 337 -13.43 17.03 -27.73
C TYR A 337 -13.84 17.95 -26.59
N GLU A 338 -14.83 17.50 -25.81
CA GLU A 338 -15.51 18.34 -24.81
C GLU A 338 -14.58 19.33 -24.10
N ASN A 339 -13.52 18.83 -23.47
CA ASN A 339 -12.55 19.71 -22.82
C ASN A 339 -11.47 20.14 -23.79
N LEU A 340 -10.84 21.28 -23.55
CA LEU A 340 -9.89 21.75 -24.52
C LEU A 340 -8.91 22.78 -23.96
N ASP A 341 -7.63 22.48 -24.07
CA ASP A 341 -6.59 23.42 -23.65
C ASP A 341 -6.71 24.79 -24.33
N ILE A 342 -7.24 24.79 -25.54
CA ILE A 342 -7.16 25.97 -26.41
C ILE A 342 -8.28 27.00 -26.19
N MET A 343 -7.93 28.27 -26.38
CA MET A 343 -8.78 29.41 -26.07
C MET A 343 -8.83 30.45 -27.19
N ARG A 344 -9.76 31.40 -27.07
CA ARG A 344 -9.88 32.49 -28.03
C ARG A 344 -10.00 33.85 -27.33
N LEU A 358 -4.69 34.99 -31.43
CA LEU A 358 -3.99 33.72 -31.31
C LEU A 358 -4.57 32.86 -30.18
N TYR A 359 -4.40 31.54 -30.29
CA TYR A 359 -5.16 30.61 -29.48
C TYR A 359 -4.34 29.89 -28.43
N LEU A 360 -4.26 30.47 -27.23
CA LEU A 360 -3.40 29.97 -26.16
C LEU A 360 -4.05 28.99 -25.15
N THR A 361 -3.30 27.95 -24.79
CA THR A 361 -3.69 27.02 -23.74
C THR A 361 -3.23 27.58 -22.40
N PRO A 362 -3.01 26.69 -21.41
CA PRO A 362 -2.40 27.14 -20.17
C PRO A 362 -1.00 27.72 -20.43
N GLU A 363 -0.93 28.70 -21.33
CA GLU A 363 0.33 29.36 -21.65
C GLU A 363 0.16 30.87 -21.55
N GLN A 364 0.50 31.41 -20.38
CA GLN A 364 0.29 32.81 -20.09
C GLN A 364 1.45 33.36 -19.24
N MET A 386 -12.16 33.03 -24.17
CA MET A 386 -13.31 32.15 -24.24
C MET A 386 -12.95 30.74 -24.70
N PRO A 387 -13.37 29.72 -23.94
CA PRO A 387 -13.14 28.32 -24.32
C PRO A 387 -13.38 28.16 -25.82
N LEU A 388 -12.37 27.70 -26.55
CA LEU A 388 -12.48 27.63 -28.01
C LEU A 388 -13.69 26.83 -28.43
N LEU A 389 -13.91 25.70 -27.77
CA LEU A 389 -15.07 24.91 -28.07
C LEU A 389 -16.32 25.77 -27.91
N GLU A 390 -16.38 26.54 -26.82
CA GLU A 390 -17.56 27.38 -26.60
C GLU A 390 -17.83 28.27 -27.78
N TRP A 391 -16.76 28.74 -28.41
CA TRP A 391 -16.92 29.59 -29.57
C TRP A 391 -17.61 28.80 -30.68
N PHE A 392 -17.11 27.58 -30.93
CA PHE A 392 -17.71 26.73 -31.95
C PHE A 392 -19.20 26.53 -31.69
N ALA A 393 -19.54 26.30 -30.43
CA ALA A 393 -20.93 26.09 -30.05
C ALA A 393 -21.85 27.26 -30.38
N ASN A 394 -21.38 28.48 -30.13
CA ASN A 394 -22.21 29.68 -30.31
C ASN A 394 -22.24 30.23 -31.73
N ASN A 395 -21.64 29.51 -32.66
CA ASN A 395 -21.70 29.86 -34.08
C ASN A 395 -20.89 28.93 -34.97
N TYR A 396 -21.10 27.62 -34.82
CA TYR A 396 -20.48 26.68 -35.73
C TYR A 396 -21.35 26.56 -36.96
N LYS A 397 -22.66 26.76 -36.75
CA LYS A 397 -23.66 26.63 -37.80
C LYS A 397 -23.45 27.53 -39.01
N LYS A 398 -22.94 28.73 -38.76
CA LYS A 398 -22.70 29.70 -39.82
C LYS A 398 -21.38 29.45 -40.56
N PHE A 399 -20.63 28.44 -40.11
CA PHE A 399 -19.32 28.12 -40.70
C PHE A 399 -19.34 26.94 -41.67
N GLY A 400 -20.48 26.27 -41.79
CA GLY A 400 -20.59 25.13 -42.69
C GLY A 400 -21.18 23.91 -42.02
N ALA A 401 -22.30 24.12 -41.34
CA ALA A 401 -23.11 23.04 -40.72
C ALA A 401 -22.51 22.33 -39.49
N THR A 402 -23.30 21.41 -38.93
CA THR A 402 -23.12 20.88 -37.57
C THR A 402 -21.71 20.54 -37.06
N LEU A 403 -21.62 20.46 -35.74
CA LEU A 403 -20.43 20.09 -34.99
C LEU A 403 -20.74 18.93 -34.02
N GLU A 404 -19.77 18.04 -33.83
CA GLU A 404 -19.93 16.94 -32.88
C GLU A 404 -18.87 16.99 -31.77
N ILE A 405 -19.31 17.09 -30.53
CA ILE A 405 -18.38 17.16 -29.40
C ILE A 405 -18.22 15.77 -28.78
N VAL A 406 -16.97 15.34 -28.61
CA VAL A 406 -16.68 13.96 -28.21
C VAL A 406 -15.68 13.84 -27.05
N THR A 407 -15.90 12.81 -26.24
CA THR A 407 -15.10 12.56 -25.04
C THR A 407 -13.75 11.96 -25.34
N ASP A 408 -13.02 11.65 -24.27
CA ASP A 408 -11.82 10.84 -24.36
C ASP A 408 -12.05 9.59 -23.52
N LYS A 409 -13.08 8.84 -23.87
CA LYS A 409 -13.57 7.80 -22.97
C LYS A 409 -14.00 6.55 -23.74
N SER A 410 -13.82 6.59 -25.06
CA SER A 410 -14.00 5.43 -25.93
C SER A 410 -12.67 5.18 -26.63
N GLN A 411 -12.45 3.99 -27.16
CA GLN A 411 -11.16 3.68 -27.78
C GLN A 411 -10.81 4.61 -28.95
N GLU A 412 -11.80 5.30 -29.52
CA GLU A 412 -11.55 6.33 -30.54
C GLU A 412 -11.46 7.70 -29.89
N GLY A 413 -12.36 7.94 -28.96
CA GLY A 413 -12.27 9.14 -28.15
C GLY A 413 -10.85 9.21 -27.64
N SER A 414 -10.46 8.19 -26.88
CA SER A 414 -9.11 8.09 -26.40
C SER A 414 -8.13 8.57 -27.46
N GLN A 415 -8.24 8.04 -28.67
CA GLN A 415 -7.23 8.33 -29.68
C GLN A 415 -7.34 9.74 -30.28
N PHE A 416 -8.57 10.19 -30.54
CA PHE A 416 -8.80 11.51 -31.12
C PHE A 416 -8.16 12.60 -30.27
N VAL A 417 -8.32 12.49 -28.97
CA VAL A 417 -7.74 13.44 -28.05
C VAL A 417 -6.27 13.15 -27.81
N LYS A 418 -5.94 11.87 -27.68
CA LYS A 418 -4.59 11.42 -27.40
C LYS A 418 -3.65 11.74 -28.56
N GLY A 419 -4.16 11.65 -29.78
CA GLY A 419 -3.29 11.66 -30.96
C GLY A 419 -3.63 12.55 -32.13
N PHE A 420 -4.59 13.44 -31.98
CA PHE A 420 -4.90 14.37 -33.06
C PHE A 420 -5.05 15.80 -32.58
N GLY A 421 -5.43 15.97 -31.32
CA GLY A 421 -5.52 17.30 -30.73
C GLY A 421 -6.90 17.57 -30.20
N GLY A 422 -7.80 16.63 -30.43
CA GLY A 422 -9.16 16.72 -29.94
C GLY A 422 -9.96 17.77 -30.69
N ILE A 423 -9.43 18.18 -31.83
CA ILE A 423 -10.09 19.17 -32.66
C ILE A 423 -9.67 19.02 -34.11
N GLY A 424 -10.65 18.80 -34.97
CA GLY A 424 -10.41 18.58 -36.38
C GLY A 424 -11.70 18.46 -37.16
N GLY A 425 -11.60 18.01 -38.40
CA GLY A 425 -12.77 17.98 -39.25
C GLY A 425 -12.73 16.98 -40.38
N ILE A 426 -13.89 16.48 -40.72
CA ILE A 426 -14.10 15.75 -41.94
C ILE A 426 -14.56 16.78 -42.94
N LEU A 427 -13.61 17.32 -43.70
CA LEU A 427 -13.85 18.42 -44.64
C LEU A 427 -14.83 18.03 -45.75
N ARG A 428 -15.17 18.99 -46.62
CA ARG A 428 -16.14 18.75 -47.69
C ARG A 428 -15.54 18.29 -49.03
N TYR A 429 -14.27 18.62 -49.27
CA TYR A 429 -13.64 18.29 -50.55
C TYR A 429 -12.13 18.11 -50.41
N ARG A 430 -11.39 18.32 -51.51
CA ARG A 430 -9.94 18.27 -51.47
C ARG A 430 -9.35 19.37 -50.56
N VAL A 431 -8.05 19.30 -50.29
CA VAL A 431 -7.45 20.30 -49.43
C VAL A 431 -5.95 20.40 -49.71
N ASP A 432 -5.56 21.50 -50.32
CA ASP A 432 -4.17 21.71 -50.71
C ASP A 432 -3.36 22.16 -49.50
N PHE A 433 -2.47 21.30 -49.03
CA PHE A 433 -1.67 21.59 -47.85
C PHE A 433 -0.50 22.54 -48.13
N GLN A 434 0.22 22.92 -47.08
CA GLN A 434 1.29 23.90 -47.16
C GLN A 434 2.48 23.46 -48.02
N ALA B 21 -32.38 27.67 25.47
CA ALA B 21 -31.57 27.31 24.27
C ALA B 21 -31.50 25.81 24.00
N ALA B 22 -31.32 25.01 25.05
CA ALA B 22 -31.21 23.55 24.94
C ALA B 22 -32.36 22.89 24.18
N ASP B 23 -33.46 23.61 24.01
CA ASP B 23 -34.58 23.07 23.27
C ASP B 23 -34.41 23.26 21.78
N ARG B 24 -33.50 24.15 21.39
CA ARG B 24 -33.21 24.34 19.98
C ARG B 24 -32.04 23.47 19.53
N ASN B 25 -31.13 23.20 20.46
CA ASN B 25 -30.10 22.22 20.20
C ASN B 25 -30.78 21.00 19.64
N VAL B 26 -31.77 20.50 20.40
CA VAL B 26 -32.55 19.35 19.96
C VAL B 26 -33.11 19.59 18.58
N GLU B 27 -33.64 20.78 18.35
CA GLU B 27 -34.19 21.13 17.06
C GLU B 27 -33.22 20.72 15.98
N ILE B 28 -31.98 21.13 16.16
CA ILE B 28 -30.96 20.95 15.15
C ILE B 28 -30.66 19.48 14.95
N TRP B 29 -30.65 18.72 16.03
CA TRP B 29 -30.52 17.27 15.91
C TRP B 29 -31.67 16.78 15.04
N LYS B 30 -32.88 17.17 15.42
CA LYS B 30 -34.09 16.74 14.72
C LYS B 30 -33.90 16.99 13.23
N ILE B 31 -33.61 18.23 12.85
CA ILE B 31 -33.37 18.57 11.44
C ILE B 31 -32.20 17.75 10.89
N LYS B 32 -31.05 17.79 11.56
CA LYS B 32 -29.88 17.02 11.13
C LYS B 32 -30.31 15.62 10.72
N LYS B 33 -30.95 14.91 11.64
CA LYS B 33 -31.46 13.58 11.35
C LYS B 33 -32.21 13.56 10.02
N LEU B 34 -33.37 14.21 9.97
CA LEU B 34 -34.16 14.24 8.76
C LEU B 34 -33.21 14.35 7.59
N ILE B 35 -32.55 15.50 7.53
CA ILE B 35 -31.63 15.85 6.45
C ILE B 35 -30.85 14.66 5.94
N LYS B 36 -30.27 13.89 6.84
CA LYS B 36 -29.52 12.73 6.40
C LYS B 36 -30.49 11.61 6.03
N SER B 37 -31.35 11.22 6.95
CA SER B 37 -32.24 10.10 6.64
C SER B 37 -33.30 10.45 5.60
N LEU B 38 -32.97 11.40 4.74
CA LEU B 38 -33.73 11.58 3.52
C LEU B 38 -32.86 11.29 2.33
N GLU B 39 -31.55 11.29 2.52
CA GLU B 39 -30.63 10.86 1.47
C GLU B 39 -30.74 9.37 1.31
N ALA B 40 -31.03 8.72 2.42
CA ALA B 40 -31.19 7.28 2.47
C ALA B 40 -32.44 6.87 1.70
N ALA B 41 -33.31 7.83 1.43
CA ALA B 41 -34.48 7.55 0.64
C ALA B 41 -34.21 7.87 -0.81
N ARG B 42 -34.54 6.95 -1.69
CA ARG B 42 -34.44 7.21 -3.10
C ARG B 42 -35.38 6.27 -3.86
N GLY B 43 -36.56 6.78 -4.23
CA GLY B 43 -37.59 6.02 -4.95
C GLY B 43 -37.51 6.19 -6.46
N ASN B 44 -38.21 5.34 -7.20
CA ASN B 44 -38.08 5.27 -8.67
C ASN B 44 -39.07 6.15 -9.44
N GLY B 45 -38.77 6.42 -10.72
CA GLY B 45 -39.55 7.36 -11.55
C GLY B 45 -39.61 8.69 -10.84
N THR B 46 -40.12 9.74 -11.51
CA THR B 46 -40.19 11.05 -10.83
C THR B 46 -41.40 11.17 -9.87
N SER B 47 -41.27 10.59 -8.68
CA SER B 47 -42.36 10.58 -7.70
C SER B 47 -41.86 10.99 -6.30
N MET B 48 -41.05 12.04 -6.27
CA MET B 48 -40.46 12.50 -5.03
C MET B 48 -40.45 14.01 -5.01
N ILE B 49 -41.54 14.61 -4.54
CA ILE B 49 -41.66 16.06 -4.52
C ILE B 49 -41.01 16.68 -3.27
N SER B 50 -40.28 17.78 -3.46
CA SER B 50 -39.75 18.55 -2.37
C SER B 50 -40.47 19.85 -2.45
N LEU B 51 -40.98 20.33 -1.32
CA LEU B 51 -41.68 21.60 -1.30
C LEU B 51 -41.24 22.47 -0.15
N ILE B 52 -40.86 23.70 -0.49
CA ILE B 52 -40.43 24.66 0.50
C ILE B 52 -41.17 25.96 0.19
N ILE B 53 -42.16 26.29 1.05
CA ILE B 53 -42.96 27.52 0.91
C ILE B 53 -42.49 28.60 1.89
N PRO B 54 -41.77 29.61 1.38
CA PRO B 54 -41.18 30.64 2.22
C PRO B 54 -42.30 31.39 2.88
N PRO B 55 -42.02 32.04 4.00
CA PRO B 55 -43.07 32.76 4.71
C PRO B 55 -43.48 33.98 3.91
N LYS B 56 -44.66 34.51 4.23
CA LYS B 56 -45.20 35.68 3.56
C LYS B 56 -45.75 35.29 2.19
N ASP B 57 -45.60 34.02 1.84
CA ASP B 57 -46.21 33.50 0.64
C ASP B 57 -47.62 33.03 1.02
N GLN B 58 -48.32 32.41 0.08
CA GLN B 58 -49.73 32.06 0.33
C GLN B 58 -50.14 30.70 -0.21
N ILE B 59 -50.49 29.80 0.71
CA ILE B 59 -50.80 28.41 0.38
C ILE B 59 -51.73 28.24 -0.83
N SER B 60 -52.95 28.77 -0.72
CA SER B 60 -53.93 28.61 -1.77
C SER B 60 -53.28 28.83 -3.13
N ARG B 61 -52.35 29.78 -3.19
CA ARG B 61 -51.55 30.02 -4.38
C ARG B 61 -50.68 28.83 -4.73
N VAL B 62 -49.82 28.45 -3.80
CA VAL B 62 -48.98 27.29 -4.01
C VAL B 62 -49.85 26.14 -4.40
N ALA B 63 -50.84 25.84 -3.56
CA ALA B 63 -51.72 24.72 -3.82
C ALA B 63 -52.34 24.89 -5.19
N LYS B 64 -52.52 26.13 -5.63
CA LYS B 64 -53.05 26.34 -6.98
C LYS B 64 -52.03 25.87 -8.03
N MET B 65 -50.78 26.28 -7.88
CA MET B 65 -49.76 25.88 -8.83
C MET B 65 -49.59 24.37 -8.84
N LEU B 66 -50.05 23.71 -7.79
CA LEU B 66 -49.99 22.27 -7.76
C LEU B 66 -51.13 21.65 -8.54
N ALA B 67 -52.19 22.41 -8.77
CA ALA B 67 -53.22 21.91 -9.64
C ALA B 67 -52.79 22.19 -11.08
N ASP B 68 -52.07 23.29 -11.26
CA ASP B 68 -51.45 23.55 -12.55
C ASP B 68 -50.44 22.44 -12.88
N GLU B 69 -49.83 21.89 -11.83
CA GLU B 69 -48.84 20.81 -11.99
C GLU B 69 -49.48 19.43 -12.18
N PHE B 70 -50.47 19.11 -11.35
CA PHE B 70 -51.26 17.91 -11.58
C PHE B 70 -51.75 18.01 -13.01
N GLY B 71 -52.07 19.25 -13.40
CA GLY B 71 -52.66 19.55 -14.69
C GLY B 71 -51.81 19.17 -15.88
N THR B 72 -50.50 19.32 -15.78
CA THR B 72 -49.65 19.00 -16.92
C THR B 72 -49.06 17.58 -16.86
N ALA B 73 -48.69 17.12 -15.66
CA ALA B 73 -48.26 15.72 -15.49
C ALA B 73 -49.48 14.81 -15.61
N SER B 74 -50.56 15.38 -16.12
CA SER B 74 -51.76 14.63 -16.45
C SER B 74 -51.54 13.94 -17.81
N ASN B 75 -50.49 14.33 -18.54
CA ASN B 75 -50.06 13.57 -19.72
C ASN B 75 -48.81 12.70 -19.47
N ILE B 76 -47.64 13.32 -19.49
CA ILE B 76 -46.45 12.62 -19.04
C ILE B 76 -46.03 11.53 -20.02
N LYS B 77 -46.99 10.78 -20.52
CA LYS B 77 -46.74 9.69 -21.46
C LYS B 77 -45.65 8.76 -20.94
N SER B 78 -45.84 8.24 -19.74
CA SER B 78 -44.94 7.24 -19.17
C SER B 78 -45.62 6.52 -18.02
N ARG B 79 -46.86 6.11 -18.29
CA ARG B 79 -47.66 5.25 -17.43
C ARG B 79 -47.18 5.18 -15.97
N VAL B 80 -46.23 4.28 -15.70
CA VAL B 80 -45.78 4.05 -14.32
C VAL B 80 -45.23 5.30 -13.69
N ASN B 81 -44.62 6.16 -14.51
CA ASN B 81 -44.18 7.44 -14.01
C ASN B 81 -45.38 8.29 -13.63
N ARG B 82 -46.28 8.48 -14.57
CA ARG B 82 -47.47 9.28 -14.36
C ARG B 82 -48.21 8.96 -13.06
N LEU B 83 -48.89 7.81 -13.02
CA LEU B 83 -49.74 7.43 -11.88
C LEU B 83 -49.09 7.77 -10.54
N SER B 84 -47.76 7.88 -10.56
CA SER B 84 -47.00 8.13 -9.35
C SER B 84 -46.84 9.63 -9.07
N VAL B 85 -46.43 10.40 -10.09
CA VAL B 85 -46.31 11.85 -9.98
C VAL B 85 -47.59 12.42 -9.42
N LEU B 86 -48.71 12.04 -10.04
CA LEU B 86 -50.01 12.49 -9.59
C LEU B 86 -50.18 12.09 -8.14
N GLY B 87 -50.02 10.80 -7.89
CA GLY B 87 -50.22 10.27 -6.55
C GLY B 87 -49.36 10.96 -5.49
N ALA B 88 -48.37 11.71 -5.94
CA ALA B 88 -47.50 12.42 -5.00
C ALA B 88 -47.86 13.88 -4.96
N ILE B 89 -48.52 14.34 -6.02
CA ILE B 89 -48.98 15.71 -6.04
C ILE B 89 -50.23 15.80 -5.18
N THR B 90 -51.11 14.82 -5.32
CA THR B 90 -52.21 14.74 -4.39
C THR B 90 -51.59 14.67 -3.01
N SER B 91 -50.73 13.68 -2.84
CA SER B 91 -50.15 13.42 -1.54
C SER B 91 -49.70 14.70 -0.85
N VAL B 92 -49.11 15.62 -1.60
CA VAL B 92 -48.68 16.86 -0.97
C VAL B 92 -49.87 17.77 -0.75
N GLN B 93 -50.65 18.05 -1.79
CA GLN B 93 -51.78 18.92 -1.59
C GLN B 93 -52.63 18.45 -0.42
N GLN B 94 -52.79 17.15 -0.30
CA GLN B 94 -53.57 16.60 0.80
C GLN B 94 -53.01 17.06 2.14
N ARG B 95 -51.69 17.09 2.28
CA ARG B 95 -51.10 17.50 3.54
C ARG B 95 -51.11 19.01 3.63
N LEU B 96 -51.26 19.68 2.50
CA LEU B 96 -51.23 21.11 2.46
C LEU B 96 -52.54 21.68 3.00
N LYS B 97 -53.56 20.84 3.06
CA LYS B 97 -54.87 21.23 3.59
C LYS B 97 -54.93 21.24 5.12
N LEU B 98 -53.95 20.59 5.76
CA LEU B 98 -53.84 20.66 7.20
C LEU B 98 -53.27 21.99 7.64
N TYR B 99 -53.02 22.88 6.66
CA TYR B 99 -52.64 24.25 6.95
C TYR B 99 -53.61 25.16 6.26
N ASN B 100 -54.05 26.22 6.94
CA ASN B 100 -54.93 27.18 6.31
C ASN B 100 -54.20 28.49 6.03
N LYS B 101 -53.01 28.62 6.59
CA LYS B 101 -52.15 29.75 6.29
C LYS B 101 -50.69 29.36 6.49
N VAL B 102 -49.82 29.96 5.71
CA VAL B 102 -48.40 29.65 5.83
C VAL B 102 -47.88 30.07 7.18
N PRO B 103 -47.39 29.10 7.95
CA PRO B 103 -46.81 29.28 9.25
C PRO B 103 -45.74 30.35 9.22
N PRO B 104 -45.79 31.28 10.17
CA PRO B 104 -44.87 32.37 10.35
C PRO B 104 -43.47 32.15 9.74
N ASN B 105 -42.96 30.93 9.79
CA ASN B 105 -41.59 30.69 9.37
C ASN B 105 -41.43 30.01 8.00
N GLY B 106 -42.54 29.57 7.43
CA GLY B 106 -42.53 28.89 6.15
C GLY B 106 -42.99 27.46 6.32
N LEU B 107 -43.35 26.83 5.21
CA LEU B 107 -43.76 25.44 5.22
C LEU B 107 -42.78 24.60 4.44
N VAL B 108 -42.34 23.49 5.03
CA VAL B 108 -41.50 22.51 4.34
C VAL B 108 -42.27 21.21 4.17
N VAL B 109 -42.37 20.69 2.96
CA VAL B 109 -43.06 19.43 2.79
C VAL B 109 -42.23 18.44 1.98
N TYR B 110 -42.46 17.14 2.20
CA TYR B 110 -41.75 16.08 1.48
C TYR B 110 -42.68 14.91 1.25
N CYS B 111 -43.05 14.68 -0.01
CA CYS B 111 -43.99 13.62 -0.35
C CYS B 111 -43.53 12.65 -1.43
N GLY B 112 -43.81 11.39 -1.20
CA GLY B 112 -43.44 10.36 -2.16
C GLY B 112 -43.69 8.96 -1.63
N THR B 113 -42.93 8.01 -2.17
CA THR B 113 -42.97 6.65 -1.68
C THR B 113 -41.62 6.09 -2.00
N ILE B 114 -41.06 5.33 -1.08
CA ILE B 114 -39.67 5.00 -1.23
C ILE B 114 -39.44 3.52 -1.05
N VAL B 115 -38.57 2.97 -1.88
CA VAL B 115 -38.20 1.57 -1.76
C VAL B 115 -37.28 1.37 -0.56
N THR B 116 -37.45 0.23 0.12
CA THR B 116 -36.60 -0.15 1.24
C THR B 116 -36.10 -1.58 1.10
N GLU B 117 -35.74 -2.17 2.23
CA GLU B 117 -35.25 -3.53 2.23
C GLU B 117 -36.36 -4.48 1.78
N GLU B 118 -35.95 -5.59 1.18
CA GLU B 118 -36.88 -6.64 0.75
C GLU B 118 -37.70 -6.23 -0.46
N GLY B 119 -37.75 -4.93 -0.73
CA GLY B 119 -38.58 -4.40 -1.79
C GLY B 119 -39.97 -4.09 -1.26
N LYS B 120 -40.02 -3.63 -0.01
CA LYS B 120 -41.24 -3.07 0.56
C LYS B 120 -41.18 -1.57 0.37
N GLU B 121 -42.25 -0.85 0.71
CA GLU B 121 -42.31 0.59 0.45
C GLU B 121 -42.43 1.47 1.71
N LYS B 122 -43.23 2.52 1.62
CA LYS B 122 -43.35 3.48 2.71
C LYS B 122 -43.78 4.84 2.18
N LYS B 123 -45.07 5.13 2.27
CA LYS B 123 -45.57 6.41 1.82
C LYS B 123 -45.04 7.46 2.77
N VAL B 124 -44.03 8.20 2.33
CA VAL B 124 -43.38 9.19 3.19
C VAL B 124 -43.97 10.63 3.05
N ASN B 125 -44.48 11.16 4.18
CA ASN B 125 -45.18 12.46 4.21
C ASN B 125 -44.65 13.39 5.30
N ILE B 126 -43.70 14.27 4.97
CA ILE B 126 -43.18 15.19 5.98
C ILE B 126 -43.66 16.61 5.69
N ASP B 127 -44.07 17.29 6.74
CA ASP B 127 -44.48 18.68 6.64
C ASP B 127 -44.35 19.29 8.01
N PHE B 128 -43.41 20.21 8.15
CA PHE B 128 -43.20 20.92 9.40
C PHE B 128 -43.01 22.41 9.18
N GLU B 129 -42.98 23.14 10.29
CA GLU B 129 -42.44 24.49 10.28
C GLU B 129 -40.93 24.40 10.25
N PRO B 130 -40.29 25.45 10.69
CA PRO B 130 -38.85 25.40 10.83
C PRO B 130 -38.36 26.03 12.15
N PHE B 131 -37.48 25.32 12.84
CA PHE B 131 -36.88 25.84 14.05
C PHE B 131 -36.43 27.30 13.82
N LYS B 132 -36.54 27.79 12.59
CA LYS B 132 -36.28 29.20 12.36
C LYS B 132 -37.39 29.79 11.48
N PRO B 133 -37.04 30.79 10.66
CA PRO B 133 -37.90 31.31 9.62
C PRO B 133 -37.35 30.96 8.25
N ILE B 134 -37.33 29.68 7.92
CA ILE B 134 -37.12 29.26 6.52
C ILE B 134 -37.35 30.38 5.51
N ASN B 135 -36.53 30.47 4.46
CA ASN B 135 -36.70 31.57 3.47
C ASN B 135 -36.09 31.21 2.14
N THR B 136 -36.94 31.00 1.15
CA THR B 136 -36.51 30.39 -0.10
C THR B 136 -37.69 29.63 -0.65
N SER B 137 -37.73 29.45 -1.96
CA SER B 137 -38.85 28.74 -2.52
C SER B 137 -38.33 27.61 -3.35
N LEU B 138 -39.10 26.54 -3.43
CA LEU B 138 -38.64 25.33 -4.10
C LEU B 138 -39.76 24.32 -4.21
N TYR B 139 -40.05 23.95 -5.45
CA TYR B 139 -40.97 22.88 -5.79
C TYR B 139 -40.22 22.08 -6.82
N LEU B 140 -39.96 20.80 -6.52
CA LEU B 140 -39.07 19.94 -7.32
C LEU B 140 -39.36 18.45 -7.10
N CYS B 141 -39.46 17.69 -8.19
CA CYS B 141 -39.61 16.24 -8.07
C CYS B 141 -38.53 15.51 -8.83
N ASP B 142 -37.52 15.07 -8.09
CA ASP B 142 -36.50 14.20 -8.63
C ASP B 142 -36.91 12.79 -8.22
N ASN B 143 -35.94 11.91 -8.11
CA ASN B 143 -36.18 10.59 -7.56
C ASN B 143 -35.63 10.53 -6.15
N LYS B 144 -35.25 11.70 -5.64
CA LYS B 144 -34.93 11.89 -4.24
C LYS B 144 -35.47 13.23 -3.82
N PHE B 145 -35.57 13.45 -2.52
CA PHE B 145 -36.00 14.76 -2.03
C PHE B 145 -34.82 15.73 -2.10
N HIS B 146 -35.03 17.00 -1.78
CA HIS B 146 -33.91 17.92 -1.86
C HIS B 146 -33.77 18.73 -0.61
N THR B 147 -32.81 18.36 0.22
CA THR B 147 -32.59 19.08 1.46
C THR B 147 -31.40 20.01 1.33
N GLU B 148 -30.82 20.09 0.14
CA GLU B 148 -29.71 21.00 -0.03
C GLU B 148 -30.11 22.33 0.60
N ALA B 149 -31.41 22.57 0.68
CA ALA B 149 -31.92 23.85 1.18
C ALA B 149 -32.16 23.83 2.67
N LEU B 150 -32.47 22.65 3.21
CA LEU B 150 -32.71 22.48 4.64
C LEU B 150 -31.42 22.63 5.43
N THR B 151 -30.29 22.52 4.73
CA THR B 151 -29.00 22.57 5.39
C THR B 151 -28.59 24.00 5.70
N ALA B 152 -29.27 24.96 5.07
CA ALA B 152 -29.06 26.37 5.39
C ALA B 152 -29.71 26.72 6.74
N LEU B 153 -30.63 25.86 7.19
CA LEU B 153 -31.19 25.98 8.54
C LEU B 153 -30.20 25.51 9.60
N LEU B 154 -29.00 25.14 9.18
CA LEU B 154 -27.96 24.73 10.11
C LEU B 154 -26.72 25.52 9.82
N SER B 155 -26.76 26.80 10.08
CA SER B 155 -25.55 27.59 9.97
C SER B 155 -25.57 28.51 11.15
N ASP B 156 -26.44 28.17 12.10
CA ASP B 156 -26.68 28.91 13.34
C ASP B 156 -25.41 29.45 14.07
N ASP B 157 -24.61 30.26 13.37
CA ASP B 157 -23.20 30.45 13.75
C ASP B 157 -22.79 31.70 14.51
N SER B 158 -21.65 31.60 15.17
CA SER B 158 -21.06 32.67 15.96
C SER B 158 -20.23 33.58 15.07
N LYS B 159 -19.98 34.79 15.55
CA LYS B 159 -19.13 35.77 14.86
C LYS B 159 -17.67 35.62 15.34
N PHE B 160 -16.74 35.34 14.42
CA PHE B 160 -15.33 35.19 14.80
C PHE B 160 -14.53 36.39 14.38
N GLY B 161 -13.49 36.73 15.15
CA GLY B 161 -12.65 37.86 14.81
C GLY B 161 -11.33 37.39 14.26
N PHE B 162 -10.64 38.24 13.53
CA PHE B 162 -9.33 37.90 13.02
C PHE B 162 -8.44 39.12 13.06
N ILE B 163 -7.23 38.96 13.59
CA ILE B 163 -6.22 39.99 13.53
C ILE B 163 -5.13 39.46 12.63
N VAL B 164 -4.74 40.23 11.63
CA VAL B 164 -3.71 39.76 10.72
C VAL B 164 -2.54 40.73 10.70
N ILE B 165 -1.50 40.41 11.48
CA ILE B 165 -0.34 41.28 11.64
C ILE B 165 0.71 41.02 10.57
N ASP B 166 1.35 42.09 10.11
CA ASP B 166 2.20 42.05 8.91
C ASP B 166 3.31 43.08 8.97
N GLY B 167 4.46 42.74 8.41
CA GLY B 167 5.62 43.64 8.43
C GLY B 167 5.32 45.09 8.13
N SER B 168 4.28 45.30 7.33
CA SER B 168 3.73 46.62 7.08
C SER B 168 2.25 46.43 6.87
N GLY B 169 1.45 47.06 7.72
CA GLY B 169 0.00 46.92 7.66
C GLY B 169 -0.54 45.84 8.60
N ALA B 170 -1.77 46.05 9.06
CA ALA B 170 -2.44 45.08 9.87
C ALA B 170 -3.85 45.12 9.39
N LEU B 171 -4.63 44.10 9.70
CA LEU B 171 -5.96 44.01 9.14
C LEU B 171 -6.88 43.27 10.06
N PHE B 172 -8.03 43.86 10.37
CA PHE B 172 -8.95 43.26 11.32
C PHE B 172 -10.22 42.88 10.59
N GLY B 173 -10.77 41.71 10.92
CA GLY B 173 -11.92 41.21 10.20
C GLY B 173 -12.65 40.14 10.97
N THR B 174 -13.80 39.73 10.46
CA THR B 174 -14.62 38.72 11.11
C THR B 174 -14.87 37.60 10.14
N LEU B 175 -15.17 36.41 10.66
CA LEU B 175 -15.65 35.32 9.85
C LEU B 175 -16.78 34.73 10.63
N GLN B 176 -18.00 34.96 10.18
CA GLN B 176 -19.16 34.45 10.88
C GLN B 176 -19.89 33.53 9.94
N GLY B 177 -20.12 32.28 10.36
CA GLY B 177 -20.72 31.33 9.46
C GLY B 177 -19.97 31.38 8.14
N ASN B 178 -20.44 32.18 7.20
CA ASN B 178 -19.86 32.16 5.88
C ASN B 178 -19.56 33.54 5.28
N THR B 179 -19.64 34.56 6.11
CA THR B 179 -19.44 35.94 5.68
C THR B 179 -18.13 36.48 6.19
N ARG B 180 -17.08 36.46 5.36
CA ARG B 180 -15.89 37.21 5.72
C ARG B 180 -16.12 38.69 5.44
N GLU B 181 -15.90 39.51 6.46
CA GLU B 181 -16.08 40.96 6.37
C GLU B 181 -14.76 41.62 6.73
N VAL B 182 -14.32 42.62 5.99
CA VAL B 182 -13.09 43.28 6.36
C VAL B 182 -13.41 44.58 7.08
N LEU B 183 -12.91 44.72 8.30
CA LEU B 183 -13.43 45.73 9.20
C LEU B 183 -12.63 47.02 9.27
N HIS B 184 -11.32 46.91 9.10
CA HIS B 184 -10.45 48.02 9.43
C HIS B 184 -9.04 47.64 9.05
N LYS B 185 -8.27 48.58 8.57
CA LYS B 185 -6.87 48.29 8.32
C LYS B 185 -6.11 49.54 7.94
N PHE B 186 -4.92 49.69 8.48
CA PHE B 186 -4.07 50.82 8.18
C PHE B 186 -2.75 50.23 7.76
N THR B 187 -1.97 50.98 7.00
CA THR B 187 -0.67 50.48 6.59
C THR B 187 0.47 51.36 7.07
N VAL B 188 1.54 50.75 7.57
CA VAL B 188 2.66 51.52 8.10
C VAL B 188 3.90 51.53 7.21
N ASP B 189 4.81 52.46 7.50
CA ASP B 189 6.06 52.57 6.76
C ASP B 189 7.23 52.63 7.74
N LEU B 190 7.52 51.51 8.42
CA LEU B 190 8.64 51.42 9.38
C LEU B 190 9.98 51.67 8.66
N PRO B 191 10.59 52.88 8.78
CA PRO B 191 11.69 53.26 7.87
C PRO B 191 12.59 52.10 7.41
N LYS B 192 12.02 51.20 6.60
CA LYS B 192 12.71 50.00 6.09
C LYS B 192 13.70 50.38 4.97
N LYS B 193 13.56 51.61 4.45
CA LYS B 193 14.42 52.11 3.36
C LYS B 193 15.74 52.62 3.95
N HIS B 194 16.85 52.14 3.40
CA HIS B 194 18.17 52.36 4.03
C HIS B 194 19.03 53.44 3.35
N GLY B 195 20.31 53.46 3.71
CA GLY B 195 21.25 54.46 3.18
C GLY B 195 22.43 53.90 2.40
N ARG B 196 23.45 54.72 2.19
CA ARG B 196 24.59 54.34 1.37
C ARG B 196 25.85 55.17 1.65
N GLY B 197 25.86 55.86 2.78
CA GLY B 197 26.99 56.73 3.16
C GLY B 197 26.62 57.89 4.09
N GLY B 198 25.68 57.62 5.00
CA GLY B 198 25.18 58.62 5.94
C GLY B 198 24.41 58.05 7.13
N GLN B 199 23.56 57.06 6.88
CA GLN B 199 22.71 56.49 7.94
C GLN B 199 23.49 55.55 8.87
N SER B 200 22.94 55.36 10.06
CA SER B 200 23.56 54.48 11.05
C SER B 200 22.74 53.19 11.19
N ALA B 201 23.41 52.10 11.55
CA ALA B 201 22.70 50.93 12.02
C ALA B 201 22.11 51.26 13.40
N LEU B 202 22.62 52.33 14.03
CA LEU B 202 22.01 52.89 15.25
C LEU B 202 20.70 53.58 14.88
N ARG B 203 20.69 54.23 13.72
CA ARG B 203 19.50 54.82 13.15
C ARG B 203 18.42 53.76 12.87
N PHE B 204 18.83 52.60 12.35
CA PHE B 204 17.93 51.45 12.13
C PHE B 204 17.07 51.22 13.38
N ALA B 205 17.70 50.69 14.42
CA ALA B 205 16.99 50.36 15.65
C ALA B 205 16.31 51.56 16.32
N ARG B 206 17.08 52.57 16.72
CA ARG B 206 16.51 53.69 17.47
C ARG B 206 15.05 53.95 17.07
N LEU B 207 14.83 54.27 15.79
CA LEU B 207 13.51 54.62 15.27
C LEU B 207 12.76 53.38 14.82
N ARG B 208 13.46 52.38 14.31
CA ARG B 208 12.81 51.12 13.91
C ARG B 208 12.25 50.38 15.13
N MET B 209 13.11 50.15 16.13
CA MET B 209 12.76 49.39 17.34
C MET B 209 11.65 50.01 18.21
N GLU B 210 11.13 51.17 17.81
CA GLU B 210 10.00 51.76 18.52
C GLU B 210 8.81 51.85 17.59
N LYS B 211 9.11 52.03 16.30
CA LYS B 211 8.08 51.91 15.28
C LYS B 211 7.37 50.58 15.45
N ARG B 212 8.14 49.50 15.39
CA ARG B 212 7.59 48.17 15.54
C ARG B 212 6.85 48.12 16.83
N HIS B 213 7.47 48.64 17.89
CA HIS B 213 6.83 48.66 19.21
C HIS B 213 5.56 49.50 19.22
N ASN B 214 5.70 50.76 18.82
CA ASN B 214 4.61 51.73 18.73
C ASN B 214 3.53 51.29 17.77
N TYR B 215 3.83 50.25 17.02
CA TYR B 215 2.90 49.78 16.02
C TYR B 215 2.00 48.72 16.62
N VAL B 216 2.59 47.78 17.36
CA VAL B 216 1.79 46.76 18.03
C VAL B 216 0.82 47.43 18.99
N ARG B 217 1.25 48.55 19.57
CA ARG B 217 0.40 49.34 20.43
C ARG B 217 -0.92 49.75 19.73
N LYS B 218 -0.85 50.18 18.47
CA LYS B 218 -2.06 50.59 17.77
C LYS B 218 -2.85 49.37 17.32
N VAL B 219 -2.16 48.26 17.17
CA VAL B 219 -2.85 47.06 16.82
C VAL B 219 -3.74 46.60 17.96
N ALA B 220 -3.17 46.55 19.16
CA ALA B 220 -3.92 46.15 20.34
C ALA B 220 -5.04 47.15 20.62
N GLU B 221 -4.71 48.41 20.33
CA GLU B 221 -5.62 49.53 20.40
C GLU B 221 -6.82 49.23 19.50
N THR B 222 -6.58 49.05 18.21
CA THR B 222 -7.65 48.87 17.26
C THR B 222 -8.25 47.48 17.40
N ALA B 223 -7.67 46.67 18.27
CA ALA B 223 -8.23 45.36 18.53
C ALA B 223 -9.32 45.52 19.57
N VAL B 224 -8.99 46.26 20.62
CA VAL B 224 -9.91 46.52 21.72
C VAL B 224 -11.05 47.41 21.27
N GLN B 225 -10.79 48.19 20.23
CA GLN B 225 -11.82 49.04 19.64
C GLN B 225 -12.81 48.19 18.83
N LEU B 226 -12.33 47.12 18.22
CA LEU B 226 -13.13 46.47 17.22
C LEU B 226 -13.74 45.18 17.69
N PHE B 227 -13.36 44.69 18.86
CA PHE B 227 -13.84 43.38 19.28
C PHE B 227 -14.48 43.33 20.61
N ILE B 228 -13.94 44.09 21.55
CA ILE B 228 -14.63 44.29 22.80
C ILE B 228 -15.30 45.64 22.78
N SER B 229 -16.63 45.59 22.69
CA SER B 229 -17.45 46.78 22.67
C SER B 229 -18.48 46.64 23.76
N GLY B 230 -18.38 47.49 24.77
CA GLY B 230 -19.34 47.50 25.86
C GLY B 230 -19.08 46.42 26.88
N ASP B 231 -18.10 46.64 27.75
CA ASP B 231 -17.88 45.83 28.94
C ASP B 231 -17.34 44.43 28.64
N LYS B 232 -17.60 43.94 27.43
CA LYS B 232 -17.39 42.52 27.11
C LYS B 232 -17.11 42.35 25.61
N VAL B 233 -16.75 41.13 25.18
CA VAL B 233 -16.36 40.86 23.77
C VAL B 233 -17.52 40.50 22.83
N ASN B 234 -17.55 41.08 21.63
CA ASN B 234 -18.69 40.87 20.75
C ASN B 234 -18.39 39.85 19.68
N VAL B 235 -17.17 39.34 19.72
CA VAL B 235 -16.82 38.16 18.94
C VAL B 235 -16.89 37.00 19.90
N ALA B 236 -16.07 35.99 19.66
CA ALA B 236 -16.14 34.78 20.46
C ALA B 236 -15.03 33.85 20.00
N GLY B 237 -14.10 34.42 19.25
CA GLY B 237 -13.07 33.64 18.62
C GLY B 237 -11.69 34.26 18.74
N LEU B 238 -11.37 35.19 17.84
CA LEU B 238 -10.04 35.75 17.74
C LEU B 238 -9.03 34.69 17.33
N VAL B 239 -8.71 34.68 16.05
CA VAL B 239 -7.55 33.99 15.52
C VAL B 239 -6.48 35.06 15.18
N LEU B 240 -5.24 34.88 15.62
CA LEU B 240 -4.18 35.87 15.33
C LEU B 240 -3.22 35.33 14.30
N ALA B 241 -2.99 36.05 13.23
CA ALA B 241 -2.10 35.57 12.19
C ALA B 241 -1.09 36.62 11.84
N GLY B 242 0.16 36.24 11.65
CA GLY B 242 1.13 37.24 11.33
C GLY B 242 2.52 36.74 11.02
N SER B 243 3.28 37.56 10.32
CA SER B 243 4.66 37.27 10.00
C SER B 243 5.43 37.02 11.25
N ALA B 244 6.72 36.75 11.08
CA ALA B 244 7.52 36.33 12.20
C ALA B 244 7.35 37.24 13.41
N ASP B 245 6.97 36.65 14.53
CA ASP B 245 7.08 37.28 15.85
C ASP B 245 6.01 38.32 16.14
N PHE B 246 5.09 38.54 15.21
CA PHE B 246 4.12 39.61 15.44
C PHE B 246 2.95 39.21 16.30
N LYS B 247 2.76 37.93 16.57
CA LYS B 247 1.65 37.59 17.44
C LYS B 247 2.14 37.22 18.83
N THR B 248 3.29 36.55 18.87
CA THR B 248 3.96 36.36 20.12
C THR B 248 4.40 37.74 20.57
N GLU B 249 4.28 38.75 19.70
CA GLU B 249 4.66 40.11 20.07
C GLU B 249 3.47 40.94 20.54
N LEU B 250 2.30 40.61 20.01
CA LEU B 250 1.04 41.24 20.38
C LEU B 250 0.38 40.46 21.49
N SER B 251 0.35 39.14 21.32
CA SER B 251 -0.17 38.26 22.34
C SER B 251 0.49 38.60 23.67
N GLN B 252 1.81 38.60 23.66
CA GLN B 252 2.63 38.92 24.83
C GLN B 252 2.92 40.41 24.86
N SER B 253 1.90 41.22 25.13
CA SER B 253 2.15 42.64 25.31
C SER B 253 1.34 43.21 26.47
N ASP B 254 2.02 44.00 27.28
CA ASP B 254 1.38 44.65 28.43
C ASP B 254 0.34 45.68 27.96
N MET B 255 -0.08 45.60 26.70
CA MET B 255 -1.05 46.58 26.21
C MET B 255 -2.22 45.88 25.53
N PHE B 256 -2.04 44.62 25.18
CA PHE B 256 -3.08 43.80 24.55
C PHE B 256 -3.49 42.68 25.49
N ASP B 257 -4.43 42.95 26.39
CA ASP B 257 -4.94 41.85 27.22
C ASP B 257 -6.43 41.91 27.39
N GLN B 258 -6.86 41.72 28.63
CA GLN B 258 -8.26 41.63 28.98
C GLN B 258 -8.83 40.35 28.39
N ARG B 259 -10.13 40.36 28.12
CA ARG B 259 -10.82 39.17 27.64
C ARG B 259 -10.16 38.64 26.38
N LEU B 260 -9.70 39.55 25.52
CA LEU B 260 -9.23 39.17 24.20
C LEU B 260 -8.09 38.17 24.28
N GLN B 261 -7.20 38.39 25.25
CA GLN B 261 -6.01 37.57 25.36
C GLN B 261 -6.46 36.17 25.66
N SER B 262 -7.59 36.05 26.33
CA SER B 262 -8.16 34.78 26.73
C SER B 262 -9.27 34.32 25.80
N LYS B 263 -9.35 34.87 24.60
CA LYS B 263 -10.38 34.44 23.65
C LYS B 263 -9.75 33.91 22.38
N VAL B 264 -8.44 33.85 22.32
CA VAL B 264 -7.77 33.47 21.09
C VAL B 264 -7.76 31.97 20.93
N LEU B 265 -8.22 31.51 19.79
CA LEU B 265 -8.50 30.10 19.59
C LEU B 265 -7.43 29.40 18.80
N LYS B 266 -6.90 30.02 17.76
CA LYS B 266 -5.73 29.47 17.07
C LYS B 266 -4.81 30.57 16.63
N LEU B 267 -3.55 30.21 16.39
CA LEU B 267 -2.60 31.11 15.78
C LEU B 267 -2.34 30.62 14.36
N VAL B 268 -1.71 31.48 13.56
CA VAL B 268 -1.39 31.16 12.17
C VAL B 268 -0.10 31.87 11.83
N ASP B 269 0.93 31.14 11.44
CA ASP B 269 2.08 31.82 10.90
C ASP B 269 1.82 32.02 9.44
N ILE B 270 1.81 33.27 8.98
CA ILE B 270 1.65 33.55 7.55
C ILE B 270 2.80 34.39 7.05
N SER B 271 3.16 34.15 5.79
CA SER B 271 4.20 34.93 5.15
C SER B 271 3.54 36.14 4.49
N TYR B 272 2.23 36.04 4.35
CA TYR B 272 1.42 37.00 3.58
C TYR B 272 1.09 38.29 4.34
N GLY B 273 -0.19 38.50 4.64
CA GLY B 273 -0.61 39.71 5.31
C GLY B 273 -1.74 40.40 4.55
N GLY B 274 -2.52 41.20 5.26
CA GLY B 274 -3.66 41.85 4.63
C GLY B 274 -4.65 40.84 4.08
N GLU B 275 -5.53 41.27 3.19
CA GLU B 275 -6.64 40.44 2.72
C GLU B 275 -6.16 39.15 2.11
N ASN B 276 -4.88 39.15 1.74
CA ASN B 276 -4.24 37.98 1.18
C ASN B 276 -4.08 36.92 2.26
N GLY B 277 -3.47 37.34 3.37
CA GLY B 277 -3.18 36.44 4.47
C GLY B 277 -4.32 36.45 5.45
N PHE B 278 -5.42 37.09 5.09
CA PHE B 278 -6.61 36.97 5.90
C PHE B 278 -7.42 35.78 5.39
N ASN B 279 -7.43 35.57 4.07
CA ASN B 279 -8.02 34.37 3.53
C ASN B 279 -7.26 33.17 4.03
N GLN B 280 -5.95 33.25 3.96
CA GLN B 280 -5.11 32.16 4.42
C GLN B 280 -5.32 31.91 5.91
N ALA B 281 -5.67 32.96 6.63
CA ALA B 281 -5.86 32.84 8.06
C ALA B 281 -7.18 32.16 8.33
N ILE B 282 -8.03 32.05 7.32
CA ILE B 282 -9.28 31.34 7.53
C ILE B 282 -9.11 29.90 7.13
N GLU B 283 -8.56 29.67 5.94
CA GLU B 283 -8.34 28.31 5.45
C GLU B 283 -7.59 27.52 6.49
N LEU B 284 -6.60 28.16 7.11
CA LEU B 284 -5.80 27.51 8.12
C LEU B 284 -6.55 27.35 9.44
N SER B 285 -7.51 28.24 9.70
CA SER B 285 -8.20 28.25 11.00
C SER B 285 -9.39 27.29 11.10
N THR B 286 -10.06 27.04 9.98
CA THR B 286 -11.24 26.17 9.95
C THR B 286 -11.23 25.11 11.02
N GLU B 287 -10.05 24.52 11.20
CA GLU B 287 -9.84 23.35 12.04
C GLU B 287 -10.34 23.49 13.47
N VAL B 288 -10.14 24.65 14.07
CA VAL B 288 -10.36 24.82 15.50
C VAL B 288 -11.71 25.41 15.88
N LEU B 289 -12.22 26.31 15.05
CA LEU B 289 -13.54 26.91 15.25
C LEU B 289 -14.62 25.82 15.39
N SER B 290 -14.55 24.84 14.50
CA SER B 290 -15.46 23.71 14.50
C SER B 290 -15.47 23.03 15.86
N ASN B 291 -15.08 23.77 16.90
CA ASN B 291 -14.94 23.19 18.22
C ASN B 291 -15.88 23.82 19.22
N VAL B 292 -16.24 25.08 18.98
CA VAL B 292 -17.18 25.76 19.86
C VAL B 292 -18.42 24.89 20.13
N LYS B 293 -19.06 24.44 19.05
CA LYS B 293 -20.17 23.51 19.19
C LYS B 293 -19.72 22.38 20.08
N PHE B 294 -18.42 22.10 20.05
CA PHE B 294 -17.88 20.97 20.81
C PHE B 294 -17.76 21.28 22.30
N ILE B 295 -17.44 22.53 22.60
CA ILE B 295 -17.17 22.91 23.97
C ILE B 295 -18.32 22.59 24.92
N GLN B 296 -19.48 23.23 24.74
CA GLN B 296 -20.57 23.07 25.70
C GLN B 296 -20.99 21.60 25.89
N GLU B 297 -20.57 20.76 24.96
CA GLU B 297 -20.80 19.32 25.01
C GLU B 297 -19.77 18.65 25.90
N LYS B 298 -18.56 19.19 25.87
CA LYS B 298 -17.49 18.74 26.75
C LYS B 298 -17.81 19.21 28.16
N LYS B 299 -18.28 20.45 28.28
CA LYS B 299 -18.69 21.01 29.56
C LYS B 299 -19.76 20.16 30.24
N LEU B 300 -20.70 19.65 29.45
CA LEU B 300 -21.87 18.95 29.98
C LEU B 300 -21.66 17.48 30.32
N ILE B 301 -20.60 16.88 29.81
CA ILE B 301 -20.26 15.53 30.26
C ILE B 301 -19.42 15.64 31.52
N GLY B 302 -18.77 16.79 31.68
CA GLY B 302 -17.91 17.04 32.83
C GLY B 302 -18.66 16.80 34.11
N ARG B 303 -19.76 17.52 34.27
CA ARG B 303 -20.59 17.38 35.45
C ARG B 303 -21.05 15.94 35.62
N TYR B 304 -21.46 15.31 34.51
CA TYR B 304 -21.88 13.92 34.55
C TYR B 304 -20.75 13.05 35.09
N PHE B 305 -19.63 13.02 34.39
CA PHE B 305 -18.50 12.24 34.86
C PHE B 305 -18.22 12.52 36.34
N ASP B 306 -18.19 13.81 36.67
CA ASP B 306 -17.78 14.21 38.00
C ASP B 306 -18.86 14.07 39.05
N GLU B 307 -19.82 13.18 38.78
CA GLU B 307 -20.69 12.67 39.81
C GLU B 307 -19.99 11.39 40.19
N ILE B 308 -19.74 10.60 39.16
CA ILE B 308 -19.15 9.30 39.34
C ILE B 308 -17.71 9.43 39.81
N SER B 309 -17.15 10.63 39.77
CA SER B 309 -15.86 10.87 40.41
C SER B 309 -16.10 10.89 41.90
N GLN B 310 -17.37 10.81 42.27
CA GLN B 310 -17.80 11.15 43.62
C GLN B 310 -18.70 10.10 44.27
N ASP B 311 -18.66 10.07 45.59
CA ASP B 311 -19.46 9.12 46.36
C ASP B 311 -20.96 9.32 46.21
N THR B 312 -21.40 10.43 45.61
CA THR B 312 -22.77 10.88 45.91
C THR B 312 -23.97 10.65 45.00
N GLY B 313 -24.04 11.25 43.84
CA GLY B 313 -23.56 10.68 42.63
C GLY B 313 -25.02 10.49 42.19
N LYS B 314 -25.57 11.56 41.60
CA LYS B 314 -26.94 11.60 41.10
C LYS B 314 -26.83 11.30 39.62
N TYR B 315 -26.09 10.23 39.33
CA TYR B 315 -25.77 9.87 37.97
C TYR B 315 -26.44 8.54 37.63
N CYS B 316 -26.82 8.37 36.37
CA CYS B 316 -27.32 7.07 35.88
C CYS B 316 -26.83 6.79 34.47
N PHE B 317 -26.83 5.51 34.10
CA PHE B 317 -26.26 5.07 32.83
C PHE B 317 -26.94 3.80 32.32
N GLY B 318 -26.96 3.62 31.00
CA GLY B 318 -27.62 2.48 30.39
C GLY B 318 -28.98 2.86 29.83
N VAL B 319 -29.76 1.86 29.43
CA VAL B 319 -31.16 2.10 29.12
C VAL B 319 -31.93 1.97 30.41
N GLU B 320 -31.80 0.81 31.03
CA GLU B 320 -32.64 0.47 32.14
C GLU B 320 -32.70 1.63 33.11
N ASP B 321 -31.57 1.96 33.70
CA ASP B 321 -31.58 2.93 34.78
C ASP B 321 -32.18 4.25 34.33
N THR B 322 -31.66 4.76 33.21
CA THR B 322 -32.10 6.04 32.65
C THR B 322 -33.61 6.11 32.46
N LEU B 323 -34.18 5.03 31.95
CA LEU B 323 -35.59 5.04 31.57
C LEU B 323 -36.53 5.24 32.76
N LYS B 324 -36.63 4.25 33.64
CA LYS B 324 -37.51 4.37 34.80
C LYS B 324 -37.14 5.59 35.64
N ALA B 325 -35.85 5.92 35.67
CA ALA B 325 -35.35 7.07 36.43
C ALA B 325 -35.84 8.38 35.81
N LEU B 326 -36.06 8.35 34.51
CA LEU B 326 -36.62 9.47 33.80
C LEU B 326 -38.12 9.43 33.97
N GLU B 327 -38.63 8.20 34.17
CA GLU B 327 -40.06 7.96 34.33
C GLU B 327 -40.63 8.49 35.63
N MET B 328 -39.79 8.57 36.66
CA MET B 328 -40.27 9.01 37.96
C MET B 328 -39.73 10.39 38.32
N GLY B 329 -39.48 10.63 39.60
CA GLY B 329 -38.83 11.86 40.02
C GLY B 329 -37.75 12.11 38.99
N ALA B 330 -37.88 13.22 38.26
CA ALA B 330 -37.10 13.45 37.06
C ALA B 330 -35.59 13.32 37.23
N VAL B 331 -34.91 13.05 36.12
CA VAL B 331 -33.50 13.34 36.03
C VAL B 331 -33.44 14.75 35.47
N GLU B 332 -32.57 15.58 36.01
CA GLU B 332 -32.51 16.97 35.56
C GLU B 332 -31.99 17.05 34.13
N ILE B 333 -30.91 16.32 33.87
CA ILE B 333 -30.29 16.32 32.55
C ILE B 333 -30.19 14.91 31.98
N LEU B 334 -30.73 14.73 30.78
CA LEU B 334 -30.70 13.44 30.10
C LEU B 334 -29.72 13.53 28.94
N ILE B 335 -28.67 12.71 28.98
CA ILE B 335 -27.63 12.77 27.96
C ILE B 335 -27.66 11.56 27.03
N VAL B 336 -28.00 11.81 25.77
CA VAL B 336 -27.92 10.74 24.79
C VAL B 336 -27.04 11.14 23.63
N TYR B 337 -26.44 10.14 23.01
CA TYR B 337 -25.51 10.36 21.94
C TYR B 337 -26.26 10.28 20.62
N GLU B 338 -26.00 11.24 19.73
CA GLU B 338 -26.80 11.43 18.51
C GLU B 338 -27.28 10.13 17.89
N ASN B 339 -26.36 9.24 17.52
CA ASN B 339 -26.74 7.95 16.97
C ASN B 339 -26.99 6.94 18.07
N LEU B 340 -27.79 5.93 17.80
CA LEU B 340 -28.12 5.01 18.88
C LEU B 340 -28.66 3.68 18.40
N ASP B 341 -27.97 2.60 18.77
CA ASP B 341 -28.45 1.26 18.43
C ASP B 341 -29.89 1.00 18.87
N ILE B 342 -30.30 1.65 19.96
CA ILE B 342 -31.54 1.29 20.65
C ILE B 342 -32.81 1.93 20.08
N MET B 343 -33.92 1.20 20.18
CA MET B 343 -35.19 1.54 19.54
C MET B 343 -36.40 1.38 20.47
N ARG B 344 -37.55 1.87 20.04
CA ARG B 344 -38.78 1.76 20.80
C ARG B 344 -39.93 1.32 19.90
N LEU B 358 -40.12 -3.44 24.75
CA LEU B 358 -38.69 -3.67 24.94
C LEU B 358 -37.84 -2.99 23.86
N TYR B 359 -36.60 -2.68 24.18
CA TYR B 359 -35.82 -1.76 23.37
C TYR B 359 -34.68 -2.41 22.61
N LEU B 360 -34.97 -2.86 21.39
CA LEU B 360 -34.01 -3.63 20.58
C LEU B 360 -33.11 -2.82 19.63
N THR B 361 -31.84 -3.20 19.57
CA THR B 361 -30.90 -2.66 18.60
C THR B 361 -30.99 -3.48 17.31
N PRO B 362 -29.91 -3.51 16.51
CA PRO B 362 -29.89 -4.41 15.36
C PRO B 362 -30.04 -5.86 15.81
N GLU B 363 -31.09 -6.14 16.56
CA GLU B 363 -31.37 -7.50 17.02
C GLU B 363 -32.80 -7.88 16.69
N GLN B 364 -32.97 -8.54 15.54
CA GLN B 364 -34.28 -8.87 15.03
C GLN B 364 -34.25 -10.24 14.35
N MET B 386 -39.24 3.17 16.51
CA MET B 386 -38.80 4.56 16.47
C MET B 386 -37.47 4.75 17.19
N PRO B 387 -36.51 5.40 16.52
CA PRO B 387 -35.21 5.71 17.13
C PRO B 387 -35.43 6.19 18.56
N LEU B 388 -34.84 5.51 19.53
CA LEU B 388 -35.09 5.85 20.93
C LEU B 388 -34.81 7.32 21.20
N LEU B 389 -33.70 7.81 20.68
CA LEU B 389 -33.39 9.21 20.85
C LEU B 389 -34.55 10.05 20.33
N GLU B 390 -35.08 9.69 19.16
CA GLU B 390 -36.19 10.46 18.60
C GLU B 390 -37.32 10.56 19.58
N TRP B 391 -37.56 9.50 20.33
CA TRP B 391 -38.62 9.52 21.31
C TRP B 391 -38.32 10.58 22.36
N PHE B 392 -37.09 10.57 22.87
CA PHE B 392 -36.67 11.56 23.87
C PHE B 392 -36.91 12.98 23.34
N ALA B 393 -36.57 13.21 22.08
CA ALA B 393 -36.73 14.52 21.47
C ALA B 393 -38.18 15.01 21.45
N ASN B 394 -39.11 14.10 21.13
CA ASN B 394 -40.52 14.49 20.98
C ASN B 394 -41.32 14.53 22.28
N ASN B 395 -40.64 14.35 23.41
CA ASN B 395 -41.27 14.47 24.72
C ASN B 395 -40.32 14.17 25.88
N TYR B 396 -39.15 14.78 25.85
CA TYR B 396 -38.25 14.67 26.99
C TYR B 396 -38.65 15.69 28.03
N LYS B 397 -39.21 16.80 27.56
CA LYS B 397 -39.60 17.92 28.41
C LYS B 397 -40.61 17.57 29.49
N LYS B 398 -41.52 16.65 29.18
CA LYS B 398 -42.55 16.24 30.11
C LYS B 398 -42.06 15.21 31.13
N PHE B 399 -40.79 14.81 30.99
CA PHE B 399 -40.19 13.79 31.86
C PHE B 399 -39.29 14.34 32.96
N GLY B 400 -39.05 15.64 32.94
CA GLY B 400 -38.19 16.26 33.94
C GLY B 400 -37.13 17.14 33.35
N ALA B 401 -37.55 18.02 32.44
CA ALA B 401 -36.69 19.06 31.83
C ALA B 401 -35.60 18.57 30.85
N THR B 402 -34.89 19.55 30.29
CA THR B 402 -34.08 19.38 29.07
C THR B 402 -33.20 18.14 28.91
N LEU B 403 -32.85 17.90 27.64
CA LEU B 403 -31.99 16.82 27.20
C LEU B 403 -30.82 17.38 26.35
N GLU B 404 -29.65 16.75 26.47
CA GLU B 404 -28.49 17.15 25.68
C GLU B 404 -27.97 16.01 24.80
N ILE B 405 -27.97 16.21 23.48
CA ILE B 405 -27.50 15.16 22.58
C ILE B 405 -26.05 15.40 22.20
N VAL B 406 -25.22 14.38 22.33
CA VAL B 406 -23.76 14.52 22.19
C VAL B 406 -23.10 13.49 21.28
N THR B 407 -22.06 13.93 20.58
CA THR B 407 -21.35 13.11 19.60
C THR B 407 -20.44 12.11 20.25
N ASP B 408 -19.70 11.39 19.41
CA ASP B 408 -18.58 10.56 19.83
C ASP B 408 -17.33 11.09 19.14
N LYS B 409 -17.03 12.36 19.37
CA LYS B 409 -16.04 13.06 18.56
C LYS B 409 -15.16 13.98 19.40
N SER B 410 -15.40 13.98 20.71
CA SER B 410 -14.55 14.67 21.68
C SER B 410 -14.04 13.63 22.65
N GLN B 411 -12.97 13.92 23.37
CA GLN B 411 -12.39 12.92 24.27
C GLN B 411 -13.37 12.43 25.35
N GLU B 412 -14.43 13.19 25.61
CA GLU B 412 -15.50 12.74 26.52
C GLU B 412 -16.61 12.09 25.70
N GLY B 413 -16.95 12.72 24.58
CA GLY B 413 -17.86 12.10 23.66
C GLY B 413 -17.39 10.68 23.44
N SER B 414 -16.16 10.56 22.93
CA SER B 414 -15.56 9.27 22.72
C SER B 414 -15.90 8.35 23.88
N GLN B 415 -15.69 8.81 25.11
CA GLN B 415 -15.83 7.90 26.25
C GLN B 415 -17.30 7.61 26.62
N PHE B 416 -18.15 8.61 26.55
CA PHE B 416 -19.57 8.45 26.89
C PHE B 416 -20.21 7.36 26.05
N VAL B 417 -19.89 7.37 24.78
CA VAL B 417 -20.42 6.38 23.85
C VAL B 417 -19.63 5.08 23.93
N LYS B 418 -18.32 5.21 24.05
CA LYS B 418 -17.42 4.06 24.11
C LYS B 418 -17.65 3.24 25.37
N GLY B 419 -17.96 3.92 26.48
CA GLY B 419 -17.92 3.27 27.78
C GLY B 419 -19.08 3.45 28.74
N PHE B 420 -20.18 4.03 28.28
CA PHE B 420 -21.36 4.13 29.14
C PHE B 420 -22.65 3.73 28.46
N GLY B 421 -22.69 3.84 27.14
CA GLY B 421 -23.83 3.37 26.36
C GLY B 421 -24.41 4.48 25.53
N GLY B 422 -23.86 5.67 25.73
CA GLY B 422 -24.28 6.84 24.97
C GLY B 422 -25.66 7.31 25.38
N ILE B 423 -26.09 6.84 26.56
CA ILE B 423 -27.38 7.22 27.08
C ILE B 423 -27.38 7.08 28.59
N GLY B 424 -27.66 8.18 29.27
CA GLY B 424 -27.68 8.21 30.72
C GLY B 424 -28.13 9.56 31.23
N GLY B 425 -27.92 9.79 32.52
CA GLY B 425 -28.41 11.01 33.12
C GLY B 425 -27.69 11.47 34.36
N ILE B 426 -27.67 12.78 34.53
CA ILE B 426 -27.28 13.41 35.78
C ILE B 426 -28.58 13.59 36.55
N LEU B 427 -28.87 12.60 37.39
CA LEU B 427 -30.10 12.56 38.18
C LEU B 427 -30.19 13.71 39.17
N ARG B 428 -31.34 13.83 39.84
CA ARG B 428 -31.55 14.94 40.77
C ARG B 428 -31.25 14.61 42.25
N TYR B 429 -31.35 13.35 42.66
CA TYR B 429 -31.30 13.06 44.11
C TYR B 429 -30.82 11.68 44.60
N ARG B 430 -31.14 11.40 45.87
CA ARG B 430 -30.86 10.16 46.62
C ARG B 430 -31.39 8.88 45.94
N VAL B 431 -31.21 8.75 44.63
CA VAL B 431 -31.79 7.62 43.89
C VAL B 431 -31.11 6.30 44.20
N ASP B 432 -31.88 5.37 44.74
CA ASP B 432 -31.35 4.15 45.33
C ASP B 432 -31.16 3.03 44.31
N PHE B 433 -29.93 2.82 43.88
CA PHE B 433 -29.65 1.75 42.93
C PHE B 433 -29.47 0.42 43.67
N GLN B 434 -30.56 -0.13 44.19
CA GLN B 434 -30.50 -1.46 44.80
C GLN B 434 -30.49 -2.54 43.71
N ALA C 21 -20.73 -68.53 -50.01
CA ALA C 21 -20.61 -67.07 -49.70
C ALA C 21 -20.01 -66.30 -50.88
N ALA C 22 -18.75 -65.88 -50.74
CA ALA C 22 -18.00 -65.27 -51.84
C ALA C 22 -16.81 -66.17 -52.10
N ASP C 23 -17.02 -67.44 -51.78
CA ASP C 23 -16.09 -68.53 -52.02
C ASP C 23 -15.53 -68.43 -53.44
N ARG C 24 -16.26 -67.71 -54.29
CA ARG C 24 -15.98 -67.64 -55.72
C ARG C 24 -14.73 -66.86 -56.08
N ASN C 25 -14.57 -65.67 -55.50
CA ASN C 25 -13.40 -64.83 -55.79
C ASN C 25 -12.11 -65.63 -55.71
N VAL C 26 -12.14 -66.69 -54.91
CA VAL C 26 -10.99 -67.57 -54.75
C VAL C 26 -10.66 -68.26 -56.07
N GLU C 27 -11.70 -68.69 -56.78
CA GLU C 27 -11.53 -69.36 -58.06
C GLU C 27 -10.87 -68.44 -59.07
N ILE C 28 -11.26 -67.17 -59.03
CA ILE C 28 -10.79 -66.21 -60.01
C ILE C 28 -9.28 -66.08 -59.97
N TRP C 29 -8.75 -65.96 -58.77
CA TRP C 29 -7.31 -65.94 -58.59
C TRP C 29 -6.67 -67.12 -59.33
N LYS C 30 -7.13 -68.33 -59.02
CA LYS C 30 -6.55 -69.55 -59.60
C LYS C 30 -6.47 -69.50 -61.12
N ILE C 31 -7.34 -68.70 -61.72
CA ILE C 31 -7.30 -68.48 -63.17
C ILE C 31 -6.24 -67.42 -63.52
N LYS C 32 -6.28 -66.27 -62.85
CA LYS C 32 -5.34 -65.21 -63.13
C LYS C 32 -3.90 -65.74 -63.16
N LYS C 33 -3.50 -66.47 -62.10
CA LYS C 33 -2.12 -66.98 -61.99
C LYS C 33 -1.86 -68.01 -63.10
N LEU C 34 -2.89 -68.75 -63.45
CA LEU C 34 -2.82 -69.66 -64.57
C LEU C 34 -2.39 -68.88 -65.82
N ILE C 35 -2.97 -67.70 -66.00
CA ILE C 35 -2.67 -66.88 -67.17
C ILE C 35 -1.26 -66.26 -67.17
N LYS C 36 -0.77 -65.84 -66.00
CA LYS C 36 0.56 -65.19 -65.89
C LYS C 36 1.68 -66.12 -66.32
N SER C 37 1.53 -67.40 -65.96
CA SER C 37 2.53 -68.39 -66.25
C SER C 37 2.43 -68.86 -67.69
N LEU C 38 1.21 -69.10 -68.14
CA LEU C 38 0.98 -69.59 -69.50
C LEU C 38 1.48 -68.60 -70.56
N GLU C 39 1.36 -67.31 -70.25
CA GLU C 39 1.86 -66.27 -71.16
C GLU C 39 3.37 -66.17 -71.11
N ALA C 40 3.95 -66.52 -69.97
CA ALA C 40 5.40 -66.46 -69.79
C ALA C 40 6.06 -67.67 -70.44
N SER C 47 3.52 -75.39 -81.75
CA SER C 47 3.84 -76.47 -80.83
C SER C 47 3.17 -76.28 -79.46
N MET C 48 1.95 -75.74 -79.44
CA MET C 48 1.23 -75.41 -78.19
C MET C 48 -0.28 -75.67 -78.28
N ILE C 49 -0.74 -76.84 -77.84
CA ILE C 49 -2.15 -77.22 -78.04
C ILE C 49 -3.13 -76.57 -77.05
N SER C 50 -3.97 -75.69 -77.59
CA SER C 50 -5.00 -75.04 -76.82
C SER C 50 -6.37 -75.62 -77.20
N LEU C 51 -7.11 -76.10 -76.21
CA LEU C 51 -8.42 -76.71 -76.47
C LEU C 51 -9.52 -76.23 -75.50
N ILE C 52 -10.64 -75.79 -76.07
CA ILE C 52 -11.84 -75.41 -75.29
C ILE C 52 -13.10 -75.97 -75.92
N ILE C 53 -13.92 -76.61 -75.10
CA ILE C 53 -15.12 -77.26 -75.61
C ILE C 53 -16.38 -76.81 -74.85
N PRO C 54 -17.31 -76.20 -75.58
CA PRO C 54 -18.55 -75.63 -75.03
C PRO C 54 -19.44 -76.70 -74.43
N PRO C 55 -20.37 -76.30 -73.53
CA PRO C 55 -21.26 -77.25 -72.86
C PRO C 55 -22.19 -78.01 -73.82
N SER C 60 -16.54 -87.74 -77.45
CA SER C 60 -16.33 -88.54 -78.65
C SER C 60 -16.39 -87.68 -79.91
N ARG C 61 -16.74 -86.40 -79.73
CA ARG C 61 -16.73 -85.44 -80.83
C ARG C 61 -15.30 -84.96 -81.04
N VAL C 62 -14.57 -84.87 -79.94
CA VAL C 62 -13.20 -84.42 -79.97
C VAL C 62 -12.23 -85.59 -79.90
N ALA C 63 -12.73 -86.75 -79.49
CA ALA C 63 -11.91 -87.95 -79.46
C ALA C 63 -11.68 -88.45 -80.88
N LYS C 64 -12.46 -87.94 -81.82
CA LYS C 64 -12.33 -88.29 -83.24
C LYS C 64 -11.72 -87.14 -84.04
N MET C 65 -12.01 -85.91 -83.62
CA MET C 65 -11.43 -84.71 -84.22
C MET C 65 -9.90 -84.69 -84.08
N LEU C 66 -9.43 -85.05 -82.89
CA LEU C 66 -8.00 -85.04 -82.60
C LEU C 66 -7.20 -86.13 -83.30
N ALA C 67 -7.89 -87.15 -83.78
CA ALA C 67 -7.24 -88.21 -84.54
C ALA C 67 -6.87 -87.73 -85.94
N ASP C 68 -7.68 -86.81 -86.48
CA ASP C 68 -7.44 -86.23 -87.79
C ASP C 68 -6.33 -85.20 -87.73
N GLU C 69 -6.13 -84.63 -86.55
CA GLU C 69 -5.03 -83.72 -86.30
C GLU C 69 -3.73 -84.53 -86.30
N PHE C 70 -3.81 -85.74 -85.76
CA PHE C 70 -2.66 -86.61 -85.64
C PHE C 70 -2.09 -87.00 -87.01
N GLY C 71 -2.97 -87.12 -87.98
CA GLY C 71 -2.59 -87.60 -89.30
C GLY C 71 -2.22 -86.53 -90.30
N THR C 72 -1.56 -85.47 -89.83
CA THR C 72 -1.05 -84.43 -90.73
C THR C 72 0.29 -83.88 -90.24
N ARG C 79 10.98 -84.66 -87.94
CA ARG C 79 11.76 -85.00 -86.75
C ARG C 79 11.84 -83.81 -85.80
N VAL C 80 12.56 -82.78 -86.21
CA VAL C 80 12.70 -81.56 -85.41
C VAL C 80 11.34 -81.06 -84.96
N ASN C 81 10.36 -81.22 -85.82
CA ASN C 81 9.03 -80.73 -85.51
C ASN C 81 7.95 -81.81 -85.58
N ARG C 82 8.32 -83.02 -86.01
CA ARG C 82 7.36 -84.10 -86.05
C ARG C 82 7.23 -84.74 -84.67
N LEU C 83 8.36 -84.86 -83.97
CA LEU C 83 8.35 -85.26 -82.55
C LEU C 83 7.69 -84.15 -81.76
N SER C 84 8.35 -82.99 -81.76
CA SER C 84 7.84 -81.81 -81.08
C SER C 84 6.31 -81.80 -81.05
N VAL C 85 5.68 -81.87 -82.22
CA VAL C 85 4.22 -81.76 -82.33
C VAL C 85 3.45 -83.02 -81.92
N LEU C 86 3.71 -84.14 -82.58
CA LEU C 86 2.98 -85.38 -82.32
C LEU C 86 3.06 -85.80 -80.86
N GLY C 87 3.86 -85.06 -80.09
CA GLY C 87 4.01 -85.30 -78.67
C GLY C 87 2.76 -85.06 -77.84
N ALA C 88 2.52 -83.81 -77.47
CA ALA C 88 1.40 -83.46 -76.57
C ALA C 88 0.05 -83.92 -77.11
N ILE C 89 0.04 -84.40 -78.34
CA ILE C 89 -1.16 -84.95 -78.94
C ILE C 89 -1.52 -86.32 -78.30
N THR C 90 -0.52 -87.11 -77.93
CA THR C 90 -0.78 -88.39 -77.26
C THR C 90 -1.00 -88.16 -75.77
N SER C 91 -0.62 -86.96 -75.31
CA SER C 91 -0.82 -86.55 -73.92
C SER C 91 -2.25 -86.09 -73.67
N VAL C 92 -2.94 -85.70 -74.74
CA VAL C 92 -4.31 -85.22 -74.63
C VAL C 92 -5.30 -86.34 -74.36
N GLN C 93 -5.07 -87.52 -74.94
CA GLN C 93 -6.00 -88.64 -74.78
C GLN C 93 -5.63 -89.59 -73.65
N GLN C 94 -4.55 -89.27 -72.93
CA GLN C 94 -4.25 -89.93 -71.67
C GLN C 94 -5.15 -89.34 -70.59
N ARG C 95 -5.21 -88.01 -70.54
CA ARG C 95 -6.08 -87.29 -69.61
C ARG C 95 -7.53 -87.27 -70.11
N LEU C 96 -7.70 -87.04 -71.41
CA LEU C 96 -9.02 -86.86 -72.01
C LEU C 96 -9.93 -88.06 -71.78
N LYS C 97 -9.34 -89.25 -71.84
CA LYS C 97 -10.11 -90.47 -71.69
C LYS C 97 -10.48 -90.77 -70.22
N LEU C 98 -10.15 -89.84 -69.33
CA LEU C 98 -10.70 -89.86 -67.97
C LEU C 98 -12.11 -89.28 -68.01
N LEU C 107 -15.03 -77.50 -70.93
CA LEU C 107 -13.81 -78.17 -70.50
C LEU C 107 -12.56 -77.58 -71.16
N VAL C 108 -11.54 -77.32 -70.34
CA VAL C 108 -10.36 -76.56 -70.77
C VAL C 108 -9.08 -77.37 -70.70
N VAL C 109 -8.23 -77.25 -71.73
CA VAL C 109 -6.97 -78.00 -71.80
C VAL C 109 -5.81 -77.22 -72.44
N TYR C 110 -4.60 -77.40 -71.88
CA TYR C 110 -3.37 -76.80 -72.40
C TYR C 110 -2.20 -77.78 -72.32
N CYS C 111 -1.62 -78.16 -73.46
CA CYS C 111 -0.44 -79.04 -73.48
C CYS C 111 0.51 -78.79 -74.65
N ILE C 126 -2.40 -79.37 -68.11
CA ILE C 126 -3.59 -78.75 -67.52
C ILE C 126 -4.86 -79.21 -68.23
N ASP C 127 -5.87 -79.52 -67.43
CA ASP C 127 -7.17 -79.95 -67.94
C ASP C 127 -8.20 -79.80 -66.83
N PHE C 128 -9.16 -78.91 -67.02
CA PHE C 128 -10.13 -78.64 -65.95
C PHE C 128 -11.51 -78.17 -66.41
N GLU C 129 -12.37 -77.88 -65.44
CA GLU C 129 -13.65 -77.23 -65.70
C GLU C 129 -13.75 -75.93 -64.90
N PRO C 130 -14.12 -74.83 -65.58
CA PRO C 130 -14.28 -73.52 -64.95
C PRO C 130 -15.72 -73.23 -64.51
N PHE C 131 -16.31 -72.16 -65.05
CA PHE C 131 -17.73 -71.87 -64.85
C PHE C 131 -18.36 -71.12 -66.04
N LYS C 132 -18.78 -71.88 -67.06
CA LYS C 132 -19.54 -71.40 -68.23
C LYS C 132 -18.90 -70.31 -69.12
N PRO C 133 -18.04 -70.71 -70.05
CA PRO C 133 -17.66 -69.80 -71.12
C PRO C 133 -18.67 -69.93 -72.27
N ILE C 134 -19.76 -69.18 -72.18
CA ILE C 134 -20.87 -69.27 -73.15
C ILE C 134 -20.41 -69.10 -74.60
N ASN C 135 -20.53 -70.17 -75.37
CA ASN C 135 -20.21 -70.18 -76.82
C ASN C 135 -18.77 -69.78 -77.20
N THR C 136 -17.80 -70.12 -76.35
CA THR C 136 -16.38 -69.95 -76.68
C THR C 136 -15.69 -71.30 -76.78
N SER C 137 -15.17 -71.61 -77.97
CA SER C 137 -14.44 -72.84 -78.23
C SER C 137 -13.20 -72.53 -79.06
N LEU C 138 -12.13 -73.31 -78.89
CA LEU C 138 -10.88 -73.03 -79.58
C LEU C 138 -9.97 -74.24 -79.75
N TYR C 139 -9.51 -74.44 -80.98
CA TYR C 139 -8.42 -75.37 -81.26
C TYR C 139 -7.32 -74.66 -82.04
N LEU C 140 -6.23 -74.33 -81.36
CA LEU C 140 -5.10 -73.68 -81.98
C LEU C 140 -3.79 -74.22 -81.40
N CYS C 141 -2.72 -74.13 -82.18
CA CYS C 141 -1.46 -74.70 -81.78
C CYS C 141 -0.34 -73.66 -81.65
N PHE C 145 0.38 -70.75 -75.88
CA PHE C 145 -1.01 -71.04 -75.54
C PHE C 145 -1.91 -69.82 -75.70
N HIS C 146 -3.21 -70.04 -75.86
CA HIS C 146 -4.16 -68.94 -75.93
C HIS C 146 -4.97 -68.83 -74.64
N THR C 147 -4.74 -67.75 -73.89
CA THR C 147 -5.48 -67.56 -72.66
C THR C 147 -6.63 -66.59 -72.91
N GLU C 148 -6.56 -65.88 -74.04
CA GLU C 148 -7.56 -64.86 -74.35
C GLU C 148 -8.97 -65.42 -74.27
N ALA C 149 -9.10 -66.74 -74.38
CA ALA C 149 -10.39 -67.38 -74.29
C ALA C 149 -10.87 -67.39 -72.82
N LEU C 150 -9.92 -67.57 -71.92
CA LEU C 150 -10.20 -67.70 -70.49
C LEU C 150 -10.65 -66.38 -69.85
N THR C 151 -10.10 -65.28 -70.34
CA THR C 151 -10.25 -63.99 -69.67
C THR C 151 -11.70 -63.54 -69.61
N ALA C 152 -12.60 -64.37 -70.13
CA ALA C 152 -14.04 -64.10 -70.05
C ALA C 152 -14.56 -64.43 -68.66
N LEU C 153 -13.86 -65.32 -67.97
CA LEU C 153 -14.21 -65.72 -66.61
C LEU C 153 -13.89 -64.62 -65.62
N LEU C 154 -12.82 -63.88 -65.90
CA LEU C 154 -12.32 -62.87 -64.98
C LEU C 154 -13.33 -61.77 -64.66
N SER C 155 -13.99 -61.24 -65.69
CA SER C 155 -15.07 -60.28 -65.45
C SER C 155 -16.05 -60.94 -64.49
N ASP C 156 -16.25 -60.35 -63.31
CA ASP C 156 -17.15 -60.98 -62.35
C ASP C 156 -18.45 -60.24 -62.12
N ASP C 157 -19.54 -60.97 -62.26
CA ASP C 157 -20.88 -60.48 -61.98
C ASP C 157 -21.17 -60.55 -60.48
N SER C 158 -21.33 -59.40 -59.86
CA SER C 158 -21.79 -59.32 -58.49
C SER C 158 -23.06 -58.48 -58.47
N LYS C 159 -24.00 -58.85 -57.62
CA LYS C 159 -25.26 -58.13 -57.56
C LYS C 159 -25.16 -56.98 -56.53
N PHE C 160 -25.50 -55.78 -56.95
CA PHE C 160 -25.36 -54.61 -56.10
C PHE C 160 -26.67 -54.05 -55.63
N GLY C 161 -26.60 -52.96 -54.90
CA GLY C 161 -27.81 -52.34 -54.38
C GLY C 161 -27.88 -50.86 -54.67
N PHE C 162 -29.05 -50.41 -55.10
CA PHE C 162 -29.29 -48.98 -55.31
C PHE C 162 -30.62 -48.56 -54.72
N ILE C 163 -30.57 -47.49 -53.93
CA ILE C 163 -31.79 -46.95 -53.39
C ILE C 163 -31.82 -45.45 -53.65
N VAL C 164 -32.90 -44.97 -54.25
CA VAL C 164 -32.97 -43.57 -54.68
C VAL C 164 -34.09 -42.76 -53.98
N ILE C 165 -33.68 -41.88 -53.07
CA ILE C 165 -34.64 -41.09 -52.30
C ILE C 165 -34.83 -39.70 -52.89
N ASP C 166 -36.02 -39.44 -53.40
CA ASP C 166 -36.31 -38.16 -54.02
C ASP C 166 -37.26 -37.33 -53.17
N GLY C 167 -37.82 -36.30 -53.77
CA GLY C 167 -38.75 -35.38 -53.09
C GLY C 167 -40.11 -35.99 -52.76
N SER C 168 -40.37 -37.17 -53.33
CA SER C 168 -41.51 -38.01 -52.96
C SER C 168 -41.40 -39.40 -53.59
N GLY C 169 -40.27 -39.64 -54.23
CA GLY C 169 -40.01 -40.93 -54.85
C GLY C 169 -38.99 -41.72 -54.07
N ALA C 170 -39.14 -43.04 -54.12
CA ALA C 170 -38.16 -43.96 -53.57
C ALA C 170 -38.16 -45.17 -54.47
N LEU C 171 -36.99 -45.52 -54.99
CA LEU C 171 -36.86 -46.65 -55.90
C LEU C 171 -35.74 -47.57 -55.44
N PHE C 172 -36.04 -48.86 -55.35
CA PHE C 172 -35.04 -49.86 -54.99
C PHE C 172 -34.56 -50.59 -56.25
N GLY C 173 -33.24 -50.63 -56.43
CA GLY C 173 -32.65 -51.20 -57.65
C GLY C 173 -31.40 -52.05 -57.45
N THR C 174 -31.16 -52.96 -58.39
CA THR C 174 -30.01 -53.86 -58.35
C THR C 174 -29.31 -53.92 -59.69
N LEU C 175 -28.17 -53.25 -59.80
CA LEU C 175 -27.33 -53.37 -60.97
C LEU C 175 -26.59 -54.68 -60.80
N GLN C 176 -26.38 -55.42 -61.89
CA GLN C 176 -25.49 -56.59 -61.85
C GLN C 176 -24.47 -56.54 -62.97
N GLY C 177 -23.52 -55.63 -62.83
CA GLY C 177 -22.56 -55.34 -63.88
C GLY C 177 -23.24 -54.67 -65.05
N ASN C 178 -23.94 -55.46 -65.87
CA ASN C 178 -24.53 -55.00 -67.11
C ASN C 178 -26.05 -55.00 -67.08
N THR C 179 -26.62 -55.74 -66.14
CA THR C 179 -28.05 -55.85 -66.03
C THR C 179 -28.55 -54.95 -64.91
N ARG C 180 -29.34 -53.94 -65.25
CA ARG C 180 -29.99 -53.12 -64.24
C ARG C 180 -31.35 -53.72 -63.92
N GLU C 181 -32.00 -53.23 -62.86
CA GLU C 181 -33.34 -53.69 -62.49
C GLU C 181 -33.96 -53.00 -61.29
N VAL C 182 -35.28 -52.87 -61.33
CA VAL C 182 -36.04 -52.26 -60.26
C VAL C 182 -36.82 -53.35 -59.54
N LEU C 183 -36.25 -53.89 -58.48
CA LEU C 183 -36.93 -54.92 -57.70
C LEU C 183 -38.21 -54.37 -57.09
N HIS C 184 -38.17 -53.13 -56.59
CA HIS C 184 -39.39 -52.42 -56.19
C HIS C 184 -39.26 -50.90 -56.04
N LYS C 185 -40.39 -50.19 -56.17
CA LYS C 185 -40.44 -48.74 -56.08
C LYS C 185 -41.80 -48.27 -55.55
N PHE C 186 -41.81 -47.16 -54.83
CA PHE C 186 -43.07 -46.56 -54.39
C PHE C 186 -43.01 -45.03 -54.35
N THR C 187 -44.12 -44.41 -53.98
CA THR C 187 -44.22 -42.95 -54.02
C THR C 187 -44.99 -42.37 -52.84
N MET C 209 -41.50 -32.94 -40.10
CA MET C 209 -40.86 -34.21 -39.77
C MET C 209 -41.87 -35.30 -39.42
N GLU C 210 -43.11 -34.92 -39.10
CA GLU C 210 -44.11 -35.89 -38.63
C GLU C 210 -44.43 -36.96 -39.67
N LYS C 211 -44.62 -36.55 -40.92
CA LYS C 211 -44.75 -37.51 -42.00
C LYS C 211 -43.49 -37.55 -42.88
N ARG C 212 -42.45 -36.82 -42.46
CA ARG C 212 -41.15 -36.85 -43.14
C ARG C 212 -40.29 -37.98 -42.59
N HIS C 213 -40.31 -38.12 -41.27
CA HIS C 213 -39.68 -39.24 -40.57
C HIS C 213 -40.45 -40.54 -40.84
N ASN C 214 -41.77 -40.44 -40.97
CA ASN C 214 -42.62 -41.58 -41.32
C ASN C 214 -42.27 -42.17 -42.69
N TYR C 215 -41.47 -41.45 -43.46
CA TYR C 215 -41.10 -41.89 -44.81
C TYR C 215 -39.79 -42.68 -44.84
N VAL C 216 -38.77 -42.18 -44.15
CA VAL C 216 -37.50 -42.89 -44.06
C VAL C 216 -37.73 -44.30 -43.49
N ARG C 217 -38.74 -44.41 -42.63
CA ARG C 217 -39.13 -45.66 -41.96
C ARG C 217 -39.45 -46.78 -42.94
N LYS C 218 -40.25 -46.49 -43.97
CA LYS C 218 -40.55 -47.51 -44.97
C LYS C 218 -39.36 -47.71 -45.90
N VAL C 219 -38.52 -46.69 -46.01
CA VAL C 219 -37.40 -46.79 -46.90
C VAL C 219 -36.39 -47.79 -46.36
N ALA C 220 -36.04 -47.64 -45.09
CA ALA C 220 -35.19 -48.62 -44.43
C ALA C 220 -35.91 -49.96 -44.34
N GLU C 221 -37.23 -49.89 -44.21
CA GLU C 221 -38.11 -51.06 -44.11
C GLU C 221 -37.99 -51.90 -45.38
N THR C 222 -38.36 -51.31 -46.52
CA THR C 222 -38.38 -52.02 -47.80
C THR C 222 -36.96 -52.27 -48.31
N ALA C 223 -35.98 -51.78 -47.58
CA ALA C 223 -34.58 -52.00 -47.88
C ALA C 223 -34.13 -53.31 -47.25
N VAL C 224 -34.54 -53.50 -46.00
CA VAL C 224 -34.32 -54.74 -45.28
C VAL C 224 -35.10 -55.89 -45.93
N GLN C 225 -36.19 -55.55 -46.60
CA GLN C 225 -37.03 -56.52 -47.31
C GLN C 225 -36.42 -56.93 -48.65
N LEU C 226 -35.71 -56.01 -49.29
CA LEU C 226 -35.27 -56.22 -50.68
C LEU C 226 -33.77 -56.45 -50.86
N PHE C 227 -33.02 -56.45 -49.77
CA PHE C 227 -31.56 -56.65 -49.88
C PHE C 227 -31.04 -57.71 -48.94
N ILE C 228 -31.41 -57.61 -47.67
CA ILE C 228 -31.06 -58.65 -46.71
C ILE C 228 -32.21 -59.63 -46.56
N SER C 229 -32.01 -60.84 -47.09
CA SER C 229 -33.06 -61.86 -47.14
C SER C 229 -32.52 -63.23 -46.76
N GLY C 230 -32.56 -63.54 -45.48
CA GLY C 230 -32.02 -64.80 -44.99
C GLY C 230 -30.79 -64.60 -44.12
N ASP C 231 -30.98 -63.92 -42.99
CA ASP C 231 -29.93 -63.77 -41.97
C ASP C 231 -28.77 -62.88 -42.43
N LYS C 232 -28.72 -62.59 -43.73
CA LYS C 232 -27.59 -61.86 -44.35
C LYS C 232 -28.02 -61.17 -45.66
N VAL C 233 -27.13 -60.39 -46.27
CA VAL C 233 -27.40 -59.70 -47.54
C VAL C 233 -27.14 -60.57 -48.78
N ASN C 234 -28.03 -60.47 -49.76
CA ASN C 234 -27.85 -61.17 -51.03
C ASN C 234 -27.38 -60.20 -52.12
N VAL C 235 -27.21 -58.94 -51.74
CA VAL C 235 -26.54 -57.97 -52.60
C VAL C 235 -25.07 -57.96 -52.26
N ALA C 236 -24.44 -56.81 -52.44
CA ALA C 236 -23.02 -56.71 -52.15
C ALA C 236 -22.54 -55.26 -52.24
N GLY C 237 -23.45 -54.34 -52.51
CA GLY C 237 -23.03 -52.98 -52.74
C GLY C 237 -23.72 -51.95 -51.88
N LEU C 238 -24.94 -51.60 -52.25
CA LEU C 238 -25.67 -50.54 -51.57
C LEU C 238 -25.04 -49.15 -51.75
N VAL C 239 -25.38 -48.53 -52.87
CA VAL C 239 -25.08 -47.13 -53.14
C VAL C 239 -26.35 -46.33 -52.87
N LEU C 240 -26.21 -45.18 -52.20
CA LEU C 240 -27.36 -44.34 -51.91
C LEU C 240 -27.31 -43.06 -52.76
N ALA C 241 -28.44 -42.71 -53.37
CA ALA C 241 -28.53 -41.48 -54.16
C ALA C 241 -29.82 -40.74 -53.85
N GLY C 242 -29.75 -39.42 -53.71
CA GLY C 242 -30.95 -38.66 -53.39
C GLY C 242 -30.79 -37.15 -53.42
N SER C 243 -31.91 -36.46 -53.57
CA SER C 243 -31.95 -35.01 -53.49
C SER C 243 -31.36 -34.56 -52.16
N ALA C 244 -31.36 -33.25 -51.92
CA ALA C 244 -30.81 -32.72 -50.68
C ALA C 244 -31.15 -33.53 -49.42
N ASP C 245 -30.12 -34.07 -48.76
CA ASP C 245 -30.24 -34.54 -47.37
C ASP C 245 -30.94 -35.89 -47.19
N PHE C 246 -31.40 -36.48 -48.29
CA PHE C 246 -32.20 -37.70 -48.17
C PHE C 246 -31.41 -38.98 -47.90
N LYS C 247 -30.08 -38.89 -47.93
CA LYS C 247 -29.26 -40.04 -47.59
C LYS C 247 -28.55 -39.84 -46.23
N THR C 248 -28.10 -38.61 -45.97
CA THR C 248 -27.62 -38.29 -44.63
C THR C 248 -28.80 -38.43 -43.69
N GLU C 249 -30.01 -38.52 -44.26
CA GLU C 249 -31.24 -38.68 -43.49
C GLU C 249 -31.68 -40.16 -43.35
N LEU C 250 -31.30 -41.01 -44.33
CA LEU C 250 -31.51 -42.47 -44.24
C LEU C 250 -30.26 -43.18 -43.74
N SER C 251 -29.14 -42.84 -44.36
CA SER C 251 -27.83 -43.33 -43.94
C SER C 251 -27.65 -43.23 -42.42
N GLN C 252 -27.98 -42.07 -41.86
CA GLN C 252 -27.85 -41.79 -40.43
C GLN C 252 -29.19 -41.90 -39.67
N SER C 253 -29.68 -43.11 -39.43
CA SER C 253 -30.92 -43.27 -38.65
C SER C 253 -30.96 -44.55 -37.80
N ASP C 254 -31.38 -44.41 -36.55
CA ASP C 254 -31.54 -45.54 -35.62
C ASP C 254 -32.54 -46.59 -36.12
N MET C 255 -33.05 -46.39 -37.33
CA MET C 255 -34.01 -47.31 -37.91
C MET C 255 -33.47 -47.88 -39.23
N PHE C 256 -32.39 -47.28 -39.72
CA PHE C 256 -31.66 -47.85 -40.86
C PHE C 256 -30.22 -48.19 -40.50
N ASP C 257 -30.02 -49.38 -39.92
CA ASP C 257 -28.66 -49.86 -39.71
C ASP C 257 -28.44 -51.26 -40.28
N GLN C 258 -27.90 -52.16 -39.46
CA GLN C 258 -27.57 -53.51 -39.89
C GLN C 258 -26.45 -53.50 -40.92
N ARG C 259 -26.24 -54.64 -41.57
CA ARG C 259 -25.17 -54.78 -42.56
C ARG C 259 -25.27 -53.69 -43.62
N LEU C 260 -26.51 -53.33 -43.95
CA LEU C 260 -26.80 -52.37 -45.00
C LEU C 260 -26.03 -51.07 -44.77
N GLN C 261 -26.07 -50.57 -43.55
CA GLN C 261 -25.45 -49.29 -43.26
C GLN C 261 -23.95 -49.35 -43.50
N SER C 262 -23.40 -50.55 -43.32
CA SER C 262 -21.96 -50.78 -43.46
C SER C 262 -21.59 -51.49 -44.75
N LYS C 263 -22.52 -51.57 -45.68
CA LYS C 263 -22.19 -52.08 -47.00
C LYS C 263 -22.25 -50.95 -48.01
N VAL C 264 -22.42 -49.71 -47.55
CA VAL C 264 -22.59 -48.59 -48.47
C VAL C 264 -21.25 -48.18 -49.06
N LEU C 265 -21.18 -48.19 -50.39
CA LEU C 265 -19.90 -47.99 -51.06
C LEU C 265 -19.65 -46.54 -51.44
N LYS C 266 -20.69 -45.86 -51.92
CA LYS C 266 -20.60 -44.45 -52.24
C LYS C 266 -21.95 -43.78 -52.04
N LEU C 267 -21.92 -42.46 -51.88
CA LEU C 267 -23.14 -41.66 -51.89
C LEU C 267 -23.22 -40.87 -53.19
N VAL C 268 -24.41 -40.39 -53.53
CA VAL C 268 -24.60 -39.66 -54.79
C VAL C 268 -25.61 -38.55 -54.64
N ASP C 269 -25.19 -37.30 -54.84
CA ASP C 269 -26.15 -36.22 -54.85
C ASP C 269 -26.75 -36.18 -56.24
N ILE C 270 -28.06 -36.40 -56.32
CA ILE C 270 -28.74 -36.27 -57.60
C ILE C 270 -29.87 -35.27 -57.54
N SER C 271 -30.06 -34.59 -58.67
CA SER C 271 -31.14 -33.60 -58.83
C SER C 271 -32.40 -34.31 -59.27
N TYR C 272 -32.25 -35.55 -59.71
CA TYR C 272 -33.34 -36.26 -60.35
C TYR C 272 -34.23 -37.04 -59.38
N GLY C 273 -34.24 -38.36 -59.56
CA GLY C 273 -35.12 -39.22 -58.78
C GLY C 273 -35.78 -40.23 -59.68
N GLY C 274 -36.19 -41.35 -59.09
CA GLY C 274 -36.73 -42.44 -59.87
C GLY C 274 -35.73 -42.95 -60.88
N GLU C 275 -36.22 -43.68 -61.88
CA GLU C 275 -35.35 -44.34 -62.87
C GLU C 275 -34.45 -43.33 -63.55
N ASN C 276 -34.81 -42.07 -63.45
CA ASN C 276 -34.03 -40.98 -64.02
C ASN C 276 -32.73 -40.79 -63.25
N GLY C 277 -32.84 -40.67 -61.94
CA GLY C 277 -31.67 -40.49 -61.10
C GLY C 277 -31.14 -41.81 -60.61
N PHE C 278 -31.78 -42.90 -61.04
CA PHE C 278 -31.22 -44.21 -60.80
C PHE C 278 -30.26 -44.45 -61.93
N ASN C 279 -30.51 -43.80 -63.06
CA ASN C 279 -29.57 -43.86 -64.17
C ASN C 279 -28.39 -42.94 -63.93
N GLN C 280 -28.63 -41.87 -63.19
CA GLN C 280 -27.58 -40.94 -62.87
C GLN C 280 -26.70 -41.53 -61.78
N ALA C 281 -27.30 -42.32 -60.91
CA ALA C 281 -26.56 -43.00 -59.86
C ALA C 281 -25.60 -43.97 -60.51
N ILE C 282 -26.15 -44.86 -61.33
CA ILE C 282 -25.35 -45.92 -61.91
C ILE C 282 -24.17 -45.37 -62.72
N GLU C 283 -24.22 -44.09 -63.06
CA GLU C 283 -23.14 -43.50 -63.86
C GLU C 283 -21.89 -43.16 -63.04
N LEU C 284 -22.04 -42.33 -62.02
CA LEU C 284 -20.91 -41.99 -61.13
C LEU C 284 -20.45 -43.23 -60.36
N SER C 285 -21.21 -44.30 -60.52
CA SER C 285 -20.99 -45.52 -59.77
C SER C 285 -19.73 -46.28 -60.16
N THR C 286 -19.69 -46.78 -61.40
CA THR C 286 -18.58 -47.65 -61.83
C THR C 286 -17.30 -47.32 -61.08
N GLU C 287 -17.05 -46.02 -60.89
CA GLU C 287 -15.90 -45.53 -60.13
C GLU C 287 -15.76 -46.31 -58.81
N VAL C 288 -16.56 -45.96 -57.80
CA VAL C 288 -16.40 -46.56 -56.48
C VAL C 288 -17.05 -47.95 -56.42
N LEU C 289 -17.42 -48.46 -57.58
CA LEU C 289 -18.21 -49.68 -57.68
C LEU C 289 -17.36 -50.87 -58.11
N SER C 290 -16.34 -50.61 -58.92
CA SER C 290 -15.50 -51.68 -59.42
C SER C 290 -14.24 -51.79 -58.60
N ASN C 291 -14.14 -50.92 -57.59
CA ASN C 291 -12.98 -50.92 -56.72
C ASN C 291 -13.32 -51.63 -55.41
N VAL C 292 -14.15 -52.66 -55.51
CA VAL C 292 -14.68 -53.32 -54.33
C VAL C 292 -13.73 -54.34 -53.73
N LYS C 293 -13.21 -55.24 -54.55
CA LYS C 293 -12.15 -56.15 -54.11
C LYS C 293 -11.17 -55.35 -53.25
N PHE C 294 -10.93 -54.12 -53.69
CA PHE C 294 -9.99 -53.21 -53.05
C PHE C 294 -10.56 -52.67 -51.74
N ILE C 295 -11.82 -52.22 -51.79
CA ILE C 295 -12.52 -51.67 -50.63
C ILE C 295 -12.78 -52.72 -49.56
N GLN C 296 -13.16 -53.91 -50.00
CA GLN C 296 -13.51 -54.99 -49.10
C GLN C 296 -12.27 -55.67 -48.57
N GLU C 297 -11.15 -55.45 -49.23
CA GLU C 297 -9.90 -56.00 -48.78
C GLU C 297 -9.46 -55.24 -47.53
N LYS C 298 -9.46 -53.91 -47.62
CA LYS C 298 -9.06 -53.06 -46.49
C LYS C 298 -9.97 -53.32 -45.29
N LYS C 299 -11.26 -53.46 -45.57
CA LYS C 299 -12.26 -53.71 -44.53
C LYS C 299 -11.99 -55.00 -43.77
N LEU C 300 -11.56 -56.04 -44.48
CA LEU C 300 -11.30 -57.35 -43.88
C LEU C 300 -10.02 -57.36 -43.08
N ILE C 301 -8.97 -56.78 -43.68
CA ILE C 301 -7.70 -56.68 -42.98
C ILE C 301 -7.88 -55.83 -41.72
N GLY C 302 -8.52 -54.68 -41.88
CA GLY C 302 -8.89 -53.87 -40.73
C GLY C 302 -9.58 -54.68 -39.67
N ARG C 303 -10.56 -55.49 -40.07
CA ARG C 303 -11.31 -56.33 -39.14
C ARG C 303 -10.41 -57.35 -38.46
N TYR C 304 -9.41 -57.84 -39.19
CA TYR C 304 -8.41 -58.78 -38.64
C TYR C 304 -7.41 -58.07 -37.73
N PHE C 305 -7.13 -56.81 -38.03
CA PHE C 305 -6.27 -55.97 -37.19
C PHE C 305 -6.94 -55.69 -35.86
N ASP C 306 -8.26 -55.67 -35.87
CA ASP C 306 -9.04 -55.34 -34.70
C ASP C 306 -9.04 -56.50 -33.70
N GLU C 307 -8.80 -57.71 -34.22
CA GLU C 307 -8.59 -58.88 -33.37
C GLU C 307 -7.14 -58.87 -32.86
N ILE C 308 -6.55 -57.67 -32.82
CA ILE C 308 -5.27 -57.44 -32.17
C ILE C 308 -5.27 -56.08 -31.49
N SER C 309 -6.21 -55.23 -31.88
CA SER C 309 -6.41 -53.97 -31.17
C SER C 309 -7.08 -54.34 -29.88
N GLN C 310 -7.21 -55.64 -29.63
CA GLN C 310 -8.08 -56.11 -28.55
C GLN C 310 -7.49 -57.12 -27.57
N ASP C 311 -7.92 -56.96 -26.31
CA ASP C 311 -7.46 -57.77 -25.18
C ASP C 311 -7.75 -59.28 -25.30
N THR C 312 -8.46 -59.69 -26.34
CA THR C 312 -8.69 -61.11 -26.55
C THR C 312 -8.00 -61.59 -27.82
N GLY C 313 -8.56 -61.29 -28.98
CA GLY C 313 -7.93 -61.72 -30.19
C GLY C 313 -8.02 -63.21 -30.44
N LYS C 314 -8.67 -63.54 -31.54
CA LYS C 314 -8.74 -64.88 -32.06
C LYS C 314 -7.95 -64.85 -33.36
N TYR C 315 -6.69 -64.45 -33.29
CA TYR C 315 -5.92 -64.17 -34.49
C TYR C 315 -4.69 -65.06 -34.60
N CYS C 316 -3.94 -64.92 -35.69
CA CYS C 316 -2.70 -65.71 -35.90
C CYS C 316 -1.95 -65.28 -37.16
N PHE C 317 -0.62 -65.27 -37.09
CA PHE C 317 0.20 -64.86 -38.22
C PHE C 317 1.42 -65.76 -38.40
N GLY C 318 2.26 -65.44 -39.39
CA GLY C 318 3.43 -66.25 -39.71
C GLY C 318 2.99 -67.60 -40.26
N VAL C 319 3.94 -68.36 -40.80
CA VAL C 319 3.60 -69.72 -41.23
C VAL C 319 3.24 -70.59 -40.03
N GLU C 320 4.01 -70.45 -38.96
CA GLU C 320 3.86 -71.27 -37.75
C GLU C 320 2.45 -71.30 -37.16
N ASP C 321 2.12 -70.26 -36.40
CA ASP C 321 0.81 -70.17 -35.77
C ASP C 321 -0.29 -70.63 -36.72
N THR C 322 -0.36 -70.00 -37.90
CA THR C 322 -1.43 -70.22 -38.86
C THR C 322 -1.59 -71.69 -39.24
N LEU C 323 -0.48 -72.30 -39.64
CA LEU C 323 -0.48 -73.73 -39.98
C LEU C 323 -0.92 -74.54 -38.77
N LYS C 324 -0.34 -74.24 -37.62
CA LYS C 324 -0.75 -74.86 -36.37
C LYS C 324 -2.24 -74.61 -36.08
N ALA C 325 -2.71 -73.41 -36.40
CA ALA C 325 -4.11 -73.04 -36.15
C ALA C 325 -5.06 -73.55 -37.23
N LEU C 326 -4.56 -73.62 -38.46
CA LEU C 326 -5.35 -74.12 -39.58
C LEU C 326 -5.50 -75.63 -39.45
N GLU C 327 -4.43 -76.29 -39.02
CA GLU C 327 -4.43 -77.75 -38.79
C GLU C 327 -5.45 -78.15 -37.73
N MET C 328 -5.70 -77.25 -36.79
CA MET C 328 -6.66 -77.53 -35.73
C MET C 328 -7.98 -76.79 -35.95
N GLY C 329 -8.53 -76.24 -34.87
CA GLY C 329 -9.89 -75.74 -34.87
C GLY C 329 -10.23 -74.56 -35.78
N ALA C 330 -11.47 -74.09 -35.60
CA ALA C 330 -12.03 -73.01 -36.40
C ALA C 330 -11.04 -71.90 -36.71
N VAL C 331 -10.71 -71.74 -37.98
CA VAL C 331 -9.93 -70.60 -38.46
C VAL C 331 -10.74 -69.87 -39.54
N GLU C 332 -12.02 -69.66 -39.24
CA GLU C 332 -13.02 -69.08 -40.15
C GLU C 332 -12.44 -68.35 -41.36
N ILE C 333 -11.57 -67.38 -41.12
CA ILE C 333 -11.03 -66.57 -42.20
C ILE C 333 -9.52 -66.77 -42.40
N LEU C 334 -9.14 -67.21 -43.60
CA LEU C 334 -7.74 -67.44 -43.89
C LEU C 334 -7.22 -66.34 -44.81
N ILE C 335 -6.42 -65.46 -44.23
CA ILE C 335 -5.91 -64.31 -44.96
C ILE C 335 -4.46 -64.49 -45.40
N VAL C 336 -4.24 -64.47 -46.72
CA VAL C 336 -2.91 -64.64 -47.28
C VAL C 336 -2.59 -63.58 -48.33
N TYR C 337 -1.33 -63.17 -48.36
CA TYR C 337 -0.90 -62.17 -49.33
C TYR C 337 -0.60 -62.81 -50.68
N GLU C 338 -1.12 -62.20 -51.75
CA GLU C 338 -1.15 -62.81 -53.06
C GLU C 338 0.20 -63.24 -53.63
N ASN C 339 1.29 -62.72 -53.08
CA ASN C 339 2.62 -63.13 -53.54
C ASN C 339 3.54 -63.64 -52.44
N LEU C 340 3.34 -64.88 -52.01
CA LEU C 340 4.15 -65.45 -50.94
C LEU C 340 5.37 -66.23 -51.43
N ASP C 341 6.54 -65.79 -51.00
CA ASP C 341 7.79 -66.47 -51.33
C ASP C 341 7.85 -67.88 -50.77
N ILE C 342 6.71 -68.37 -50.30
CA ILE C 342 6.69 -69.64 -49.59
C ILE C 342 6.32 -70.81 -50.53
N MET C 343 7.03 -71.91 -50.37
CA MET C 343 6.85 -73.09 -51.21
C MET C 343 6.60 -74.30 -50.33
N ARG C 344 5.69 -75.18 -50.76
CA ARG C 344 5.27 -76.31 -49.94
C ARG C 344 5.64 -77.66 -50.56
N TYR C 345 6.32 -78.51 -49.79
CA TYR C 345 6.83 -79.78 -50.32
C TYR C 345 6.35 -81.01 -49.54
N LEU C 358 7.18 -78.81 -44.73
CA LEU C 358 8.35 -78.40 -45.48
C LEU C 358 8.05 -77.12 -46.28
N TYR C 359 8.16 -75.97 -45.60
CA TYR C 359 7.94 -74.67 -46.23
C TYR C 359 9.16 -73.78 -46.08
N LEU C 360 9.51 -73.06 -47.15
CA LEU C 360 10.71 -72.21 -47.12
C LEU C 360 10.59 -70.96 -48.01
N THR C 361 11.41 -69.96 -47.71
CA THR C 361 11.52 -68.76 -48.53
C THR C 361 12.50 -69.02 -49.69
N PRO C 362 12.95 -67.94 -50.37
CA PRO C 362 14.05 -68.08 -51.32
C PRO C 362 15.37 -68.39 -50.61
N GLU C 363 15.36 -69.44 -49.78
CA GLU C 363 16.54 -69.86 -49.03
C GLU C 363 16.99 -71.21 -49.58
N GLN C 364 16.25 -71.66 -50.59
CA GLN C 364 16.53 -72.90 -51.27
C GLN C 364 17.85 -72.83 -52.00
N SER C 385 7.30 -79.23 -56.13
CA SER C 385 7.59 -77.82 -55.86
C SER C 385 6.38 -76.95 -56.13
N MET C 386 5.57 -76.73 -55.11
CA MET C 386 4.37 -75.92 -55.23
C MET C 386 4.36 -74.72 -54.28
N PRO C 387 4.13 -73.52 -54.84
CA PRO C 387 3.93 -72.33 -54.02
C PRO C 387 2.86 -72.58 -52.95
N LEU C 388 3.06 -71.99 -51.78
CA LEU C 388 2.22 -72.27 -50.61
C LEU C 388 0.78 -71.80 -50.83
N LEU C 389 0.65 -70.63 -51.44
CA LEU C 389 -0.67 -70.08 -51.71
C LEU C 389 -1.42 -70.95 -52.73
N GLU C 390 -0.67 -71.67 -53.55
CA GLU C 390 -1.25 -72.50 -54.60
C GLU C 390 -1.87 -73.79 -54.04
N TRP C 391 -1.30 -74.28 -52.94
CA TRP C 391 -1.90 -75.40 -52.22
C TRP C 391 -2.97 -74.85 -51.28
N PHE C 392 -2.65 -73.75 -50.61
CA PHE C 392 -3.58 -73.06 -49.70
C PHE C 392 -4.93 -72.73 -50.34
N ALA C 393 -4.97 -72.65 -51.67
CA ALA C 393 -6.20 -72.37 -52.39
C ALA C 393 -6.89 -73.65 -52.85
N ASN C 394 -6.08 -74.67 -53.12
CA ASN C 394 -6.58 -75.94 -53.65
C ASN C 394 -7.06 -76.93 -52.57
N ASN C 395 -7.19 -76.44 -51.35
CA ASN C 395 -7.88 -77.16 -50.27
C ASN C 395 -8.06 -76.31 -49.02
N TYR C 396 -8.40 -75.03 -49.23
CA TYR C 396 -8.68 -74.09 -48.15
C TYR C 396 -10.06 -74.35 -47.55
N LYS C 397 -10.99 -74.78 -48.41
CA LYS C 397 -12.30 -75.24 -47.97
C LYS C 397 -12.12 -76.44 -47.06
N LYS C 398 -11.15 -77.30 -47.40
CA LYS C 398 -10.86 -78.53 -46.67
C LYS C 398 -10.18 -78.30 -45.32
N PHE C 399 -10.51 -77.18 -44.67
CA PHE C 399 -10.03 -76.88 -43.31
C PHE C 399 -11.12 -76.20 -42.49
N GLY C 400 -11.31 -74.90 -42.76
CA GLY C 400 -12.32 -74.09 -42.09
C GLY C 400 -12.87 -72.95 -42.95
N ALA C 401 -12.76 -73.12 -44.27
CA ALA C 401 -13.37 -72.20 -45.25
C ALA C 401 -12.72 -70.81 -45.31
N THR C 402 -13.24 -69.98 -46.22
CA THR C 402 -12.86 -68.57 -46.36
C THR C 402 -11.37 -68.34 -46.67
N LEU C 403 -11.09 -68.10 -47.95
CA LEU C 403 -9.75 -67.68 -48.36
C LEU C 403 -9.80 -66.35 -49.13
N GLU C 404 -10.12 -65.28 -48.41
CA GLU C 404 -10.04 -63.94 -48.97
C GLU C 404 -8.57 -63.51 -49.08
N ILE C 405 -8.05 -63.57 -50.30
CA ILE C 405 -6.65 -63.22 -50.59
C ILE C 405 -6.49 -61.71 -50.66
N VAL C 406 -5.32 -61.20 -50.26
CA VAL C 406 -5.14 -59.77 -50.21
C VAL C 406 -3.93 -59.27 -51.01
N THR C 407 -3.92 -57.98 -51.28
CA THR C 407 -2.87 -57.34 -52.07
C THR C 407 -2.12 -56.33 -51.21
N ASP C 408 -0.82 -56.20 -51.45
CA ASP C 408 0.02 -55.29 -50.68
C ASP C 408 -0.38 -53.83 -50.85
N LYS C 409 -1.06 -53.53 -51.94
CA LYS C 409 -1.30 -52.14 -52.35
C LYS C 409 -2.31 -51.37 -51.47
N SER C 410 -3.19 -52.10 -50.79
CA SER C 410 -4.08 -51.48 -49.81
C SER C 410 -3.24 -51.18 -48.57
N GLN C 411 -3.39 -50.00 -47.97
CA GLN C 411 -2.53 -49.64 -46.84
C GLN C 411 -2.73 -50.56 -45.64
N GLU C 412 -3.98 -50.97 -45.44
CA GLU C 412 -4.28 -52.00 -44.48
C GLU C 412 -3.59 -53.28 -44.91
N GLY C 413 -2.74 -53.18 -45.92
CA GLY C 413 -2.14 -54.36 -46.51
C GLY C 413 -0.64 -54.40 -46.44
N SER C 414 0.00 -53.33 -46.90
CA SER C 414 1.46 -53.23 -46.84
C SER C 414 1.92 -53.44 -45.41
N GLN C 415 0.99 -53.24 -44.47
CA GLN C 415 1.22 -53.61 -43.07
C GLN C 415 1.12 -55.13 -42.95
N PHE C 416 -0.05 -55.66 -43.31
CA PHE C 416 -0.30 -57.08 -43.16
C PHE C 416 0.78 -57.93 -43.79
N VAL C 417 1.50 -57.38 -44.75
CA VAL C 417 2.56 -58.13 -45.39
C VAL C 417 3.90 -57.86 -44.74
N LYS C 418 4.30 -56.60 -44.73
CA LYS C 418 5.63 -56.24 -44.23
C LYS C 418 5.69 -56.27 -42.70
N GLY C 419 4.56 -56.60 -42.08
CA GLY C 419 4.46 -56.54 -40.62
C GLY C 419 3.74 -57.71 -40.00
N PHE C 420 3.31 -58.65 -40.83
CA PHE C 420 2.79 -59.91 -40.32
C PHE C 420 3.20 -61.05 -41.23
N GLY C 421 4.12 -60.76 -42.15
CA GLY C 421 4.69 -61.79 -43.02
C GLY C 421 3.84 -62.07 -44.24
N GLY C 422 2.56 -61.74 -44.16
CA GLY C 422 1.66 -61.93 -45.27
C GLY C 422 1.04 -63.31 -45.27
N ILE C 423 0.62 -63.74 -44.08
CA ILE C 423 -0.15 -64.97 -43.99
C ILE C 423 -0.81 -65.11 -42.65
N GLY C 424 -1.92 -64.41 -42.47
CA GLY C 424 -2.58 -64.35 -41.18
C GLY C 424 -3.75 -65.29 -41.07
N GLY C 425 -4.71 -64.91 -40.24
CA GLY C 425 -5.93 -65.69 -40.05
C GLY C 425 -6.81 -65.16 -38.95
N ILE C 426 -8.11 -65.36 -39.09
CA ILE C 426 -9.06 -65.06 -38.03
C ILE C 426 -9.70 -66.36 -37.56
N LEU C 427 -9.43 -66.72 -36.31
CA LEU C 427 -9.96 -67.95 -35.73
C LEU C 427 -11.19 -67.60 -34.90
N ARG C 428 -11.59 -68.49 -34.00
CA ARG C 428 -12.62 -68.15 -33.03
C ARG C 428 -12.22 -68.48 -31.57
N TYR C 429 -11.27 -69.39 -31.36
CA TYR C 429 -10.74 -69.62 -30.01
C TYR C 429 -9.21 -69.41 -29.83
N ARG C 430 -8.79 -69.15 -28.60
CA ARG C 430 -7.41 -68.75 -28.31
C ARG C 430 -6.36 -69.79 -28.71
N VAL C 431 -5.75 -69.58 -29.87
CA VAL C 431 -4.59 -70.36 -30.30
C VAL C 431 -3.33 -69.78 -29.67
N ASP C 432 -2.90 -70.42 -28.58
CA ASP C 432 -1.78 -69.96 -27.79
C ASP C 432 -0.49 -70.34 -28.49
N ALA D 21 46.88 49.80 53.95
CA ALA D 21 45.64 49.25 53.36
C ALA D 21 44.83 48.48 54.41
N ALA D 22 45.24 47.25 54.71
CA ALA D 22 44.68 46.46 55.80
C ALA D 22 45.86 45.71 56.41
N ASP D 23 47.03 46.31 56.24
CA ASP D 23 48.29 45.85 56.81
C ASP D 23 48.10 45.49 58.28
N ARG D 24 47.03 46.03 58.86
CA ARG D 24 46.77 45.95 60.29
C ARG D 24 46.37 44.56 60.77
N ASN D 25 45.43 43.93 60.07
CA ASN D 25 44.97 42.59 60.47
C ASN D 25 46.14 41.66 60.76
N VAL D 26 47.26 41.95 60.12
CA VAL D 26 48.48 41.17 60.31
C VAL D 26 48.97 41.29 61.76
N GLU D 27 48.91 42.49 62.30
CA GLU D 27 49.33 42.73 63.67
C GLU D 27 48.49 41.94 64.66
N ILE D 28 47.20 41.87 64.37
CA ILE D 28 46.25 41.24 65.27
C ILE D 28 46.62 39.79 65.51
N TRP D 29 46.91 39.08 64.42
CA TRP D 29 47.38 37.72 64.53
C TRP D 29 48.53 37.64 65.55
N LYS D 30 49.58 38.44 65.33
CA LYS D 30 50.78 38.40 66.18
C LYS D 30 50.46 38.51 67.65
N ILE D 31 49.31 39.14 67.96
CA ILE D 31 48.83 39.22 69.34
C ILE D 31 48.12 37.91 69.75
N LYS D 32 47.18 37.46 68.92
CA LYS D 32 46.44 36.25 69.24
C LYS D 32 47.39 35.11 69.61
N LYS D 33 48.39 34.84 68.78
CA LYS D 33 49.34 33.73 69.00
C LYS D 33 50.16 33.99 70.27
N LEU D 34 50.45 35.26 70.51
CA LEU D 34 51.09 35.65 71.76
C LEU D 34 50.26 35.17 72.94
N ILE D 35 48.94 35.31 72.83
CA ILE D 35 48.05 34.91 73.91
C ILE D 35 47.90 33.39 74.09
N LYS D 36 47.91 32.63 72.99
CA LYS D 36 47.75 31.15 73.06
C LYS D 36 48.90 30.50 73.82
N SER D 37 50.10 31.04 73.63
CA SER D 37 51.29 30.48 74.25
C SER D 37 51.41 30.94 75.69
N LEU D 38 51.17 32.22 75.93
CA LEU D 38 51.27 32.79 77.26
C LEU D 38 50.30 32.14 78.26
N GLU D 39 49.12 31.75 77.76
CA GLU D 39 48.14 31.05 78.59
C GLU D 39 48.52 29.60 78.83
N ALA D 40 49.26 29.03 77.88
CA ALA D 40 49.70 27.65 77.96
C ALA D 40 50.89 27.53 78.90
N SER D 47 55.04 34.13 90.45
CA SER D 47 56.33 34.08 89.78
C SER D 47 56.21 34.42 88.29
N MET D 48 55.33 35.38 87.95
CA MET D 48 55.04 35.75 86.55
C MET D 48 54.79 37.27 86.37
N ILE D 49 55.81 38.03 86.01
CA ILE D 49 55.68 39.50 85.98
C ILE D 49 54.96 40.06 84.75
N SER D 50 53.78 40.60 84.98
CA SER D 50 52.99 41.23 83.94
C SER D 50 53.02 42.75 84.12
N LEU D 51 53.44 43.47 83.08
CA LEU D 51 53.52 44.94 83.17
C LEU D 51 52.91 45.66 81.96
N ILE D 52 52.04 46.62 82.23
CA ILE D 52 51.47 47.49 81.19
C ILE D 52 51.46 48.95 81.63
N ILE D 53 51.94 49.82 80.75
CA ILE D 53 52.06 51.24 81.10
C ILE D 53 51.41 52.12 80.06
N PRO D 54 50.39 52.89 80.50
CA PRO D 54 49.58 53.76 79.64
C PRO D 54 50.41 54.87 79.03
N PRO D 55 49.92 55.48 77.93
CA PRO D 55 50.66 56.54 77.23
C PRO D 55 50.90 57.79 78.08
N SER D 60 60.99 56.43 84.06
CA SER D 60 61.56 56.67 85.38
C SER D 60 60.50 56.60 86.47
N ARG D 61 59.24 56.47 86.05
CA ARG D 61 58.12 56.27 86.98
C ARG D 61 58.09 54.81 87.41
N VAL D 62 58.46 53.95 86.47
CA VAL D 62 58.47 52.52 86.70
C VAL D 62 59.88 52.03 87.00
N ALA D 63 60.87 52.83 86.65
CA ALA D 63 62.26 52.47 86.94
C ALA D 63 62.52 52.62 88.43
N LYS D 64 61.61 53.30 89.13
CA LYS D 64 61.69 53.50 90.58
C LYS D 64 60.66 52.66 91.32
N MET D 65 59.52 52.43 90.68
CA MET D 65 58.47 51.56 91.22
C MET D 65 58.96 50.12 91.38
N LEU D 66 59.68 49.63 90.36
CA LEU D 66 60.18 48.26 90.35
C LEU D 66 61.31 47.99 91.34
N ALA D 67 61.95 49.07 91.82
CA ALA D 67 62.99 48.93 92.83
C ALA D 67 62.39 48.61 94.20
N ASP D 68 61.17 49.11 94.42
CA ASP D 68 60.45 48.87 95.67
C ASP D 68 59.86 47.47 95.69
N GLU D 69 59.62 46.94 94.50
CA GLU D 69 59.18 45.57 94.37
C GLU D 69 60.33 44.65 94.72
N PHE D 70 61.53 45.06 94.33
CA PHE D 70 62.73 44.28 94.56
C PHE D 70 62.99 44.08 96.05
N GLY D 71 62.64 45.07 96.85
CA GLY D 71 62.95 45.07 98.27
C GLY D 71 61.87 44.49 99.16
N THR D 72 61.19 43.45 98.68
CA THR D 72 60.21 42.73 99.52
C THR D 72 60.21 41.24 99.21
N ARG D 79 64.81 31.26 99.20
CA ARG D 79 65.60 30.50 98.25
C ARG D 79 64.71 29.89 97.18
N VAL D 80 63.89 28.91 97.57
CA VAL D 80 62.97 28.25 96.65
C VAL D 80 62.15 29.27 95.87
N ASN D 81 61.82 30.36 96.55
CA ASN D 81 61.01 31.39 95.92
C ASN D 81 61.67 32.77 95.93
N ARG D 82 62.81 32.89 96.59
CA ARG D 82 63.51 34.17 96.59
C ARG D 82 64.33 34.32 95.32
N LEU D 83 64.94 33.22 94.87
CA LEU D 83 65.58 33.18 93.55
C LEU D 83 64.50 33.28 92.49
N SER D 84 63.63 32.28 92.46
CA SER D 84 62.50 32.24 91.54
C SER D 84 62.02 33.65 91.20
N VAL D 85 61.66 34.42 92.22
CA VAL D 85 61.07 35.76 92.03
C VAL D 85 62.08 36.85 91.66
N LEU D 86 63.07 37.09 92.51
CA LEU D 86 64.04 38.16 92.28
C LEU D 86 64.74 38.04 90.94
N GLY D 87 64.46 36.94 90.24
CA GLY D 87 65.02 36.68 88.92
C GLY D 87 64.56 37.64 87.83
N ALA D 88 63.38 37.39 87.26
CA ALA D 88 62.87 38.17 86.13
C ALA D 88 62.76 39.66 86.44
N ILE D 89 62.96 40.02 87.71
CA ILE D 89 62.99 41.40 88.12
C ILE D 89 64.26 42.12 87.62
N THR D 90 65.39 41.42 87.59
CA THR D 90 66.63 42.01 87.05
C THR D 90 66.64 41.92 85.52
N SER D 91 65.75 41.09 84.99
CA SER D 91 65.57 40.93 83.55
C SER D 91 64.73 42.07 82.96
N VAL D 92 63.95 42.72 83.81
CA VAL D 92 63.09 43.81 83.37
C VAL D 92 63.87 45.09 83.07
N GLN D 93 64.92 45.36 83.84
CA GLN D 93 65.70 46.59 83.67
C GLN D 93 66.92 46.43 82.75
N GLN D 94 67.10 45.21 82.24
CA GLN D 94 68.05 44.98 81.15
C GLN D 94 67.43 45.47 79.83
N ARG D 95 66.18 45.06 79.59
CA ARG D 95 65.42 45.48 78.43
C ARG D 95 64.84 46.88 78.62
N LEU D 96 64.32 47.15 79.82
CA LEU D 96 63.62 48.40 80.12
C LEU D 96 64.50 49.62 79.88
N LYS D 97 65.78 49.49 80.23
CA LYS D 97 66.70 50.61 80.10
C LYS D 97 67.13 50.86 78.65
N LEU D 98 66.55 50.11 77.72
CA LEU D 98 66.65 50.43 76.30
C LEU D 98 65.68 51.55 75.98
N LEU D 107 53.23 50.57 76.60
CA LEU D 107 54.33 49.61 76.52
C LEU D 107 54.05 48.35 77.32
N VAL D 108 54.30 47.20 76.70
CA VAL D 108 53.89 45.90 77.24
C VAL D 108 55.05 44.97 77.54
N VAL D 109 55.00 44.29 78.68
CA VAL D 109 56.09 43.39 79.10
C VAL D 109 55.62 42.13 79.84
N TYR D 110 56.27 41.01 79.57
CA TYR D 110 56.01 39.72 80.24
C TYR D 110 57.30 38.96 80.51
N CYS D 111 57.62 38.71 81.79
CA CYS D 111 58.80 37.92 82.16
C CYS D 111 58.64 37.11 83.44
N ILE D 126 59.51 39.12 76.62
CA ILE D 126 58.68 39.93 75.73
C ILE D 126 58.56 41.36 76.22
N ASP D 127 58.70 42.30 75.30
CA ASP D 127 58.59 43.73 75.60
C ASP D 127 58.35 44.48 74.30
N PHE D 128 57.17 45.09 74.16
CA PHE D 128 56.83 45.74 72.90
C PHE D 128 55.87 46.93 73.01
N GLU D 129 55.51 47.49 71.86
CA GLU D 129 54.46 48.48 71.77
C GLU D 129 53.37 48.02 70.80
N PRO D 130 52.10 48.09 71.22
CA PRO D 130 50.96 47.69 70.39
C PRO D 130 50.32 48.86 69.65
N PHE D 131 49.05 49.11 69.92
CA PHE D 131 48.36 50.30 69.40
C PHE D 131 47.23 50.79 70.33
N LYS D 132 47.61 51.58 71.34
CA LYS D 132 46.68 52.28 72.27
C LYS D 132 45.69 51.45 73.09
N PRO D 133 46.16 50.91 74.24
CA PRO D 133 45.22 50.39 75.23
C PRO D 133 44.81 51.53 76.15
N ILE D 134 43.79 52.28 75.74
CA ILE D 134 43.33 53.47 76.47
C ILE D 134 43.03 53.18 77.95
N ASN D 135 43.84 53.76 78.83
CA ASN D 135 43.66 53.66 80.30
C ASN D 135 43.66 52.24 80.89
N THR D 136 44.46 51.34 80.30
CA THR D 136 44.68 50.01 80.88
C THR D 136 46.13 49.86 81.31
N SER D 137 46.35 49.63 82.60
CA SER D 137 47.68 49.42 83.16
C SER D 137 47.61 48.28 84.17
N LEU D 138 48.72 47.53 84.32
CA LEU D 138 48.72 46.36 85.21
C LEU D 138 50.10 45.97 85.72
N TYR D 139 50.18 45.77 87.03
CA TYR D 139 51.34 45.12 87.63
C TYR D 139 50.88 43.97 88.52
N LEU D 140 51.05 42.75 88.01
CA LEU D 140 50.68 41.55 88.75
C LEU D 140 51.70 40.45 88.52
N CYS D 141 51.80 39.54 89.48
CA CYS D 141 52.82 38.51 89.41
C CYS D 141 52.23 37.11 89.37
N PHE D 145 50.90 34.63 83.50
CA PHE D 145 50.80 35.97 82.94
C PHE D 145 49.34 36.40 82.75
N HIS D 146 49.10 37.71 82.69
CA HIS D 146 47.76 38.21 82.40
C HIS D 146 47.66 38.74 80.98
N THR D 147 46.88 38.06 80.16
CA THR D 147 46.69 38.51 78.79
C THR D 147 45.38 39.27 78.67
N GLU D 148 44.52 39.12 79.68
CA GLU D 148 43.20 39.73 79.64
C GLU D 148 43.29 41.24 79.38
N ALA D 149 44.45 41.82 79.63
CA ALA D 149 44.67 43.22 79.37
C ALA D 149 44.82 43.48 77.86
N LEU D 150 45.46 42.52 77.19
CA LEU D 150 45.77 42.63 75.77
C LEU D 150 44.54 42.50 74.88
N THR D 151 43.59 41.68 75.31
CA THR D 151 42.48 41.29 74.45
C THR D 151 41.60 42.48 74.05
N ALA D 152 41.98 43.68 74.49
CA ALA D 152 41.30 44.90 74.10
C ALA D 152 41.71 45.31 72.69
N LEU D 153 42.90 44.86 72.28
CA LEU D 153 43.42 45.15 70.95
C LEU D 153 42.69 44.34 69.90
N LEU D 154 42.29 43.12 70.29
CA LEU D 154 41.70 42.18 69.35
C LEU D 154 40.41 42.69 68.69
N SER D 155 39.52 43.26 69.48
CA SER D 155 38.33 43.90 68.92
C SER D 155 38.82 44.90 67.87
N ASP D 156 38.45 44.72 66.60
CA ASP D 156 38.94 45.64 65.58
C ASP D 156 37.87 46.56 65.00
N ASP D 157 38.18 47.86 65.03
CA ASP D 157 37.35 48.87 64.42
C ASP D 157 37.63 48.97 62.92
N SER D 158 36.63 48.63 62.11
CA SER D 158 36.68 48.85 60.69
C SER D 158 35.51 49.73 60.31
N LYS D 159 35.72 50.62 59.35
CA LYS D 159 34.66 51.53 58.94
C LYS D 159 33.82 50.89 57.82
N PHE D 160 32.50 50.85 58.00
CA PHE D 160 31.64 50.19 57.03
C PHE D 160 30.79 51.15 56.25
N GLY D 161 29.94 50.61 55.40
CA GLY D 161 29.10 51.43 54.56
C GLY D 161 27.64 51.03 54.63
N PHE D 162 26.77 52.03 54.75
CA PHE D 162 25.33 51.79 54.70
C PHE D 162 24.63 52.79 53.81
N ILE D 163 23.81 52.27 52.91
CA ILE D 163 23.02 53.15 52.08
C ILE D 163 21.57 52.69 52.12
N VAL D 164 20.66 53.62 52.42
CA VAL D 164 19.26 53.25 52.62
C VAL D 164 18.29 53.90 51.62
N ILE D 165 17.78 53.10 50.68
CA ILE D 165 16.88 53.60 49.65
C ILE D 165 15.42 53.37 49.99
N ASP D 166 14.70 54.46 50.22
CA ASP D 166 13.30 54.37 50.60
C ASP D 166 12.41 54.85 49.46
N GLY D 167 11.15 55.10 49.79
CA GLY D 167 10.14 55.54 48.82
C GLY D 167 10.34 56.97 48.32
N SER D 168 11.23 57.71 48.98
CA SER D 168 11.72 59.01 48.51
C SER D 168 12.92 59.47 49.34
N GLY D 169 13.39 58.59 50.22
CA GLY D 169 14.52 58.88 51.06
C GLY D 169 15.74 58.10 50.62
N ALA D 170 16.91 58.69 50.82
CA ALA D 170 18.18 58.03 50.60
C ALA D 170 19.13 58.57 51.66
N LEU D 171 19.73 57.67 52.43
CA LEU D 171 20.65 58.08 53.49
C LEU D 171 21.95 57.29 53.39
N PHE D 172 23.07 58.01 53.42
CA PHE D 172 24.38 57.39 53.40
C PHE D 172 24.96 57.37 54.81
N GLY D 173 25.37 56.18 55.26
CA GLY D 173 25.85 56.00 56.63
C GLY D 173 27.07 55.12 56.80
N THR D 174 27.80 55.34 57.90
CA THR D 174 29.01 54.57 58.20
C THR D 174 29.04 54.12 59.65
N LEU D 175 28.76 52.85 59.87
CA LEU D 175 28.91 52.28 61.20
C LEU D 175 30.40 52.02 61.36
N GLN D 176 30.93 52.22 62.56
CA GLN D 176 32.30 51.80 62.85
C GLN D 176 32.37 50.99 64.14
N GLY D 177 31.86 49.75 64.06
CA GLY D 177 31.69 48.91 65.23
C GLY D 177 30.61 49.48 66.15
N ASN D 178 30.98 50.51 66.90
CA ASN D 178 30.11 51.08 67.93
C ASN D 178 29.62 52.48 67.60
N THR D 179 30.32 53.14 66.69
CA THR D 179 29.98 54.49 66.31
C THR D 179 29.22 54.49 65.00
N ARG D 180 27.96 54.92 65.05
CA ARG D 180 27.19 55.11 63.82
C ARG D 180 27.38 56.54 63.33
N GLU D 181 26.92 56.82 62.11
CA GLU D 181 27.00 58.18 61.56
C GLU D 181 26.39 58.34 60.16
N VAL D 182 25.84 59.53 59.94
CA VAL D 182 25.26 59.86 58.66
C VAL D 182 26.17 60.87 57.96
N LEU D 183 27.05 60.38 57.11
CA LEU D 183 27.94 61.25 56.34
C LEU D 183 27.16 62.17 55.41
N HIS D 184 26.11 61.64 54.78
CA HIS D 184 25.14 62.47 54.07
C HIS D 184 23.79 61.79 53.74
N LYS D 185 22.76 62.63 53.55
CA LYS D 185 21.40 62.17 53.24
C LYS D 185 20.64 63.19 52.41
N PHE D 186 19.74 62.71 51.56
CA PHE D 186 18.87 63.61 50.79
C PHE D 186 17.49 63.03 50.56
N THR D 187 16.63 63.77 49.88
CA THR D 187 15.24 63.36 49.70
C THR D 187 14.67 63.73 48.32
N MET D 209 9.52 55.46 35.34
CA MET D 209 10.98 55.27 35.33
C MET D 209 11.74 56.53 34.92
N GLU D 210 11.06 57.50 34.32
CA GLU D 210 11.73 58.72 33.81
C GLU D 210 12.42 59.50 34.91
N LYS D 211 11.73 59.74 36.02
CA LYS D 211 12.37 60.33 37.19
C LYS D 211 12.65 59.28 38.27
N ARG D 212 12.38 58.02 37.98
CA ARG D 212 12.68 56.92 38.90
C ARG D 212 14.13 56.43 38.68
N HIS D 213 14.51 56.32 37.41
CA HIS D 213 15.88 56.02 37.03
C HIS D 213 16.79 57.22 37.31
N ASN D 214 16.25 58.42 37.15
CA ASN D 214 16.98 59.66 37.49
C ASN D 214 17.36 59.73 38.98
N TYR D 215 16.79 58.84 39.78
CA TYR D 215 17.05 58.85 41.23
C TYR D 215 18.19 57.90 41.62
N VAL D 216 18.19 56.69 41.07
CA VAL D 216 19.26 55.76 41.33
C VAL D 216 20.61 56.37 40.94
N ARG D 217 20.56 57.22 39.92
CA ARG D 217 21.72 57.93 39.36
C ARG D 217 22.47 58.75 40.42
N LYS D 218 21.75 59.51 41.23
CA LYS D 218 22.41 60.30 42.28
C LYS D 218 22.79 59.40 43.44
N VAL D 219 22.10 58.27 43.56
CA VAL D 219 22.38 57.38 44.66
C VAL D 219 23.72 56.72 44.47
N ALA D 220 23.94 56.16 43.28
CA ALA D 220 25.25 55.63 42.93
C ALA D 220 26.28 56.74 42.90
N GLU D 221 25.83 57.93 42.49
CA GLU D 221 26.65 59.13 42.39
C GLU D 221 27.21 59.49 43.77
N THR D 222 26.33 59.78 44.73
CA THR D 222 26.74 60.24 46.06
C THR D 222 27.31 59.08 46.88
N ALA D 223 27.31 57.90 46.28
CA ALA D 223 27.90 56.71 46.88
C ALA D 223 29.38 56.65 46.53
N VAL D 224 29.67 56.94 45.26
CA VAL D 224 31.04 57.07 44.78
C VAL D 224 31.74 58.27 45.40
N GLN D 225 30.94 59.27 45.80
CA GLN D 225 31.44 60.47 46.47
C GLN D 225 31.74 60.24 47.95
N LEU D 226 30.98 59.34 48.59
CA LEU D 226 31.04 59.21 50.04
C LEU D 226 31.70 57.92 50.55
N PHE D 227 32.16 57.06 49.63
CA PHE D 227 32.78 55.80 50.05
C PHE D 227 34.12 55.55 49.39
N ILE D 228 34.15 55.69 48.07
CA ILE D 228 35.42 55.57 47.35
C ILE D 228 36.01 56.96 47.11
N SER D 229 37.09 57.27 47.83
CA SER D 229 37.68 58.61 47.81
C SER D 229 39.19 58.53 47.74
N GLY D 230 39.72 58.51 46.53
CA GLY D 230 41.15 58.37 46.34
C GLY D 230 41.53 57.04 45.72
N ASP D 231 41.06 56.82 44.49
CA ASP D 231 41.45 55.66 43.69
C ASP D 231 40.90 54.33 44.23
N LYS D 232 40.39 54.36 45.47
CA LYS D 232 39.96 53.16 46.18
C LYS D 232 38.92 53.52 47.27
N VAL D 233 38.35 52.50 47.93
CA VAL D 233 37.37 52.69 49.03
C VAL D 233 38.03 52.91 50.39
N ASN D 234 37.47 53.83 51.16
CA ASN D 234 37.93 54.08 52.52
C ASN D 234 36.99 53.45 53.55
N VAL D 235 35.94 52.80 53.05
CA VAL D 235 35.08 51.97 53.88
C VAL D 235 35.60 50.55 53.83
N ALA D 236 34.69 49.59 53.95
CA ALA D 236 35.10 48.21 53.94
C ALA D 236 33.90 47.28 53.93
N GLY D 237 32.70 47.85 53.87
CA GLY D 237 31.51 47.02 53.99
C GLY D 237 30.50 47.18 52.87
N LEU D 238 29.73 48.25 52.93
CA LEU D 238 28.64 48.45 52.00
C LEU D 238 27.53 47.40 52.10
N VAL D 239 26.63 47.65 53.04
CA VAL D 239 25.36 46.94 53.18
C VAL D 239 24.27 47.81 52.55
N LEU D 240 23.39 47.18 51.77
CA LEU D 240 22.29 47.91 51.15
C LEU D 240 20.95 47.54 51.80
N ALA D 241 20.15 48.56 52.12
CA ALA D 241 18.82 48.33 52.70
C ALA D 241 17.79 49.23 52.05
N GLY D 242 16.62 48.69 51.75
CA GLY D 242 15.60 49.50 51.10
C GLY D 242 14.24 48.83 50.95
N SER D 243 13.21 49.65 50.78
CA SER D 243 11.87 49.17 50.50
C SER D 243 11.90 48.28 49.24
N ALA D 244 10.74 47.79 48.84
CA ALA D 244 10.66 46.92 47.68
C ALA D 244 11.54 47.36 46.50
N ASP D 245 12.50 46.50 46.14
CA ASP D 245 13.17 46.58 44.82
C ASP D 245 14.24 47.67 44.70
N PHE D 246 14.42 48.45 45.76
CA PHE D 246 15.32 49.59 45.65
C PHE D 246 16.83 49.26 45.72
N LYS D 247 17.16 48.01 45.99
CA LYS D 247 18.56 47.60 45.99
C LYS D 247 18.85 46.69 44.78
N THR D 248 17.91 45.81 44.44
CA THR D 248 18.03 45.07 43.20
C THR D 248 17.97 46.08 42.07
N GLU D 249 17.55 47.30 42.41
CA GLU D 249 17.46 48.40 41.45
C GLU D 249 18.73 49.30 41.42
N LEU D 250 19.44 49.37 42.55
CA LEU D 250 20.75 50.07 42.63
C LEU D 250 21.90 49.09 42.49
N SER D 251 21.83 48.01 43.27
CA SER D 251 22.78 46.91 43.17
C SER D 251 23.04 46.50 41.71
N GLN D 252 21.96 46.31 40.95
CA GLN D 252 22.02 45.91 39.55
C GLN D 252 21.83 47.09 38.57
N SER D 253 22.86 47.94 38.40
CA SER D 253 22.76 49.03 37.42
C SER D 253 24.10 49.39 36.77
N ASP D 254 24.08 49.56 35.45
CA ASP D 254 25.27 49.96 34.69
C ASP D 254 25.82 51.32 35.11
N MET D 255 25.24 51.89 36.16
CA MET D 255 25.68 53.19 36.66
C MET D 255 26.12 53.07 38.12
N PHE D 256 25.81 51.93 38.74
CA PHE D 256 26.35 51.61 40.06
C PHE D 256 27.20 50.34 40.03
N ASP D 257 28.47 50.48 39.69
CA ASP D 257 29.40 49.36 39.81
C ASP D 257 30.65 49.71 40.60
N GLN D 258 31.82 49.40 40.03
CA GLN D 258 33.09 49.62 40.70
C GLN D 258 33.24 48.73 41.91
N ARG D 259 34.23 49.02 42.75
CA ARG D 259 34.52 48.21 43.93
C ARG D 259 33.25 48.07 44.79
N LEU D 260 32.46 49.14 44.83
CA LEU D 260 31.27 49.23 45.67
C LEU D 260 30.35 48.03 45.42
N GLN D 261 30.12 47.72 44.15
CA GLN D 261 29.18 46.67 43.81
C GLN D 261 29.68 45.33 44.34
N SER D 262 31.00 45.20 44.44
CA SER D 262 31.64 43.98 44.89
C SER D 262 32.16 44.05 46.31
N LYS D 263 31.76 45.08 47.04
CA LYS D 263 32.07 45.13 48.46
C LYS D 263 30.81 44.93 49.27
N VAL D 264 29.70 44.60 48.61
CA VAL D 264 28.43 44.50 49.31
C VAL D 264 28.34 43.20 50.10
N LEU D 265 28.12 43.31 51.41
CA LEU D 265 28.20 42.14 52.28
C LEU D 265 26.87 41.47 52.51
N LYS D 266 25.82 42.26 52.66
CA LYS D 266 24.46 41.72 52.79
C LYS D 266 23.46 42.73 52.25
N LEU D 267 22.27 42.22 51.92
CA LEU D 267 21.14 43.08 51.58
C LEU D 267 20.13 43.05 52.73
N VAL D 268 19.23 44.04 52.77
CA VAL D 268 18.26 44.12 53.84
C VAL D 268 16.94 44.66 53.33
N ASP D 269 15.89 43.87 53.44
CA ASP D 269 14.58 44.39 53.12
C ASP D 269 14.08 45.12 54.34
N ILE D 270 13.85 46.43 54.20
CA ILE D 270 13.26 47.19 55.28
C ILE D 270 11.97 47.88 54.86
N SER D 271 11.06 47.99 55.83
CA SER D 271 9.79 48.65 55.63
C SER D 271 9.95 50.14 55.90
N TYR D 272 11.06 50.48 56.55
CA TYR D 272 11.24 51.83 57.06
C TYR D 272 11.87 52.79 56.05
N GLY D 273 13.05 53.28 56.39
CA GLY D 273 13.72 54.29 55.59
C GLY D 273 14.28 55.39 56.48
N GLY D 274 15.30 56.08 55.97
CA GLY D 274 15.99 57.06 56.79
C GLY D 274 16.60 56.43 58.02
N GLU D 275 16.94 57.28 59.00
CA GLU D 275 17.62 56.84 60.21
C GLU D 275 16.84 55.74 60.92
N ASN D 276 15.56 55.63 60.58
CA ASN D 276 14.68 54.61 61.13
C ASN D 276 15.08 53.24 60.62
N GLY D 277 15.19 53.13 59.31
CA GLY D 277 15.55 51.87 58.67
C GLY D 277 17.03 51.75 58.49
N PHE D 278 17.76 52.77 58.93
CA PHE D 278 19.21 52.69 59.00
C PHE D 278 19.51 52.02 60.33
N ASN D 279 18.60 52.19 61.28
CA ASN D 279 18.72 51.50 62.56
C ASN D 279 18.30 50.04 62.42
N GLN D 280 17.38 49.79 61.51
CA GLN D 280 16.91 48.43 61.27
C GLN D 280 17.95 47.67 60.46
N ALA D 281 18.67 48.40 59.62
CA ALA D 281 19.74 47.80 58.84
C ALA D 281 20.83 47.34 59.79
N ILE D 282 21.32 48.26 60.60
CA ILE D 282 22.45 47.97 61.47
C ILE D 282 22.15 46.80 62.41
N GLU D 283 20.88 46.45 62.56
CA GLU D 283 20.53 45.35 63.46
C GLU D 283 20.74 43.97 62.86
N LEU D 284 20.12 43.68 61.72
CA LEU D 284 20.34 42.40 61.04
C LEU D 284 21.78 42.30 60.56
N SER D 285 22.51 43.40 60.71
CA SER D 285 23.86 43.51 60.18
C SER D 285 24.88 42.65 60.93
N THR D 286 25.13 42.96 62.21
CA THR D 286 26.21 42.29 62.96
C THR D 286 26.45 40.88 62.44
N GLU D 287 25.36 40.18 62.12
CA GLU D 287 25.42 38.84 61.52
C GLU D 287 26.44 38.77 60.38
N VAL D 288 26.06 39.26 59.20
CA VAL D 288 26.93 39.14 58.03
C VAL D 288 28.02 40.21 58.04
N LEU D 289 28.17 40.90 59.17
CA LEU D 289 29.03 42.07 59.28
C LEU D 289 30.32 41.75 60.03
N SER D 290 30.24 40.83 60.98
CA SER D 290 31.40 40.50 61.78
C SER D 290 32.06 39.25 61.23
N ASN D 291 31.48 38.71 60.16
CA ASN D 291 32.02 37.52 59.53
C ASN D 291 32.81 37.90 58.31
N VAL D 292 33.49 39.04 58.38
CA VAL D 292 34.17 39.60 57.22
C VAL D 292 35.55 38.99 56.97
N LYS D 293 36.39 38.93 57.99
CA LYS D 293 37.64 38.19 57.91
C LYS D 293 37.38 36.89 57.16
N PHE D 294 36.22 36.31 57.46
CA PHE D 294 35.79 35.04 56.89
C PHE D 294 35.39 35.19 55.43
N ILE D 295 34.56 36.20 55.16
CA ILE D 295 34.05 36.50 53.82
C ILE D 295 35.16 36.95 52.88
N GLN D 296 36.05 37.80 53.39
CA GLN D 296 37.13 38.36 52.59
C GLN D 296 38.25 37.37 52.41
N GLU D 297 38.26 36.35 53.25
CA GLU D 297 39.26 35.32 53.14
C GLU D 297 38.94 34.46 51.91
N LYS D 298 37.69 34.01 51.81
CA LYS D 298 37.25 33.21 50.67
C LYS D 298 37.44 33.98 49.37
N LYS D 299 37.11 35.27 49.40
CA LYS D 299 37.23 36.13 48.24
C LYS D 299 38.66 36.21 47.72
N LEU D 300 39.62 36.26 48.64
CA LEU D 300 41.04 36.41 48.30
C LEU D 300 41.61 35.11 47.77
N ILE D 301 41.28 34.03 48.47
CA ILE D 301 41.73 32.71 48.03
C ILE D 301 41.13 32.41 46.66
N GLY D 302 39.84 32.64 46.53
CA GLY D 302 39.18 32.53 45.22
C GLY D 302 39.94 33.31 44.16
N ARG D 303 40.28 34.56 44.46
CA ARG D 303 41.02 35.42 43.53
C ARG D 303 42.39 34.83 43.20
N TYR D 304 43.01 34.18 44.18
CA TYR D 304 44.30 33.51 43.96
C TYR D 304 44.13 32.22 43.17
N PHE D 305 42.99 31.56 43.36
CA PHE D 305 42.65 30.37 42.60
C PHE D 305 42.45 30.70 41.14
N ASP D 306 42.00 31.92 40.88
CA ASP D 306 41.69 32.35 39.53
C ASP D 306 42.96 32.62 38.73
N GLU D 307 44.06 32.89 39.44
CA GLU D 307 45.37 32.98 38.81
C GLU D 307 45.92 31.57 38.61
N ILE D 308 45.00 30.59 38.53
CA ILE D 308 45.32 29.24 38.12
C ILE D 308 44.19 28.68 37.27
N SER D 309 43.03 29.31 37.34
CA SER D 309 41.94 28.97 36.45
C SER D 309 42.33 29.54 35.11
N GLN D 310 43.54 30.06 35.01
CA GLN D 310 43.90 30.88 33.87
C GLN D 310 45.23 30.56 33.16
N ASP D 311 45.19 30.73 31.84
CA ASP D 311 46.31 30.42 30.94
C ASP D 311 47.60 31.21 31.21
N THR D 312 47.55 32.18 32.14
CA THR D 312 48.76 32.91 32.50
C THR D 312 49.17 32.60 33.93
N GLY D 313 48.48 33.18 34.89
CA GLY D 313 48.85 32.91 36.26
C GLY D 313 50.16 33.54 36.69
N LYS D 314 50.04 34.41 37.67
CA LYS D 314 51.17 35.02 38.35
C LYS D 314 51.11 34.46 39.78
N TYR D 315 51.14 33.15 39.90
CA TYR D 315 50.90 32.50 41.19
C TYR D 315 52.10 31.68 41.65
N CYS D 316 52.00 31.07 42.83
CA CYS D 316 53.07 30.22 43.38
C CYS D 316 52.68 29.56 44.70
N PHE D 317 53.10 28.32 44.90
CA PHE D 317 52.76 27.56 46.10
C PHE D 317 53.94 26.78 46.63
N GLY D 318 53.71 26.00 47.70
CA GLY D 318 54.78 25.25 48.34
C GLY D 318 55.78 26.19 48.99
N VAL D 319 56.69 25.67 49.80
CA VAL D 319 57.75 26.50 50.34
C VAL D 319 58.68 26.98 49.22
N GLU D 320 59.00 26.06 48.32
CA GLU D 320 59.95 26.32 47.23
C GLU D 320 59.64 27.55 46.40
N ASP D 321 58.72 27.40 45.44
CA ASP D 321 58.34 28.50 44.56
C ASP D 321 58.23 29.81 45.33
N THR D 322 57.42 29.80 46.38
CA THR D 322 57.09 31.02 47.13
C THR D 322 58.33 31.73 47.67
N LEU D 323 59.17 30.97 48.36
CA LEU D 323 60.42 31.52 48.89
C LEU D 323 61.29 32.05 47.75
N LYS D 324 61.41 31.25 46.70
CA LYS D 324 62.11 31.67 45.49
C LYS D 324 61.46 32.90 44.87
N ALA D 325 60.14 32.98 44.92
CA ALA D 325 59.39 34.11 44.36
C ALA D 325 59.35 35.32 45.28
N LEU D 326 59.33 35.05 46.58
CA LEU D 326 59.32 36.11 47.59
C LEU D 326 60.70 36.76 47.65
N GLU D 327 61.74 35.93 47.54
CA GLU D 327 63.14 36.41 47.51
C GLU D 327 63.40 37.34 46.34
N MET D 328 62.66 37.12 45.25
CA MET D 328 62.82 37.97 44.07
C MET D 328 61.68 38.97 43.93
N GLY D 329 61.20 39.12 42.70
CA GLY D 329 60.31 40.22 42.36
C GLY D 329 58.93 40.27 43.01
N ALA D 330 58.14 41.24 42.54
CA ALA D 330 56.79 41.50 43.05
C ALA D 330 56.02 40.22 43.39
N VAL D 331 55.73 40.04 44.67
CA VAL D 331 54.82 38.99 45.13
C VAL D 331 53.69 39.63 45.92
N GLU D 332 53.14 40.71 45.34
CA GLU D 332 52.11 41.55 45.94
C GLU D 332 51.38 40.94 47.13
N ILE D 333 50.79 39.76 46.94
CA ILE D 333 50.00 39.12 47.99
C ILE D 333 50.62 37.82 48.50
N LEU D 334 50.93 37.78 49.79
CA LEU D 334 51.53 36.61 50.38
C LEU D 334 50.48 35.87 51.22
N ILE D 335 50.03 34.74 50.70
CA ILE D 335 48.98 33.95 51.35
C ILE D 335 49.52 32.74 52.09
N VAL D 336 49.30 32.71 53.41
CA VAL D 336 49.79 31.63 54.23
C VAL D 336 48.72 31.09 55.17
N TYR D 337 48.72 29.79 55.40
CA TYR D 337 47.74 29.18 56.29
C TYR D 337 48.16 29.30 57.74
N GLU D 338 47.22 29.74 58.58
CA GLU D 338 47.52 30.16 59.95
C GLU D 338 48.24 29.13 60.82
N ASN D 339 48.21 27.86 60.42
CA ASN D 339 48.92 26.83 61.19
C ASN D 339 49.90 26.01 60.36
N LEU D 340 51.06 26.56 60.07
CA LEU D 340 52.06 25.86 59.26
C LEU D 340 53.07 25.07 60.09
N ASP D 341 53.12 23.77 59.85
CA ASP D 341 54.08 22.89 60.51
C ASP D 341 55.53 23.25 60.19
N ILE D 342 55.72 24.40 59.57
CA ILE D 342 57.03 24.77 59.05
C ILE D 342 57.81 25.63 60.04
N MET D 343 59.09 25.33 60.18
CA MET D 343 59.95 26.03 61.13
C MET D 343 61.18 26.56 60.39
N ARG D 344 61.61 27.77 60.75
CA ARG D 344 62.69 28.44 60.03
C ARG D 344 63.94 28.65 60.89
N TYR D 345 65.09 28.20 60.41
CA TYR D 345 66.33 28.24 61.18
C TYR D 345 67.46 29.00 60.51
N LEU D 358 66.66 26.81 55.70
CA LEU D 358 66.48 25.69 56.60
C LEU D 358 65.05 25.63 57.13
N TYR D 359 64.15 25.05 56.35
CA TYR D 359 62.74 24.88 56.74
C TYR D 359 62.34 23.41 56.71
N LEU D 360 61.57 22.98 57.70
CA LEU D 360 61.16 21.58 57.80
C LEU D 360 59.80 21.37 58.47
N THR D 361 59.20 20.22 58.20
CA THR D 361 57.95 19.82 58.85
C THR D 361 58.27 19.17 60.20
N PRO D 362 57.28 18.47 60.79
CA PRO D 362 57.57 17.63 61.96
C PRO D 362 58.41 16.42 61.56
N GLU D 363 59.54 16.67 60.91
CA GLU D 363 60.46 15.62 60.47
C GLU D 363 61.74 15.75 61.29
N GLN D 364 61.73 16.72 62.18
CA GLN D 364 62.83 16.99 63.07
C GLN D 364 63.04 15.84 64.02
N SER D 385 64.83 28.43 66.84
CA SER D 385 63.68 27.62 66.45
C SER D 385 62.41 28.48 66.36
N MET D 386 62.16 29.02 65.17
CA MET D 386 61.01 29.87 64.96
C MET D 386 60.08 29.34 63.86
N PRO D 387 58.77 29.21 64.18
CA PRO D 387 57.77 28.87 63.18
C PRO D 387 57.88 29.78 61.98
N LEU D 388 57.63 29.24 60.79
CA LEU D 388 57.84 29.97 59.54
C LEU D 388 56.90 31.15 59.39
N LEU D 389 55.65 30.97 59.82
CA LEU D 389 54.67 32.04 59.74
C LEU D 389 55.05 33.19 60.70
N GLU D 390 55.79 32.85 61.75
CA GLU D 390 56.17 33.83 62.76
C GLU D 390 57.27 34.76 62.28
N TRP D 391 58.14 34.25 61.40
CA TRP D 391 59.12 35.09 60.73
C TRP D 391 58.45 35.77 59.53
N PHE D 392 57.66 35.00 58.80
CA PHE D 392 56.92 35.50 57.64
C PHE D 392 56.05 36.72 57.94
N ALA D 393 55.71 36.90 59.21
CA ALA D 393 54.91 38.05 59.65
C ALA D 393 55.80 39.19 60.13
N ASN D 394 56.96 38.83 60.69
CA ASN D 394 57.88 39.82 61.27
C ASN D 394 58.84 40.47 60.27
N ASN D 395 58.59 40.24 58.99
CA ASN D 395 59.25 40.98 57.91
C ASN D 395 58.64 40.69 56.54
N TYR D 396 57.31 40.59 56.50
CA TYR D 396 56.56 40.37 55.27
C TYR D 396 56.49 41.65 54.46
N LYS D 397 56.43 42.78 55.17
CA LYS D 397 56.52 44.09 54.54
C LYS D 397 57.87 44.24 53.85
N LYS D 398 58.90 43.67 54.50
CA LYS D 398 60.28 43.74 54.02
C LYS D 398 60.54 42.83 52.81
N PHE D 399 59.54 42.67 51.95
CA PHE D 399 59.67 41.93 50.69
C PHE D 399 58.85 42.59 49.59
N GLY D 400 57.54 42.36 49.64
CA GLY D 400 56.60 42.92 48.67
C GLY D 400 55.21 43.16 49.24
N ALA D 401 55.13 43.29 50.57
CA ALA D 401 53.90 43.66 51.28
C ALA D 401 52.78 42.60 51.27
N THR D 402 51.68 42.91 51.94
CA THR D 402 50.47 42.07 51.95
C THR D 402 50.65 40.67 52.52
N LEU D 403 50.27 40.50 53.78
CA LEU D 403 50.22 39.17 54.38
C LEU D 403 48.82 38.87 54.93
N GLU D 404 47.87 38.69 54.02
CA GLU D 404 46.54 38.23 54.40
C GLU D 404 46.58 36.73 54.73
N ILE D 405 46.58 36.44 56.03
CA ILE D 405 46.64 35.06 56.54
C ILE D 405 45.28 34.40 56.41
N VAL D 406 45.26 33.09 56.20
CA VAL D 406 44.00 32.40 55.97
C VAL D 406 43.76 31.22 56.92
N THR D 407 42.51 30.80 57.00
CA THR D 407 42.09 29.71 57.88
C THR D 407 41.57 28.54 57.05
N ASP D 408 41.83 27.33 57.52
CA ASP D 408 41.39 26.13 56.82
C ASP D 408 39.87 26.01 56.70
N LYS D 409 39.15 26.69 57.59
CA LYS D 409 37.71 26.50 57.73
C LYS D 409 36.87 27.04 56.59
N SER D 410 37.38 28.03 55.85
CA SER D 410 36.72 28.51 54.64
C SER D 410 36.94 27.44 53.57
N GLN D 411 35.91 27.08 52.81
CA GLN D 411 36.08 26.01 51.83
C GLN D 411 37.10 26.36 50.75
N GLU D 412 37.12 27.63 50.38
CA GLU D 412 38.17 28.15 49.53
C GLU D 412 39.49 28.01 50.25
N GLY D 413 39.48 27.31 51.37
CA GLY D 413 40.66 27.25 52.22
C GLY D 413 41.18 25.86 52.46
N SER D 414 40.30 24.94 52.87
CA SER D 414 40.69 23.56 53.10
C SER D 414 41.30 23.00 51.82
N GLN D 415 40.99 23.66 50.71
CA GLN D 415 41.68 23.39 49.45
C GLN D 415 43.09 23.98 49.52
N PHE D 416 43.15 25.31 49.70
CA PHE D 416 44.41 26.02 49.71
C PHE D 416 45.43 25.39 50.66
N VAL D 417 44.94 24.67 51.65
CA VAL D 417 45.86 24.05 52.58
C VAL D 417 46.16 22.63 52.19
N LYS D 418 45.11 21.80 52.06
CA LYS D 418 45.30 20.37 51.78
C LYS D 418 45.65 20.12 50.32
N GLY D 419 45.72 21.19 49.53
CA GLY D 419 45.92 21.05 48.11
C GLY D 419 46.89 22.05 47.51
N PHE D 420 47.47 22.88 48.37
CA PHE D 420 48.57 23.74 47.95
C PHE D 420 49.57 23.87 49.08
N GLY D 421 49.42 23.03 50.10
CA GLY D 421 50.37 22.99 51.21
C GLY D 421 50.13 24.05 52.26
N GLY D 422 49.45 25.12 51.87
CA GLY D 422 49.11 26.17 52.80
C GLY D 422 50.19 27.21 52.86
N ILE D 423 50.70 27.60 51.69
CA ILE D 423 51.62 28.72 51.64
C ILE D 423 51.80 29.19 50.20
N GLY D 424 50.83 29.95 49.73
CA GLY D 424 50.81 30.37 48.33
C GLY D 424 51.33 31.77 48.13
N GLY D 425 50.84 32.40 47.07
CA GLY D 425 51.21 33.77 46.77
C GLY D 425 50.65 34.26 45.45
N ILE D 426 50.41 35.56 45.36
CA ILE D 426 50.05 36.18 44.10
C ILE D 426 51.14 37.14 43.70
N LEU D 427 51.82 36.84 42.60
CA LEU D 427 52.90 37.68 42.10
C LEU D 427 52.31 38.62 41.06
N ARG D 428 53.19 39.27 40.29
CA ARG D 428 52.73 40.09 39.17
C ARG D 428 53.29 39.58 37.82
N TYR D 429 54.53 39.09 37.82
CA TYR D 429 55.11 38.53 36.58
C TYR D 429 55.44 37.01 36.62
N ARG D 430 55.60 36.42 35.43
CA ARG D 430 55.84 34.98 35.32
C ARG D 430 57.08 34.51 36.08
N VAL D 431 56.88 34.06 37.32
CA VAL D 431 57.95 33.44 38.09
C VAL D 431 57.91 31.93 37.82
N ASP D 432 58.61 31.55 36.76
CA ASP D 432 58.55 30.20 36.22
C ASP D 432 59.23 29.20 37.13
N ILE E 7 20.62 -7.36 22.88
CA ILE E 7 21.18 -6.10 23.48
C ILE E 7 20.26 -4.89 23.29
N ARG E 8 20.38 -3.91 24.19
CA ARG E 8 19.41 -2.82 24.26
C ARG E 8 19.98 -1.42 24.62
N LEU E 9 19.86 -0.49 23.67
CA LEU E 9 20.15 0.92 23.92
C LEU E 9 19.01 1.80 23.45
N PRO E 10 18.21 2.28 24.40
CA PRO E 10 17.22 3.33 24.26
C PRO E 10 17.88 4.65 23.93
N ILE E 11 17.52 5.19 22.77
CA ILE E 11 18.07 6.43 22.26
C ILE E 11 17.31 7.60 22.84
N VAL E 12 18.02 8.46 23.57
CA VAL E 12 17.42 9.67 24.15
C VAL E 12 17.64 10.87 23.25
N ASP E 13 18.78 10.91 22.57
CA ASP E 13 19.10 12.06 21.74
C ASP E 13 19.81 11.80 20.41
N LYS E 14 19.58 12.72 19.50
CA LYS E 14 19.86 12.59 18.10
C LYS E 14 20.67 13.83 17.74
N TYR E 15 21.64 13.72 16.84
CA TYR E 15 22.19 14.95 16.27
C TYR E 15 23.30 14.79 15.25
N LYS E 16 23.39 15.76 14.35
CA LYS E 16 24.43 15.79 13.34
C LYS E 16 25.53 16.73 13.79
N ASP E 17 26.60 16.14 14.34
CA ASP E 17 27.78 16.89 14.77
C ASP E 17 28.99 16.53 13.91
N MET E 18 29.79 15.59 14.40
CA MET E 18 30.89 15.04 13.63
C MET E 18 30.30 13.79 13.02
N GLY E 19 29.42 13.99 12.04
CA GLY E 19 28.63 12.89 11.48
C GLY E 19 27.36 12.69 12.28
N THR E 20 26.76 11.50 12.20
CA THR E 20 25.55 11.21 12.96
C THR E 20 25.88 10.73 14.37
N VAL E 21 25.18 11.26 15.37
CA VAL E 21 25.42 10.85 16.76
C VAL E 21 24.13 10.51 17.49
N VAL E 22 24.25 9.67 18.51
CA VAL E 22 23.10 9.21 19.27
C VAL E 22 23.49 9.11 20.75
N LEU E 23 22.61 9.54 21.65
CA LEU E 23 22.86 9.41 23.08
C LEU E 23 21.81 8.59 23.80
N GLY E 24 22.26 7.72 24.71
CA GLY E 24 21.38 6.86 25.51
C GLY E 24 22.08 6.09 26.64
N LYS E 25 21.32 5.29 27.37
CA LYS E 25 21.90 4.43 28.39
C LYS E 25 21.91 3.00 27.87
N LEU E 26 23.03 2.30 28.05
CA LEU E 26 23.17 0.92 27.54
C LEU E 26 22.49 -0.08 28.47
N GLU E 27 21.19 -0.29 28.28
CA GLU E 27 20.36 -1.04 29.22
C GLU E 27 20.53 -2.55 29.27
N SER E 28 21.26 -3.11 28.31
CA SER E 28 21.40 -4.57 28.18
C SER E 28 22.28 -4.97 27.01
N GLY E 29 23.20 -5.90 27.26
CA GLY E 29 24.06 -6.41 26.19
C GLY E 29 25.22 -5.47 25.87
N SER E 30 26.43 -6.01 25.89
CA SER E 30 27.63 -5.22 25.62
C SER E 30 27.77 -4.81 24.15
N ILE E 31 28.23 -3.59 23.90
CA ILE E 31 28.36 -3.07 22.52
C ILE E 31 29.78 -2.70 22.08
N CYS E 32 30.26 -3.40 21.05
CA CYS E 32 31.62 -3.23 20.54
C CYS E 32 31.79 -2.14 19.50
N LYS E 33 32.92 -1.43 19.60
CA LYS E 33 33.33 -0.44 18.61
C LYS E 33 33.26 -1.00 17.20
N GLY E 34 32.54 -0.32 16.33
CA GLY E 34 32.42 -0.75 14.96
C GLY E 34 31.32 -1.78 14.76
N GLN E 35 31.43 -2.90 15.43
CA GLN E 35 30.53 -4.04 15.16
C GLN E 35 29.08 -3.61 14.92
N GLN E 36 28.46 -4.09 13.81
CA GLN E 36 27.05 -3.77 13.41
C GLN E 36 26.21 -3.53 14.65
N LEU E 37 25.34 -2.53 14.65
CA LEU E 37 23.95 -2.80 15.01
C LEU E 37 22.77 -2.78 14.02
N VAL E 38 21.57 -2.98 14.57
CA VAL E 38 20.31 -2.71 13.90
C VAL E 38 19.37 -1.94 14.80
N MET E 39 18.62 -1.00 14.23
CA MET E 39 17.78 -0.07 15.00
C MET E 39 16.32 -0.47 15.05
N MET E 40 15.52 0.32 15.77
CA MET E 40 14.12 -0.02 16.00
C MET E 40 13.19 1.07 15.50
N PRO E 41 11.88 0.83 15.62
CA PRO E 41 11.28 -0.40 15.13
C PRO E 41 11.31 -0.34 13.59
N ASN E 42 12.45 -0.65 13.00
CA ASN E 42 12.78 -0.23 11.66
C ASN E 42 13.70 -1.23 10.98
N LYS E 43 14.11 -2.25 11.72
CA LYS E 43 15.22 -3.10 11.29
C LYS E 43 16.22 -2.25 10.50
N HIS E 44 16.63 -1.11 11.04
CA HIS E 44 17.50 -0.22 10.27
C HIS E 44 19.01 -0.46 10.54
N ASN E 45 19.75 -0.76 9.47
CA ASN E 45 21.17 -1.11 9.56
C ASN E 45 22.07 0.02 10.01
N VAL E 46 23.05 -0.30 10.84
CA VAL E 46 23.96 0.71 11.32
C VAL E 46 25.20 0.13 12.01
N GLU E 47 26.34 0.75 11.75
CA GLU E 47 27.62 0.32 12.30
C GLU E 47 28.21 1.43 13.17
N VAL E 48 28.78 1.04 14.30
CA VAL E 48 29.41 1.98 15.20
C VAL E 48 30.65 2.64 14.57
N LEU E 49 30.91 3.90 14.90
CA LEU E 49 32.13 4.58 14.45
C LEU E 49 32.98 5.04 15.62
N GLY E 50 32.40 5.05 16.81
CA GLY E 50 33.09 5.59 17.98
C GLY E 50 32.18 5.70 19.17
N ILE E 51 32.70 5.27 20.31
CA ILE E 51 31.89 5.26 21.52
C ILE E 51 32.55 6.06 22.64
N LEU E 52 31.77 6.99 23.21
CA LEU E 52 32.16 7.76 24.38
C LEU E 52 31.29 7.39 25.58
N SER E 53 31.74 6.44 26.38
CA SER E 53 31.03 6.06 27.60
C SER E 53 31.42 7.02 28.69
N ASP E 54 30.49 7.26 29.63
CA ASP E 54 30.62 8.36 30.58
C ASP E 54 31.09 9.58 29.80
N ASP E 55 32.39 9.81 29.74
CA ASP E 55 32.91 10.87 28.87
C ASP E 55 33.95 10.42 27.86
N VAL E 56 35.11 10.01 28.35
CA VAL E 56 36.18 9.48 27.48
C VAL E 56 35.64 8.51 26.42
N GLU E 57 36.52 7.98 25.56
CA GLU E 57 36.10 6.97 24.59
C GLU E 57 36.30 5.56 25.14
N THR E 58 35.53 4.59 24.64
CA THR E 58 35.82 3.19 24.92
C THR E 58 35.78 2.44 23.59
N ASP E 59 36.05 1.14 23.62
CA ASP E 59 35.94 0.31 22.43
C ASP E 59 34.87 -0.71 22.69
N THR E 60 35.05 -1.47 23.75
CA THR E 60 33.98 -2.29 24.26
C THR E 60 33.28 -1.47 25.33
N VAL E 61 31.96 -1.62 25.45
CA VAL E 61 31.24 -0.94 26.52
C VAL E 61 30.03 -1.75 26.96
N ALA E 62 29.97 -2.05 28.25
CA ALA E 62 28.93 -2.92 28.80
C ALA E 62 27.86 -2.11 29.52
N PRO E 63 26.68 -2.72 29.69
CA PRO E 63 25.50 -2.11 30.30
C PRO E 63 25.81 -1.22 31.51
N GLY E 64 25.13 -0.09 31.61
CA GLY E 64 25.28 0.81 32.74
C GLY E 64 25.89 2.15 32.37
N GLU E 65 26.71 2.15 31.32
CA GLU E 65 27.48 3.33 30.92
C GLU E 65 26.68 4.33 30.08
N ASN E 66 26.91 5.61 30.31
CA ASN E 66 26.22 6.61 29.52
C ASN E 66 26.83 6.83 28.15
N LEU E 67 26.15 6.36 27.11
CA LEU E 67 26.74 6.29 25.77
C LEU E 67 26.48 7.46 24.84
N LYS E 68 27.46 7.74 23.98
CA LYS E 68 27.39 8.79 22.97
C LYS E 68 28.09 8.30 21.70
N ILE E 69 27.34 7.62 20.83
CA ILE E 69 27.93 6.88 19.70
C ILE E 69 27.88 7.61 18.36
N ARG E 70 29.00 7.61 17.64
CA ARG E 70 28.99 8.10 16.28
C ARG E 70 28.55 6.92 15.45
N LEU E 71 27.48 7.06 14.67
CA LEU E 71 26.97 5.96 13.86
C LEU E 71 27.23 6.15 12.37
N LYS E 72 27.13 5.06 11.62
CA LYS E 72 27.23 5.11 10.15
C LYS E 72 26.10 4.26 9.56
N GLY E 73 25.15 4.90 8.89
CA GLY E 73 23.94 4.20 8.48
C GLY E 73 23.20 4.84 7.32
N ILE E 74 22.01 4.30 7.02
CA ILE E 74 21.26 4.59 5.78
C ILE E 74 20.51 5.96 5.75
N GLU E 75 19.75 6.28 6.81
CA GLU E 75 19.07 7.59 6.97
C GLU E 75 19.39 8.22 8.32
N GLU E 76 20.17 9.30 8.30
CA GLU E 76 20.93 9.71 9.52
C GLU E 76 20.53 11.03 10.24
N GLU E 77 19.22 11.18 10.44
CA GLU E 77 18.57 12.26 11.17
C GLU E 77 17.09 11.90 11.01
N GLU E 78 16.89 10.77 10.34
CA GLU E 78 15.65 10.04 10.35
C GLU E 78 15.68 9.12 11.56
N ILE E 79 16.15 9.64 12.69
CA ILE E 79 16.36 8.81 13.87
C ILE E 79 15.74 9.47 15.10
N LEU E 80 14.79 8.79 15.72
CA LEU E 80 13.92 9.44 16.73
C LEU E 80 14.20 9.06 18.19
N PRO E 81 14.15 10.04 19.09
CA PRO E 81 14.36 9.66 20.46
C PRO E 81 13.27 8.69 20.84
N GLY E 82 13.63 7.44 21.10
CA GLY E 82 12.67 6.41 21.44
C GLY E 82 12.86 5.13 20.65
N PHE E 83 13.93 5.06 19.88
CA PHE E 83 14.32 3.82 19.23
C PHE E 83 15.37 3.20 20.13
N ILE E 84 15.31 1.89 20.33
CA ILE E 84 16.45 1.13 20.88
C ILE E 84 17.34 0.90 19.64
N LEU E 85 18.63 1.18 19.65
CA LEU E 85 19.65 0.14 19.46
C LEU E 85 19.60 -1.29 19.96
N CYS E 86 19.35 -2.23 19.03
CA CYS E 86 19.34 -3.66 19.35
C CYS E 86 20.36 -4.48 18.55
N ASP E 87 20.17 -5.81 18.58
CA ASP E 87 21.07 -6.77 17.91
C ASP E 87 20.66 -7.15 16.49
N PRO E 88 21.64 -7.52 15.66
CA PRO E 88 21.43 -7.65 14.20
C PRO E 88 20.14 -8.31 13.57
N ASN E 89 19.89 -9.64 13.54
CA ASN E 89 20.19 -10.71 14.52
C ASN E 89 19.14 -10.65 15.65
N ASN E 90 19.18 -11.57 16.62
CA ASN E 90 18.15 -11.63 17.66
C ASN E 90 17.92 -10.31 18.42
N LEU E 91 16.95 -9.53 17.92
CA LEU E 91 16.66 -8.16 18.36
C LEU E 91 15.41 -8.06 19.23
N CYS E 92 14.57 -7.07 18.93
CA CYS E 92 13.57 -6.57 19.85
C CYS E 92 12.18 -6.53 19.22
N HIS E 93 11.19 -6.94 20.00
CA HIS E 93 9.82 -6.91 19.54
C HIS E 93 9.38 -5.47 19.56
N SER E 94 8.27 -5.20 18.87
CA SER E 94 7.78 -3.85 18.74
C SER E 94 6.28 -3.88 18.71
N GLY E 95 5.65 -2.76 19.00
CA GLY E 95 4.20 -2.77 19.05
C GLY E 95 3.42 -1.85 18.15
N ARG E 96 2.12 -1.97 18.29
CA ARG E 96 1.29 -0.82 18.58
C ARG E 96 0.28 -1.21 19.67
N THR E 97 0.12 -2.51 19.96
CA THR E 97 -0.94 -2.93 20.90
C THR E 97 -0.49 -3.84 22.06
N PHE E 98 -1.04 -3.62 23.26
CA PHE E 98 -0.69 -4.42 24.46
C PHE E 98 -1.65 -4.25 25.65
N ASP E 99 -1.76 -5.30 26.48
CA ASP E 99 -2.56 -5.25 27.72
C ASP E 99 -1.60 -5.01 28.89
N ALA E 100 -2.03 -4.28 29.92
CA ALA E 100 -1.08 -3.87 30.96
C ALA E 100 -1.70 -3.46 32.29
N GLN E 101 -0.94 -3.62 33.38
CA GLN E 101 -1.48 -3.32 34.70
C GLN E 101 -1.24 -1.87 35.03
N ILE E 102 -2.34 -1.18 35.30
CA ILE E 102 -2.32 0.27 35.46
C ILE E 102 -2.85 0.68 36.81
N VAL E 103 -2.42 1.84 37.33
CA VAL E 103 -2.72 2.17 38.71
C VAL E 103 -2.87 3.62 39.22
N ILE E 104 -4.05 4.12 39.51
CA ILE E 104 -4.57 5.23 38.77
C ILE E 104 -4.25 6.19 39.94
N ILE E 105 -3.07 6.83 39.91
CA ILE E 105 -2.65 7.82 40.94
C ILE E 105 -3.23 9.11 40.37
N GLU E 106 -2.51 10.24 40.31
CA GLU E 106 -3.01 11.54 40.84
C GLU E 106 -3.77 11.61 39.49
N HIS E 107 -5.07 11.35 39.46
CA HIS E 107 -6.01 12.09 38.74
C HIS E 107 -6.40 13.57 38.87
N LYS E 108 -7.55 13.81 39.50
CA LYS E 108 -8.25 12.73 40.21
C LYS E 108 -9.75 12.73 39.85
N SER E 109 -10.09 12.26 38.66
CA SER E 109 -11.47 12.30 38.16
C SER E 109 -11.99 10.93 37.68
N ILE E 110 -11.89 10.64 36.39
CA ILE E 110 -12.18 9.30 35.91
C ILE E 110 -11.16 8.90 34.86
N ILE E 111 -11.28 7.63 34.49
CA ILE E 111 -11.00 7.15 33.17
C ILE E 111 -12.00 6.08 32.86
N CYS E 112 -12.73 6.21 31.75
CA CYS E 112 -13.16 4.99 31.07
C CYS E 112 -12.56 4.80 29.68
N PRO E 113 -12.80 3.62 29.10
CA PRO E 113 -12.29 3.23 27.79
C PRO E 113 -12.35 4.39 26.83
N GLY E 114 -11.31 4.56 26.02
CA GLY E 114 -11.25 5.63 25.04
C GLY E 114 -10.59 6.87 25.61
N TYR E 115 -10.07 6.73 26.83
CA TYR E 115 -9.30 7.80 27.45
C TYR E 115 -7.99 7.89 26.68
N ASN E 116 -7.48 9.11 26.54
CA ASN E 116 -6.17 9.33 25.91
C ASN E 116 -5.15 9.95 26.87
N ALA E 117 -3.87 9.77 26.55
CA ALA E 117 -2.82 10.41 27.31
C ALA E 117 -1.51 10.21 26.58
N VAL E 118 -0.43 10.68 27.19
CA VAL E 118 0.88 10.49 26.62
C VAL E 118 1.60 9.31 27.28
N LEU E 119 2.36 8.56 26.51
CA LEU E 119 2.95 7.34 27.02
C LEU E 119 4.47 7.44 27.15
N HIS E 120 4.97 7.50 28.39
CA HIS E 120 6.41 7.39 28.60
C HIS E 120 6.72 5.93 28.92
N ILE E 121 7.53 5.27 28.09
CA ILE E 121 8.07 3.96 28.43
C ILE E 121 9.58 4.08 28.56
N HIS E 122 10.34 3.61 27.59
CA HIS E 122 11.77 3.85 27.69
C HIS E 122 12.08 5.26 27.23
N THR E 123 12.82 5.42 26.14
CA THR E 123 13.01 6.77 25.62
C THR E 123 11.77 7.22 24.81
N CYS E 124 11.16 6.30 24.07
CA CYS E 124 9.87 6.51 23.43
C CYS E 124 8.96 7.42 24.23
N ILE E 125 8.19 8.25 23.55
CA ILE E 125 7.24 9.09 24.24
C ILE E 125 6.04 9.37 23.34
N GLU E 126 5.25 8.33 23.11
CA GLU E 126 4.23 8.34 22.09
C GLU E 126 2.84 8.67 22.61
N GLU E 127 2.01 9.20 21.71
CA GLU E 127 0.62 9.45 22.03
C GLU E 127 -0.01 8.07 22.18
N VAL E 128 -1.03 7.93 23.03
CA VAL E 128 -1.62 6.62 23.27
C VAL E 128 -3.03 6.71 23.82
N GLU E 129 -3.84 5.67 23.59
CA GLU E 129 -5.20 5.57 24.13
C GLU E 129 -5.45 4.22 24.75
N ILE E 130 -6.19 4.19 25.84
CA ILE E 130 -6.64 2.91 26.40
C ILE E 130 -7.95 2.50 25.71
N THR E 131 -7.89 1.40 24.97
CA THR E 131 -9.05 0.88 24.26
C THR E 131 -10.11 0.46 25.28
N ALA E 132 -10.06 -0.80 25.70
CA ALA E 132 -10.93 -1.30 26.77
C ALA E 132 -10.17 -1.63 28.05
N LEU E 133 -10.88 -1.67 29.17
CA LEU E 133 -10.25 -2.08 30.43
C LEU E 133 -10.75 -3.47 30.86
N ILE E 134 -9.81 -4.39 31.08
CA ILE E 134 -10.14 -5.80 31.34
C ILE E 134 -10.63 -6.08 32.77
N CYS E 135 -9.77 -6.64 33.61
CA CYS E 135 -10.11 -6.85 35.01
C CYS E 135 -9.67 -5.66 35.85
N LEU E 136 -10.42 -5.42 36.92
CA LEU E 136 -10.01 -4.46 37.93
C LEU E 136 -9.30 -5.20 39.08
N VAL E 137 -7.97 -5.28 39.07
CA VAL E 137 -7.27 -6.06 40.10
C VAL E 137 -7.35 -5.48 41.53
N ASP E 138 -7.85 -6.28 42.46
CA ASP E 138 -7.96 -5.89 43.86
C ASP E 138 -6.57 -5.83 44.50
N LYS E 139 -6.48 -5.14 45.63
CA LYS E 139 -5.26 -5.15 46.46
C LYS E 139 -5.31 -6.31 47.48
N LYS E 140 -6.44 -7.00 47.50
CA LYS E 140 -6.55 -8.19 48.32
C LYS E 140 -5.97 -9.37 47.56
N SER E 141 -5.01 -10.07 48.17
CA SER E 141 -4.46 -11.32 47.64
C SER E 141 -4.21 -11.25 46.13
N GLY E 142 -3.94 -10.05 45.62
CA GLY E 142 -3.66 -9.86 44.20
C GLY E 142 -4.78 -10.26 43.26
N GLU E 143 -5.96 -10.47 43.83
CA GLU E 143 -7.12 -11.02 43.12
C GLU E 143 -7.59 -10.20 41.93
N LYS E 144 -7.62 -10.81 40.75
CA LYS E 144 -8.15 -10.15 39.58
C LYS E 144 -9.65 -9.95 39.76
N SER E 145 -10.23 -9.13 38.90
CA SER E 145 -11.66 -8.87 38.95
C SER E 145 -12.35 -10.01 38.23
N LYS E 146 -13.52 -9.72 37.69
CA LYS E 146 -14.34 -10.77 37.10
C LYS E 146 -14.93 -10.32 35.78
N THR E 147 -15.79 -9.32 35.82
CA THR E 147 -16.25 -8.65 34.60
C THR E 147 -15.60 -7.28 34.45
N ARG E 148 -15.56 -6.79 33.22
CA ARG E 148 -14.97 -5.49 32.91
C ARG E 148 -15.77 -4.35 33.54
N PRO E 149 -15.07 -3.33 34.11
CA PRO E 149 -15.80 -2.15 34.58
C PRO E 149 -16.00 -1.23 33.40
N ARG E 150 -16.90 -0.26 33.52
CA ARG E 150 -17.02 0.75 32.49
C ARG E 150 -15.86 1.68 32.69
N PHE E 151 -15.56 1.95 33.96
CA PHE E 151 -14.56 2.95 34.26
C PHE E 151 -13.63 2.55 35.39
N VAL E 152 -12.60 3.35 35.61
CA VAL E 152 -11.65 3.08 36.68
C VAL E 152 -11.35 4.38 37.43
N LYS E 153 -11.71 4.41 38.71
CA LYS E 153 -11.58 5.60 39.56
C LYS E 153 -10.13 5.80 39.98
N GLN E 154 -9.88 6.84 40.74
CA GLN E 154 -8.53 7.12 41.22
C GLN E 154 -8.15 6.09 42.27
N ASP E 155 -6.85 5.92 42.50
CA ASP E 155 -6.36 4.98 43.51
C ASP E 155 -6.68 3.52 43.22
N GLN E 156 -7.37 3.26 42.12
CA GLN E 156 -7.76 1.90 41.77
C GLN E 156 -6.63 1.24 41.01
N VAL E 157 -6.81 -0.02 40.63
CA VAL E 157 -5.80 -0.73 39.88
C VAL E 157 -6.52 -1.54 38.82
N CYS E 158 -5.92 -1.73 37.66
CA CYS E 158 -6.52 -2.62 36.68
C CYS E 158 -5.57 -3.02 35.58
N ILE E 159 -6.05 -3.89 34.72
CA ILE E 159 -5.35 -4.27 33.51
C ILE E 159 -6.20 -3.79 32.36
N ALA E 160 -5.57 -3.15 31.38
CA ALA E 160 -6.30 -2.54 30.25
C ALA E 160 -5.53 -2.66 28.95
N ARG E 161 -6.21 -2.46 27.83
CA ARG E 161 -5.58 -2.57 26.53
C ARG E 161 -5.29 -1.18 25.98
N LEU E 162 -4.15 -1.04 25.29
CA LEU E 162 -3.61 0.27 24.93
C LEU E 162 -3.11 0.30 23.48
N ARG E 163 -3.44 1.38 22.76
CA ARG E 163 -2.94 1.57 21.41
C ARG E 163 -1.96 2.73 21.31
N THR E 164 -0.76 2.48 20.80
CA THR E 164 0.13 3.58 20.51
C THR E 164 -0.33 4.21 19.22
N ALA E 165 -0.01 5.49 19.05
CA ALA E 165 -0.32 6.17 17.81
C ALA E 165 0.21 5.34 16.65
N GLY E 166 1.52 5.36 16.48
CA GLY E 166 2.16 4.58 15.44
C GLY E 166 2.75 3.29 15.97
N THR E 167 4.03 3.33 16.30
CA THR E 167 4.77 2.14 16.70
C THR E 167 5.67 2.47 17.89
N ILE E 168 5.66 1.61 18.89
CA ILE E 168 6.64 1.64 20.00
C ILE E 168 7.59 0.46 19.77
N CYS E 169 8.83 0.53 20.26
CA CYS E 169 9.60 -0.71 20.37
C CYS E 169 9.42 -1.20 21.79
N LEU E 170 8.74 -2.34 21.91
CA LEU E 170 8.13 -2.74 23.16
C LEU E 170 8.69 -4.06 23.69
N GLU E 171 8.76 -4.17 25.01
CA GLU E 171 8.92 -5.45 25.67
C GLU E 171 8.08 -5.47 26.95
N THR E 172 7.66 -6.65 27.39
CA THR E 172 6.82 -6.77 28.57
C THR E 172 7.62 -6.65 29.86
N PHE E 173 7.05 -5.96 30.84
CA PHE E 173 7.72 -5.76 32.11
C PHE E 173 8.25 -7.08 32.64
N LYS E 174 7.38 -8.08 32.63
CA LYS E 174 7.74 -9.38 33.17
C LYS E 174 8.83 -10.03 32.31
N ASP E 175 9.13 -9.40 31.19
CA ASP E 175 10.30 -9.79 30.41
C ASP E 175 11.44 -8.83 30.74
N PHE E 176 11.80 -7.93 29.82
CA PHE E 176 12.84 -6.91 30.07
C PHE E 176 12.17 -5.62 30.59
N PRO E 177 12.20 -5.40 31.91
CA PRO E 177 11.38 -4.39 32.61
C PRO E 177 11.83 -2.95 32.37
N GLN E 178 13.07 -2.75 31.94
CA GLN E 178 13.51 -1.42 31.57
C GLN E 178 12.73 -0.94 30.32
N MET E 179 12.24 -1.89 29.54
CA MET E 179 11.42 -1.59 28.39
C MET E 179 9.97 -1.77 28.77
N GLY E 180 9.69 -1.73 30.07
CA GLY E 180 8.38 -2.15 30.54
C GLY E 180 7.66 -1.15 31.38
N ARG E 181 8.27 -0.75 32.48
CA ARG E 181 7.60 0.16 33.40
C ARG E 181 7.31 1.48 32.68
N PHE E 182 6.02 1.76 32.47
CA PHE E 182 5.62 2.97 31.75
C PHE E 182 4.66 3.85 32.55
N THR E 183 4.44 5.06 32.07
CA THR E 183 3.61 6.02 32.80
C THR E 183 2.66 6.77 31.88
N LEU E 184 1.38 6.78 32.24
CA LEU E 184 0.38 7.59 31.53
C LEU E 184 0.36 9.01 32.05
N ARG E 185 1.08 9.88 31.35
CA ARG E 185 1.20 11.29 31.70
C ARG E 185 0.20 12.10 30.89
N ASP E 186 -0.71 12.79 31.59
CA ASP E 186 -1.68 13.65 30.92
C ASP E 186 -1.60 15.05 31.51
N GLU E 187 -1.48 16.06 30.67
CA GLU E 187 -1.11 17.41 31.12
C GLU E 187 0.25 17.36 31.82
N GLY E 188 0.27 17.81 33.07
CA GLY E 188 1.47 17.68 33.89
C GLY E 188 1.35 16.45 34.75
N LYS E 189 0.39 16.49 35.68
CA LYS E 189 0.02 15.37 36.54
C LYS E 189 0.30 14.00 35.87
N THR E 190 1.06 13.14 36.56
CA THR E 190 1.30 11.79 36.05
C THR E 190 0.10 10.96 36.41
N ILE E 191 -0.95 11.06 35.59
CA ILE E 191 -2.26 10.55 35.99
C ILE E 191 -2.28 9.07 36.41
N ALA E 192 -1.29 8.29 35.98
CA ALA E 192 -1.25 6.87 36.35
C ALA E 192 0.09 6.15 36.12
N ILE E 193 0.22 4.95 36.71
CA ILE E 193 1.42 4.12 36.53
C ILE E 193 1.21 2.75 35.87
N GLY E 194 1.90 2.52 34.75
CA GLY E 194 1.67 1.33 33.92
C GLY E 194 2.79 0.29 33.87
N LYS E 195 2.39 -0.96 33.68
CA LYS E 195 3.29 -2.09 33.69
C LYS E 195 2.83 -3.09 32.63
N VAL E 196 3.60 -3.22 31.56
CA VAL E 196 3.21 -4.01 30.40
C VAL E 196 3.24 -5.51 30.64
N LEU E 197 2.11 -6.16 30.37
CA LEU E 197 1.97 -7.60 30.61
C LEU E 197 1.91 -8.39 29.32
N LYS E 198 0.89 -8.13 28.50
CA LYS E 198 0.65 -8.91 27.29
C LYS E 198 0.79 -8.06 26.02
N LEU E 199 1.78 -8.40 25.18
CA LEU E 199 1.95 -7.68 23.92
C LEU E 199 1.12 -8.33 22.82
N VAL E 200 0.11 -7.62 22.32
CA VAL E 200 -0.81 -8.19 21.32
C VAL E 200 -0.73 -7.52 19.95
N PRO E 201 -0.28 -8.26 18.93
CA PRO E 201 0.42 -9.52 19.13
C PRO E 201 1.96 -9.34 19.06
N ILE F 7 17.86 -19.75 -17.17
CA ILE F 7 16.98 -20.78 -17.81
C ILE F 7 15.51 -20.32 -17.99
N ARG F 8 14.83 -20.89 -18.97
CA ARG F 8 13.52 -20.38 -19.39
C ARG F 8 12.48 -21.45 -19.80
N LEU F 9 11.38 -21.52 -19.05
CA LEU F 9 10.22 -22.32 -19.42
C LEU F 9 8.95 -21.49 -19.29
N PRO F 10 8.43 -21.04 -20.43
CA PRO F 10 7.11 -20.47 -20.65
C PRO F 10 6.02 -21.50 -20.38
N ILE F 11 5.20 -21.20 -19.39
CA ILE F 11 4.11 -22.06 -18.96
C ILE F 11 2.90 -21.86 -19.85
N VAL F 12 2.48 -22.92 -20.55
CA VAL F 12 1.29 -22.85 -21.39
C VAL F 12 0.07 -23.34 -20.63
N ASP F 13 0.26 -24.33 -19.76
CA ASP F 13 -0.87 -24.91 -19.05
C ASP F 13 -0.66 -25.28 -17.58
N LYS F 14 -1.77 -25.24 -16.87
CA LYS F 14 -1.84 -25.29 -15.44
C LYS F 14 -2.78 -26.43 -15.09
N TYR F 15 -2.55 -27.17 -14.02
CA TYR F 15 -3.64 -28.02 -13.53
C TYR F 15 -3.34 -28.85 -12.29
N LYS F 16 -4.38 -29.15 -11.53
CA LYS F 16 -4.28 -29.98 -10.35
C LYS F 16 -4.71 -31.40 -10.72
N ASP F 17 -3.73 -32.25 -10.97
CA ASP F 17 -3.97 -33.66 -11.26
C ASP F 17 -3.43 -34.57 -10.12
N MET F 18 -2.21 -35.05 -10.31
CA MET F 18 -1.50 -35.76 -9.27
C MET F 18 -0.64 -34.70 -8.62
N GLY F 19 -1.29 -33.80 -7.87
CA GLY F 19 -0.62 -32.62 -7.34
C GLY F 19 -0.68 -31.47 -8.34
N THR F 20 0.22 -30.49 -8.20
CA THR F 20 0.25 -29.38 -9.14
C THR F 20 1.08 -29.73 -10.37
N VAL F 21 0.57 -29.39 -11.56
CA VAL F 21 1.29 -29.67 -12.80
C VAL F 21 1.34 -28.45 -13.71
N VAL F 22 2.35 -28.41 -14.58
CA VAL F 22 2.54 -27.29 -15.48
C VAL F 22 3.05 -27.81 -16.82
N LEU F 23 2.53 -27.27 -17.92
CA LEU F 23 3.03 -27.64 -19.24
C LEU F 23 3.60 -26.47 -20.03
N GLY F 24 4.71 -26.73 -20.72
CA GLY F 24 5.39 -25.73 -21.56
C GLY F 24 6.54 -26.27 -22.42
N LYS F 25 7.19 -25.38 -23.16
CA LYS F 25 8.38 -25.78 -23.91
C LYS F 25 9.61 -25.22 -23.19
N LEU F 26 10.65 -26.03 -23.06
CA LEU F 26 11.88 -25.62 -22.37
C LEU F 26 12.78 -24.77 -23.26
N GLU F 27 12.53 -23.46 -23.30
CA GLU F 27 13.14 -22.56 -24.27
C GLU F 27 14.61 -22.22 -24.06
N SER F 28 15.16 -22.56 -22.89
CA SER F 28 16.54 -22.16 -22.56
C SER F 28 16.96 -22.69 -21.19
N GLY F 29 18.17 -23.23 -21.11
CA GLY F 29 18.71 -23.71 -19.84
C GLY F 29 18.14 -25.06 -19.44
N SER F 30 19.03 -26.01 -19.16
CA SER F 30 18.61 -27.35 -18.78
C SER F 30 17.98 -27.42 -17.37
N ILE F 31 16.95 -28.26 -17.21
CA ILE F 31 16.25 -28.36 -15.92
C ILE F 31 16.28 -29.74 -15.27
N CYS F 32 16.86 -29.80 -14.07
CA CYS F 32 17.02 -31.06 -13.34
C CYS F 32 15.87 -31.44 -12.43
N LYS F 33 15.60 -32.74 -12.41
CA LYS F 33 14.62 -33.35 -11.51
C LYS F 33 14.84 -32.89 -10.08
N GLY F 34 13.80 -32.33 -9.47
CA GLY F 34 13.89 -31.87 -8.09
C GLY F 34 14.46 -30.48 -7.95
N GLN F 35 15.69 -30.29 -8.44
CA GLN F 35 16.40 -29.02 -8.19
C GLN F 35 15.51 -27.78 -8.31
N GLN F 36 15.53 -26.90 -7.28
CA GLN F 36 14.72 -25.64 -7.21
C GLN F 36 14.45 -25.13 -8.62
N LEU F 37 13.26 -24.66 -8.92
CA LEU F 37 13.13 -23.33 -9.52
C LEU F 37 12.57 -22.10 -8.78
N VAL F 38 12.46 -21.00 -9.52
CA VAL F 38 11.69 -19.83 -9.15
C VAL F 38 10.84 -19.34 -10.34
N MET F 39 9.62 -18.90 -10.05
CA MET F 39 8.65 -18.56 -11.09
C MET F 39 8.55 -17.06 -11.37
N MET F 40 7.70 -16.69 -12.32
CA MET F 40 7.62 -15.30 -12.76
C MET F 40 6.22 -14.76 -12.66
N PRO F 41 6.05 -13.48 -12.99
CA PRO F 41 6.89 -12.44 -12.43
C PRO F 41 6.54 -12.31 -10.95
N ASN F 42 6.87 -13.33 -10.17
CA ASN F 42 6.64 -13.26 -8.73
C ASN F 42 7.68 -13.88 -7.83
N LYS F 43 8.91 -13.98 -8.31
CA LYS F 43 9.96 -14.65 -7.56
C LYS F 43 9.31 -15.74 -6.71
N HIS F 44 8.47 -16.58 -7.33
CA HIS F 44 7.75 -17.58 -6.55
C HIS F 44 8.48 -18.93 -6.46
N ASN F 45 8.79 -19.37 -5.23
CA ASN F 45 9.60 -20.57 -5.00
C ASN F 45 8.92 -21.87 -5.40
N VAL F 46 9.70 -22.78 -5.95
CA VAL F 46 9.14 -24.05 -6.40
C VAL F 46 10.21 -25.10 -6.76
N GLU F 47 9.94 -26.34 -6.36
CA GLU F 47 10.86 -27.44 -6.59
C GLU F 47 10.19 -28.49 -7.47
N VAL F 48 10.95 -29.04 -8.40
CA VAL F 48 10.45 -30.08 -9.29
C VAL F 48 10.13 -31.37 -8.54
N LEU F 49 9.09 -32.08 -8.98
CA LEU F 49 8.75 -33.39 -8.39
C LEU F 49 8.83 -34.50 -9.42
N GLY F 50 8.85 -34.12 -10.70
CA GLY F 50 8.83 -35.12 -11.76
C GLY F 50 8.68 -34.47 -13.11
N ILE F 51 9.45 -34.96 -14.06
CA ILE F 51 9.45 -34.37 -15.39
C ILE F 51 9.12 -35.41 -16.46
N LEU F 52 8.13 -35.09 -17.29
CA LEU F 52 7.76 -35.89 -18.46
C LEU F 52 8.05 -35.11 -19.76
N SER F 53 9.24 -35.30 -20.31
CA SER F 53 9.61 -34.69 -21.58
C SER F 53 9.06 -35.53 -22.71
N ASP F 54 8.72 -34.89 -23.82
CA ASP F 54 7.93 -35.52 -24.88
C ASP F 54 6.80 -36.27 -24.19
N ASP F 55 6.99 -37.56 -23.92
CA ASP F 55 6.00 -38.29 -23.11
C ASP F 55 6.55 -38.96 -21.88
N VAL F 56 7.40 -39.97 -22.06
CA VAL F 56 8.07 -40.64 -20.92
C VAL F 56 8.58 -39.66 -19.88
N GLU F 57 9.18 -40.17 -18.80
CA GLU F 57 9.79 -39.30 -17.78
C GLU F 57 11.28 -39.07 -18.09
N THR F 58 11.82 -37.95 -17.62
CA THR F 58 13.28 -37.78 -17.63
C THR F 58 13.69 -37.30 -16.25
N ASP F 59 14.99 -37.10 -16.04
CA ASP F 59 15.51 -36.55 -14.80
C ASP F 59 16.16 -35.24 -15.12
N THR F 60 17.12 -35.30 -16.02
CA THR F 60 17.65 -34.10 -16.60
C THR F 60 16.87 -33.88 -17.89
N VAL F 61 16.61 -32.62 -18.23
CA VAL F 61 15.96 -32.32 -19.50
C VAL F 61 16.41 -30.97 -20.07
N ALA F 62 16.95 -31.01 -21.29
CA ALA F 62 17.53 -29.82 -21.91
C ALA F 62 16.58 -29.20 -22.94
N PRO F 63 16.80 -27.91 -23.26
CA PRO F 63 15.98 -27.11 -24.16
C PRO F 63 15.50 -27.88 -25.40
N GLY F 64 14.25 -27.65 -25.78
CA GLY F 64 13.68 -28.27 -26.97
C GLY F 64 12.56 -29.23 -26.67
N GLU F 65 12.61 -29.85 -25.49
CA GLU F 65 11.67 -30.91 -25.12
C GLU F 65 10.33 -30.41 -24.58
N ASN F 66 9.26 -31.09 -24.95
CA ASN F 66 7.95 -30.67 -24.45
C ASN F 66 7.68 -31.14 -23.03
N LEU F 67 7.71 -30.20 -22.08
CA LEU F 67 7.71 -30.55 -20.66
C LEU F 67 6.35 -30.59 -19.98
N LYS F 68 6.24 -31.48 -18.99
CA LYS F 68 5.04 -31.63 -18.16
C LYS F 68 5.47 -31.94 -16.73
N ILE F 69 5.70 -30.89 -15.94
CA ILE F 69 6.35 -31.02 -14.62
C ILE F 69 5.40 -31.05 -13.42
N ARG F 70 5.59 -31.99 -12.52
CA ARG F 70 4.87 -31.96 -11.26
C ARG F 70 5.66 -31.02 -10.36
N LEU F 71 5.02 -29.98 -9.84
CA LEU F 71 5.74 -29.01 -9.00
C LEU F 71 5.35 -29.12 -7.54
N LYS F 72 6.17 -28.54 -6.68
CA LYS F 72 5.88 -28.44 -5.24
C LYS F 72 6.19 -27.03 -4.78
N GLY F 73 5.17 -26.27 -4.40
CA GLY F 73 5.35 -24.85 -4.14
C GLY F 73 4.30 -24.22 -3.25
N ILE F 74 4.38 -22.90 -3.11
CA ILE F 74 3.61 -22.12 -2.10
C ILE F 74 2.11 -21.89 -2.40
N GLU F 75 1.78 -21.43 -3.62
CA GLU F 75 0.37 -21.28 -4.09
C GLU F 75 0.17 -21.99 -5.43
N GLU F 76 -0.59 -23.09 -5.41
CA GLU F 76 -0.50 -24.08 -6.49
C GLU F 76 -1.71 -24.27 -7.46
N GLU F 77 -2.24 -23.14 -7.91
CA GLU F 77 -3.30 -23.01 -8.90
C GLU F 77 -3.48 -21.50 -8.98
N GLU F 78 -2.61 -20.83 -8.22
CA GLU F 78 -2.32 -19.43 -8.37
C GLU F 78 -1.22 -19.31 -9.40
N ILE F 79 -1.34 -20.06 -10.50
CA ILE F 79 -0.27 -20.15 -11.49
C ILE F 79 -0.83 -19.98 -12.89
N LEU F 80 -0.39 -18.95 -13.60
CA LEU F 80 -1.08 -18.53 -14.83
C LEU F 80 -0.35 -18.85 -16.13
N PRO F 81 -1.09 -19.26 -17.15
CA PRO F 81 -0.41 -19.50 -18.41
C PRO F 81 0.22 -18.21 -18.84
N GLY F 82 1.55 -18.16 -18.84
CA GLY F 82 2.27 -16.95 -19.23
C GLY F 82 3.36 -16.57 -18.25
N PHE F 83 3.62 -17.42 -17.27
CA PHE F 83 4.76 -17.25 -16.40
C PHE F 83 5.85 -18.14 -16.97
N ILE F 84 7.09 -17.66 -17.00
CA ILE F 84 8.26 -18.52 -17.20
C ILE F 84 8.51 -19.11 -15.80
N LEU F 85 8.66 -20.41 -15.60
CA LEU F 85 9.91 -20.97 -15.09
C LEU F 85 11.32 -20.50 -15.38
N CYS F 86 11.91 -19.83 -14.40
CA CYS F 86 13.30 -19.36 -14.50
C CYS F 86 14.23 -19.90 -13.41
N ASP F 87 15.40 -19.27 -13.28
CA ASP F 87 16.46 -19.69 -12.34
C ASP F 87 16.41 -18.97 -10.99
N PRO F 88 16.91 -19.64 -9.93
CA PRO F 88 16.68 -19.21 -8.55
C PRO F 88 16.75 -17.70 -8.11
N ASN F 89 17.91 -17.00 -7.95
CA ASN F 89 19.17 -17.04 -8.70
C ASN F 89 18.99 -16.26 -10.01
N ASN F 90 20.04 -16.10 -10.81
CA ASN F 90 19.96 -15.26 -12.03
C ASN F 90 18.81 -15.63 -13.00
N LEU F 91 17.65 -15.00 -12.80
CA LEU F 91 16.36 -15.21 -13.54
C LEU F 91 16.23 -14.00 -14.48
N CYS F 92 15.13 -13.25 -14.53
CA CYS F 92 14.26 -13.08 -15.69
C CYS F 92 13.61 -11.73 -15.41
N HIS F 93 13.86 -10.77 -16.28
CA HIS F 93 13.32 -9.43 -16.11
C HIS F 93 11.85 -9.50 -16.40
N SER F 94 11.12 -8.46 -16.03
CA SER F 94 9.68 -8.42 -16.17
C SER F 94 9.18 -7.01 -16.46
N GLY F 95 7.99 -6.93 -17.09
CA GLY F 95 7.35 -5.67 -17.54
C GLY F 95 6.45 -5.02 -16.50
N ARG F 96 5.93 -3.81 -16.71
CA ARG F 96 4.90 -3.50 -17.69
C ARG F 96 5.16 -2.58 -18.89
N THR F 97 6.34 -1.98 -19.01
CA THR F 97 6.54 -0.97 -20.06
C THR F 97 7.74 -1.25 -20.99
N PHE F 98 7.59 -0.97 -22.29
CA PHE F 98 8.67 -1.19 -23.28
C PHE F 98 8.44 -0.52 -24.65
N ASP F 99 9.54 -0.17 -25.32
CA ASP F 99 9.48 0.38 -26.69
C ASP F 99 9.78 -0.76 -27.67
N ALA F 100 9.17 -0.74 -28.86
CA ALA F 100 9.28 -1.90 -29.75
C ALA F 100 8.97 -1.66 -31.22
N GLN F 101 9.59 -2.45 -32.10
CA GLN F 101 9.39 -2.26 -33.52
C GLN F 101 8.20 -3.02 -34.00
N ILE F 102 7.25 -2.29 -34.56
CA ILE F 102 5.95 -2.83 -34.92
C ILE F 102 5.66 -2.66 -36.40
N VAL F 103 4.83 -3.54 -36.97
CA VAL F 103 4.70 -3.57 -38.43
C VAL F 103 3.40 -4.00 -39.14
N ILE F 104 2.61 -3.10 -39.71
CA ILE F 104 1.27 -2.89 -39.23
C ILE F 104 0.70 -3.70 -40.40
N ILE F 105 0.43 -4.99 -40.18
CA ILE F 105 -0.05 -5.86 -41.26
C ILE F 105 -1.55 -5.74 -41.38
N GLU F 106 -2.27 -6.86 -41.52
CA GLU F 106 -3.75 -6.84 -41.76
C GLU F 106 -4.21 -5.96 -40.59
N HIS F 107 -4.38 -4.68 -40.80
CA HIS F 107 -5.54 -3.93 -40.45
C HIS F 107 -7.02 -4.11 -40.86
N LYS F 108 -7.48 -3.21 -41.73
CA LYS F 108 -6.58 -2.28 -42.41
C LYS F 108 -7.12 -0.84 -42.36
N SER F 109 -7.02 -0.20 -41.20
CA SER F 109 -7.59 1.12 -40.99
C SER F 109 -6.58 2.15 -40.44
N ILE F 110 -6.54 2.34 -39.12
CA ILE F 110 -5.47 3.14 -38.53
C ILE F 110 -4.98 2.49 -37.26
N ILE F 111 -3.92 3.08 -36.74
CA ILE F 111 -3.64 3.16 -35.34
C ILE F 111 -3.02 4.51 -35.09
N CYS F 112 -3.60 5.29 -34.17
CA CYS F 112 -2.75 6.21 -33.42
C CYS F 112 -2.62 5.90 -31.93
N PRO F 113 -1.72 6.60 -31.25
CA PRO F 113 -1.45 6.46 -29.83
C PRO F 113 -2.73 6.25 -29.06
N GLY F 114 -2.71 5.33 -28.10
CA GLY F 114 -3.88 5.03 -27.29
C GLY F 114 -4.71 3.92 -27.88
N TYR F 115 -4.20 3.32 -28.95
CA TYR F 115 -4.82 2.15 -29.53
C TYR F 115 -4.65 1.02 -28.54
N ASN F 116 -5.62 0.12 -28.49
CA ASN F 116 -5.52 -1.07 -27.64
C ASN F 116 -5.58 -2.35 -28.46
N ALA F 117 -5.09 -3.44 -27.87
CA ALA F 117 -5.21 -4.75 -28.49
C ALA F 117 -4.76 -5.81 -27.50
N VAL F 118 -4.73 -7.05 -27.95
CA VAL F 118 -4.24 -8.12 -27.10
C VAL F 118 -2.79 -8.45 -27.45
N LEU F 119 -2.00 -8.79 -26.45
CA LEU F 119 -0.58 -9.00 -26.66
C LEU F 119 -0.18 -10.45 -26.51
N HIS F 120 0.17 -11.11 -27.61
CA HIS F 120 0.77 -12.43 -27.53
C HIS F 120 2.28 -12.26 -27.58
N ILE F 121 2.98 -12.68 -26.53
CA ILE F 121 4.45 -12.77 -26.58
C ILE F 121 4.82 -14.24 -26.40
N HIS F 122 5.31 -14.64 -25.25
CA HIS F 122 5.56 -16.06 -25.11
C HIS F 122 4.27 -16.79 -24.82
N THR F 123 4.14 -17.37 -23.63
CA THR F 123 2.85 -17.94 -23.29
C THR F 123 1.88 -16.85 -22.78
N CYS F 124 2.40 -15.86 -22.07
CA CYS F 124 1.66 -14.64 -21.71
C CYS F 124 0.68 -14.23 -22.79
N ILE F 125 -0.47 -13.72 -22.39
CA ILE F 125 -1.40 -13.20 -23.37
C ILE F 125 -2.23 -12.07 -22.79
N GLU F 126 -1.56 -10.94 -22.56
CA GLU F 126 -2.09 -9.85 -21.75
C GLU F 126 -2.72 -8.75 -22.57
N GLU F 127 -3.65 -8.04 -21.95
CA GLU F 127 -4.27 -6.88 -22.56
C GLU F 127 -3.17 -5.84 -22.64
N VAL F 128 -3.19 -4.96 -23.64
CA VAL F 128 -2.11 -3.98 -23.81
C VAL F 128 -2.54 -2.78 -24.64
N GLU F 129 -1.85 -1.64 -24.44
CA GLU F 129 -2.10 -0.42 -25.21
C GLU F 129 -0.80 0.21 -25.66
N ILE F 130 -0.79 0.75 -26.87
CA ILE F 130 0.36 1.53 -27.32
C ILE F 130 0.19 2.97 -26.86
N THR F 131 1.09 3.41 -25.98
CA THR F 131 1.07 4.77 -25.45
C THR F 131 1.32 5.74 -26.60
N ALA F 132 2.59 6.07 -26.82
CA ALA F 132 2.97 6.91 -27.95
C ALA F 132 3.77 6.13 -28.99
N LEU F 133 3.80 6.64 -30.22
CA LEU F 133 4.63 6.04 -31.26
C LEU F 133 5.85 6.92 -31.59
N ILE F 134 7.05 6.35 -31.47
CA ILE F 134 8.30 7.09 -31.60
C ILE F 134 8.69 7.47 -33.04
N CYS F 135 9.64 6.73 -33.62
CA CYS F 135 10.00 6.91 -35.01
C CYS F 135 9.21 6.00 -35.91
N LEU F 136 8.94 6.46 -37.13
CA LEU F 136 8.39 5.61 -38.17
C LEU F 136 9.53 5.05 -39.05
N VAL F 137 10.02 3.85 -38.77
CA VAL F 137 11.17 3.33 -39.52
C VAL F 137 10.88 3.00 -40.99
N ASP F 138 11.65 3.62 -41.89
CA ASP F 138 11.53 3.38 -43.33
C ASP F 138 12.03 1.99 -43.69
N LYS F 139 11.65 1.51 -44.87
CA LYS F 139 12.21 0.28 -45.43
C LYS F 139 13.45 0.58 -46.28
N LYS F 140 13.75 1.86 -46.42
CA LYS F 140 14.98 2.26 -47.07
C LYS F 140 16.11 2.24 -46.05
N SER F 141 17.17 1.50 -46.37
CA SER F 141 18.40 1.50 -45.57
C SER F 141 18.13 1.46 -44.06
N GLY F 142 17.01 0.86 -43.68
CA GLY F 142 16.63 0.73 -42.27
C GLY F 142 16.46 2.05 -41.52
N GLU F 143 16.41 3.14 -42.28
CA GLU F 143 16.41 4.50 -41.75
C GLU F 143 15.27 4.82 -40.80
N LYS F 144 15.60 5.21 -39.57
CA LYS F 144 14.60 5.65 -38.63
C LYS F 144 13.96 6.94 -39.12
N SER F 145 12.85 7.31 -38.51
CA SER F 145 12.16 8.53 -38.87
C SER F 145 12.85 9.67 -38.16
N LYS F 146 12.12 10.73 -37.91
CA LYS F 146 12.70 11.94 -37.35
C LYS F 146 11.84 12.50 -36.23
N THR F 147 10.64 12.95 -36.58
CA THR F 147 9.64 13.32 -35.58
C THR F 147 8.54 12.26 -35.49
N ARG F 148 7.86 12.21 -34.35
CA ARG F 148 6.79 11.26 -34.12
C ARG F 148 5.60 11.52 -35.05
N PRO F 149 4.98 10.44 -35.61
CA PRO F 149 3.75 10.65 -36.36
C PRO F 149 2.59 10.67 -35.37
N ARG F 150 1.43 11.17 -35.79
CA ARG F 150 0.26 11.06 -34.94
C ARG F 150 -0.19 9.62 -35.05
N PHE F 151 -0.11 9.08 -36.25
CA PHE F 151 -0.65 7.77 -36.49
C PHE F 151 0.23 6.91 -37.37
N VAL F 152 -0.15 5.64 -37.50
CA VAL F 152 0.61 4.70 -38.30
C VAL F 152 -0.34 3.87 -39.16
N LYS F 153 -0.24 4.02 -40.48
CA LYS F 153 -1.13 3.37 -41.43
C LYS F 153 -0.77 1.90 -41.60
N GLN F 154 -1.51 1.19 -42.44
CA GLN F 154 -1.26 -0.22 -42.68
C GLN F 154 0.04 -0.36 -43.46
N ASP F 155 0.64 -1.54 -43.41
CA ASP F 155 1.87 -1.82 -44.16
C ASP F 155 3.07 -0.97 -43.76
N GLN F 156 2.88 -0.09 -42.78
CA GLN F 156 3.95 0.79 -42.34
C GLN F 156 4.78 0.08 -41.29
N VAL F 157 5.81 0.75 -40.79
CA VAL F 157 6.64 0.16 -39.76
C VAL F 157 6.97 1.24 -38.77
N CYS F 158 7.10 0.91 -37.49
CA CYS F 158 7.53 1.91 -36.53
C CYS F 158 7.99 1.32 -35.22
N ILE F 159 8.49 2.19 -34.35
CA ILE F 159 8.83 1.83 -32.99
C ILE F 159 7.87 2.62 -32.10
N ALA F 160 7.28 1.93 -31.13
CA ALA F 160 6.28 2.54 -30.26
C ALA F 160 6.37 2.04 -28.81
N ARG F 161 5.77 2.78 -27.90
CA ARG F 161 5.81 2.41 -26.49
C ARG F 161 4.50 1.74 -26.09
N LEU F 162 4.61 0.74 -25.22
CA LEU F 162 3.49 -0.18 -24.94
C LEU F 162 3.33 -0.46 -23.43
N ARG F 163 2.09 -0.42 -22.95
CA ARG F 163 1.81 -0.77 -21.56
C ARG F 163 1.03 -2.07 -21.46
N THR F 164 1.53 -3.02 -20.67
CA THR F 164 0.74 -4.19 -20.37
C THR F 164 -0.26 -3.81 -19.29
N ALA F 165 -1.37 -4.53 -19.25
CA ALA F 165 -2.35 -4.31 -18.20
C ALA F 165 -1.65 -4.34 -16.86
N GLY F 166 -1.27 -5.55 -16.44
CA GLY F 166 -0.56 -5.73 -15.19
C GLY F 166 0.94 -5.91 -15.38
N THR F 167 1.37 -7.16 -15.48
CA THR F 167 2.78 -7.47 -15.57
C THR F 167 2.99 -8.58 -16.59
N ILE F 168 3.98 -8.42 -17.46
CA ILE F 168 4.49 -9.47 -18.34
C ILE F 168 5.85 -9.94 -17.78
N CYS F 169 6.28 -11.17 -18.03
CA CYS F 169 7.69 -11.48 -17.80
C CYS F 169 8.37 -11.33 -19.15
N LEU F 170 9.22 -10.32 -19.25
CA LEU F 170 9.65 -9.78 -20.53
C LEU F 170 11.15 -9.93 -20.74
N GLU F 171 11.53 -10.12 -22.00
CA GLU F 171 12.91 -9.94 -22.44
C GLU F 171 12.90 -9.32 -23.84
N THR F 172 13.95 -8.57 -24.17
CA THR F 172 14.04 -7.92 -25.48
C THR F 172 14.44 -8.88 -26.59
N PHE F 173 13.81 -8.74 -27.74
CA PHE F 173 14.08 -9.61 -28.88
C PHE F 173 15.56 -9.71 -29.10
N LYS F 174 16.23 -8.55 -29.13
CA LYS F 174 17.66 -8.50 -29.39
C LYS F 174 18.44 -9.18 -28.26
N ASP F 175 17.72 -9.52 -27.19
CA ASP F 175 18.29 -10.36 -26.16
C ASP F 175 17.83 -11.79 -26.39
N PHE F 176 16.93 -12.31 -25.56
CA PHE F 176 16.37 -13.66 -25.75
C PHE F 176 15.06 -13.57 -26.55
N PRO F 177 15.12 -13.86 -27.87
CA PRO F 177 14.07 -13.53 -28.83
C PRO F 177 12.82 -14.41 -28.71
N GLN F 178 12.95 -15.58 -28.08
CA GLN F 178 11.78 -16.40 -27.81
C GLN F 178 10.84 -15.67 -26.82
N MET F 179 11.41 -14.77 -26.03
CA MET F 179 10.64 -13.95 -25.11
C MET F 179 10.44 -12.59 -25.75
N GLY F 180 10.56 -12.52 -27.06
CA GLY F 180 10.64 -11.23 -27.72
C GLY F 180 9.63 -11.03 -28.82
N ARG F 181 9.69 -11.89 -29.83
CA ARG F 181 8.80 -11.70 -30.97
C ARG F 181 7.35 -11.79 -30.51
N PHE F 182 6.64 -10.67 -30.60
CA PHE F 182 5.25 -10.61 -30.14
C PHE F 182 4.28 -10.13 -31.23
N THR F 183 2.99 -10.29 -30.97
CA THR F 183 1.97 -9.97 -31.95
C THR F 183 0.79 -9.20 -31.35
N LEU F 184 0.45 -8.06 -31.95
CA LEU F 184 -0.75 -7.33 -31.57
C LEU F 184 -1.98 -7.87 -32.29
N ARG F 185 -2.69 -8.75 -31.59
CA ARG F 185 -3.89 -9.39 -32.09
C ARG F 185 -5.14 -8.63 -31.62
N ASP F 186 -5.92 -8.13 -32.57
CA ASP F 186 -7.15 -7.43 -32.24
C ASP F 186 -8.31 -8.07 -32.98
N GLU F 187 -9.39 -8.41 -32.27
CA GLU F 187 -10.42 -9.28 -32.83
C GLU F 187 -9.81 -10.62 -33.24
N GLY F 188 -9.98 -10.99 -34.51
CA GLY F 188 -9.33 -12.17 -35.06
C GLY F 188 -8.05 -11.75 -35.75
N LYS F 189 -8.21 -11.00 -36.86
CA LYS F 189 -7.12 -10.39 -37.61
C LYS F 189 -5.89 -10.08 -36.72
N THR F 190 -4.72 -10.57 -37.12
CA THR F 190 -3.49 -10.25 -36.39
C THR F 190 -3.02 -8.88 -36.84
N ILE F 191 -3.59 -7.83 -36.26
CA ILE F 191 -3.45 -6.50 -36.83
C ILE F 191 -2.00 -6.04 -37.05
N ALA F 192 -1.06 -6.63 -36.33
CA ALA F 192 0.35 -6.22 -36.47
C ALA F 192 1.39 -7.18 -35.91
N ILE F 193 2.66 -6.97 -36.28
CA ILE F 193 3.78 -7.79 -35.75
C ILE F 193 4.86 -7.02 -34.96
N GLY F 194 5.08 -7.43 -33.72
CA GLY F 194 5.95 -6.69 -32.81
C GLY F 194 7.24 -7.36 -32.39
N LYS F 195 8.23 -6.52 -32.10
CA LYS F 195 9.58 -6.97 -31.77
C LYS F 195 10.15 -6.05 -30.70
N VAL F 196 10.31 -6.58 -29.49
CA VAL F 196 10.67 -5.77 -28.34
C VAL F 196 12.12 -5.31 -28.36
N LEU F 197 12.32 -4.00 -28.22
CA LEU F 197 13.65 -3.41 -28.29
C LEU F 197 14.11 -2.91 -26.93
N LYS F 198 13.39 -1.95 -26.38
CA LYS F 198 13.80 -1.28 -25.14
C LYS F 198 12.83 -1.53 -23.98
N LEU F 199 13.28 -2.21 -22.94
CA LEU F 199 12.44 -2.45 -21.78
C LEU F 199 12.55 -1.30 -20.78
N VAL F 200 11.48 -0.54 -20.61
CA VAL F 200 11.50 0.63 -19.72
C VAL F 200 10.63 0.51 -18.46
N PRO F 201 11.27 0.49 -17.29
CA PRO F 201 12.70 0.25 -17.17
C PRO F 201 13.01 -1.22 -16.84
N ILE G 7 25.36 -23.07 -38.95
CA ILE G 7 24.24 -22.07 -39.04
C ILE G 7 23.23 -22.49 -40.11
N ARG G 8 21.94 -22.43 -39.76
CA ARG G 8 20.88 -22.95 -40.64
C ARG G 8 19.59 -22.13 -40.74
N LEU G 9 18.99 -22.11 -41.93
CA LEU G 9 17.77 -21.34 -42.20
C LEU G 9 16.90 -22.10 -43.20
N PRO G 10 15.88 -22.81 -42.68
CA PRO G 10 15.03 -23.58 -43.58
C PRO G 10 14.28 -22.65 -44.52
N ILE G 11 13.49 -23.23 -45.40
CA ILE G 11 12.79 -22.43 -46.40
C ILE G 11 11.37 -22.87 -46.47
N VAL G 12 10.44 -21.95 -46.29
CA VAL G 12 9.04 -22.31 -46.27
C VAL G 12 8.31 -21.89 -47.54
N ASP G 13 8.82 -20.85 -48.21
CA ASP G 13 8.23 -20.42 -49.49
C ASP G 13 9.24 -19.98 -50.57
N LYS G 14 8.77 -20.06 -51.82
CA LYS G 14 9.57 -19.95 -53.03
C LYS G 14 8.78 -19.03 -53.95
N TYR G 15 9.47 -18.16 -54.69
CA TYR G 15 8.76 -17.42 -55.71
C TYR G 15 9.61 -16.50 -56.58
N LYS G 16 9.12 -16.25 -57.78
CA LYS G 16 9.82 -15.36 -58.72
C LYS G 16 9.16 -14.00 -58.69
N ASP G 17 9.78 -13.06 -57.99
CA ASP G 17 9.33 -11.66 -57.98
C ASP G 17 10.40 -10.77 -58.60
N MET G 18 11.25 -10.19 -57.74
CA MET G 18 12.36 -9.38 -58.18
C MET G 18 13.56 -10.32 -58.31
N GLY G 19 13.48 -11.26 -59.25
CA GLY G 19 14.46 -12.34 -59.33
C GLY G 19 13.98 -13.51 -58.49
N THR G 20 14.88 -14.22 -57.82
CA THR G 20 14.47 -15.36 -56.98
C THR G 20 14.32 -15.00 -55.51
N VAL G 21 13.24 -15.47 -54.87
CA VAL G 21 12.99 -15.18 -53.46
C VAL G 21 12.60 -16.40 -52.62
N VAL G 22 12.96 -16.35 -51.35
CA VAL G 22 12.78 -17.47 -50.44
C VAL G 22 12.41 -16.95 -49.06
N LEU G 23 11.46 -17.58 -48.39
CA LEU G 23 11.08 -17.19 -47.03
C LEU G 23 11.31 -18.30 -46.04
N GLY G 24 11.96 -17.95 -44.94
CA GLY G 24 12.26 -18.91 -43.89
C GLY G 24 12.64 -18.24 -42.58
N LYS G 25 12.53 -19.00 -41.50
CA LYS G 25 12.89 -18.47 -40.20
C LYS G 25 14.34 -18.81 -39.91
N LEU G 26 15.10 -17.82 -39.45
CA LEU G 26 16.53 -18.03 -39.20
C LEU G 26 16.78 -18.73 -37.88
N GLU G 27 16.72 -20.06 -37.93
CA GLU G 27 16.79 -20.91 -36.74
C GLU G 27 18.17 -20.96 -36.08
N SER G 28 19.22 -20.62 -36.81
CA SER G 28 20.57 -20.86 -36.31
C SER G 28 21.64 -20.24 -37.20
N GLY G 29 22.59 -19.54 -36.57
CA GLY G 29 23.71 -18.97 -37.29
C GLY G 29 23.36 -17.70 -38.05
N SER G 30 24.17 -16.66 -37.83
CA SER G 30 23.97 -15.36 -38.46
C SER G 30 24.32 -15.37 -39.94
N ILE G 31 23.55 -14.63 -40.73
CA ILE G 31 23.66 -14.67 -42.17
C ILE G 31 23.79 -13.27 -42.77
N CYS G 32 24.93 -13.03 -43.44
CA CYS G 32 25.31 -11.71 -44.00
C CYS G 32 24.79 -11.47 -45.43
N LYS G 33 24.85 -10.22 -45.90
CA LYS G 33 24.45 -9.89 -47.26
C LYS G 33 25.53 -10.26 -48.28
N GLY G 34 25.11 -10.97 -49.32
CA GLY G 34 26.04 -11.43 -50.35
C GLY G 34 26.49 -12.85 -50.08
N GLN G 35 26.24 -13.34 -48.88
CA GLN G 35 26.80 -14.62 -48.43
C GLN G 35 26.48 -15.84 -49.27
N GLN G 36 27.51 -16.51 -49.72
CA GLN G 36 27.36 -17.62 -50.64
C GLN G 36 27.50 -19.01 -49.98
N LEU G 37 26.65 -20.01 -50.21
CA LEU G 37 25.52 -20.39 -49.35
C LEU G 37 24.80 -21.47 -50.10
N VAL G 38 24.47 -22.53 -49.39
CA VAL G 38 24.12 -23.76 -50.06
C VAL G 38 22.70 -24.17 -49.76
N MET G 39 21.99 -24.55 -50.82
CA MET G 39 20.58 -24.92 -50.74
C MET G 39 20.43 -26.46 -50.66
N MET G 40 20.65 -26.98 -49.46
CA MET G 40 20.52 -28.42 -49.17
C MET G 40 19.07 -28.89 -49.33
N PRO G 41 18.88 -30.20 -49.54
CA PRO G 41 19.91 -31.24 -49.53
C PRO G 41 20.69 -31.24 -50.84
N ASN G 42 19.99 -30.92 -51.92
CA ASN G 42 20.58 -30.91 -53.25
C ASN G 42 22.04 -30.46 -53.26
N LYS G 43 22.39 -29.55 -52.36
CA LYS G 43 23.74 -28.95 -52.36
C LYS G 43 23.86 -28.06 -53.60
N HIS G 44 23.63 -26.76 -53.44
CA HIS G 44 23.47 -25.87 -54.59
C HIS G 44 24.22 -24.54 -54.44
N ASN G 45 24.88 -24.13 -55.51
CA ASN G 45 25.56 -22.83 -55.54
C ASN G 45 24.55 -21.73 -55.75
N VAL G 46 24.44 -20.83 -54.77
CA VAL G 46 23.44 -19.75 -54.84
C VAL G 46 23.90 -18.49 -54.07
N GLU G 47 23.60 -17.31 -54.60
CA GLU G 47 24.16 -16.05 -54.08
C GLU G 47 23.12 -15.19 -53.35
N VAL G 48 23.52 -14.56 -52.26
CA VAL G 48 22.60 -13.71 -51.47
C VAL G 48 22.69 -12.25 -51.86
N LEU G 49 21.56 -11.68 -52.26
CA LEU G 49 21.56 -10.31 -52.74
C LEU G 49 20.96 -9.31 -51.75
N GLY G 50 19.71 -9.52 -51.34
CA GLY G 50 19.01 -8.58 -50.44
C GLY G 50 18.06 -9.20 -49.42
N ILE G 51 18.28 -8.85 -48.15
CA ILE G 51 17.57 -9.42 -46.99
C ILE G 51 16.58 -8.46 -46.32
N LEU G 52 15.35 -8.95 -46.14
CA LEU G 52 14.30 -8.24 -45.44
C LEU G 52 13.85 -9.02 -44.20
N SER G 53 14.38 -8.65 -43.04
CA SER G 53 13.98 -9.26 -41.77
C SER G 53 12.78 -8.50 -41.21
N ASP G 54 11.91 -9.22 -40.51
CA ASP G 54 10.59 -8.72 -40.13
C ASP G 54 9.96 -8.12 -41.37
N ASP G 55 10.19 -6.83 -41.60
CA ASP G 55 9.76 -6.25 -42.88
C ASP G 55 10.84 -5.47 -43.57
N VAL G 56 11.30 -4.40 -42.92
CA VAL G 56 12.42 -3.61 -43.43
C VAL G 56 13.57 -4.51 -43.90
N GLU G 57 14.65 -3.90 -44.37
CA GLU G 57 15.80 -4.63 -44.89
C GLU G 57 16.97 -4.57 -43.92
N THR G 58 17.83 -5.58 -43.96
CA THR G 58 19.02 -5.61 -43.10
C THR G 58 20.20 -6.13 -43.92
N ASP G 59 21.34 -6.30 -43.26
CA ASP G 59 22.54 -6.87 -43.88
C ASP G 59 23.18 -7.81 -42.87
N THR G 60 22.93 -7.51 -41.59
CA THR G 60 23.44 -8.31 -40.49
C THR G 60 22.24 -8.79 -39.69
N VAL G 61 21.76 -9.98 -40.03
CA VAL G 61 20.58 -10.54 -39.42
C VAL G 61 20.95 -11.66 -38.44
N ALA G 62 20.50 -11.55 -37.19
CA ALA G 62 20.80 -12.54 -36.14
C ALA G 62 19.72 -13.64 -36.05
N PRO G 63 19.96 -14.67 -35.22
CA PRO G 63 19.00 -15.77 -35.13
C PRO G 63 17.68 -15.36 -34.48
N GLY G 64 16.57 -15.50 -35.22
CA GLY G 64 15.25 -15.21 -34.67
C GLY G 64 14.38 -14.44 -35.63
N GLU G 65 15.02 -13.72 -36.54
CA GLU G 65 14.30 -12.87 -37.47
C GLU G 65 13.68 -13.71 -38.58
N ASN G 66 12.53 -13.26 -39.08
CA ASN G 66 11.91 -13.83 -40.26
C ASN G 66 12.31 -13.04 -41.52
N LEU G 67 12.81 -13.76 -42.52
CA LEU G 67 13.40 -13.13 -43.70
C LEU G 67 12.68 -13.46 -45.01
N LYS G 68 12.72 -12.51 -45.95
CA LYS G 68 12.32 -12.76 -47.34
C LYS G 68 13.51 -12.59 -48.29
N ILE G 69 14.49 -13.49 -48.18
CA ILE G 69 15.78 -13.39 -48.90
C ILE G 69 15.65 -13.33 -50.41
N ARG G 70 16.33 -12.34 -51.00
CA ARG G 70 16.35 -12.17 -52.45
C ARG G 70 17.65 -12.76 -52.98
N LEU G 71 17.53 -13.64 -53.97
CA LEU G 71 18.60 -14.58 -54.29
C LEU G 71 18.98 -14.62 -55.78
N LYS G 72 20.21 -15.03 -56.05
CA LYS G 72 20.71 -15.32 -57.41
C LYS G 72 21.18 -16.77 -57.50
N GLY G 73 20.56 -17.57 -58.37
CA GLY G 73 20.85 -19.00 -58.43
C GLY G 73 20.97 -19.58 -59.83
N ILE G 74 21.51 -20.81 -59.92
CA ILE G 74 21.80 -21.48 -61.21
C ILE G 74 20.54 -21.92 -62.00
N GLU G 75 19.63 -22.65 -61.34
CA GLU G 75 18.29 -22.97 -61.89
C GLU G 75 17.20 -22.80 -60.83
N GLU G 76 16.40 -21.74 -60.94
CA GLU G 76 15.69 -21.22 -59.76
C GLU G 76 14.17 -21.47 -59.57
N GLU G 77 13.51 -22.09 -60.56
CA GLU G 77 12.11 -22.50 -60.38
C GLU G 77 12.01 -23.63 -59.37
N GLU G 78 12.70 -24.73 -59.64
CA GLU G 78 12.68 -25.92 -58.79
C GLU G 78 13.40 -25.74 -57.45
N ILE G 79 12.82 -24.90 -56.58
CA ILE G 79 13.19 -24.86 -55.15
C ILE G 79 11.98 -25.22 -54.26
N LEU G 80 12.15 -26.24 -53.43
CA LEU G 80 11.05 -26.95 -52.76
C LEU G 80 10.92 -26.58 -51.27
N PRO G 81 9.66 -26.41 -50.77
CA PRO G 81 9.53 -26.08 -49.36
C PRO G 81 10.06 -27.25 -48.56
N GLY G 82 11.10 -27.01 -47.78
CA GLY G 82 11.76 -28.09 -47.04
C GLY G 82 13.28 -28.05 -47.13
N PHE G 83 13.81 -27.28 -48.06
CA PHE G 83 15.24 -27.12 -48.13
C PHE G 83 15.65 -26.15 -47.03
N ILE G 84 16.76 -26.46 -46.36
CA ILE G 84 17.50 -25.47 -45.57
C ILE G 84 18.51 -24.96 -46.66
N LEU G 85 18.64 -23.67 -46.94
CA LEU G 85 19.75 -22.84 -46.44
C LEU G 85 20.73 -23.17 -45.32
N CYS G 86 21.92 -23.62 -45.70
CA CYS G 86 22.99 -23.89 -44.75
C CYS G 86 24.28 -23.11 -45.06
N ASP G 87 25.35 -23.57 -44.43
CA ASP G 87 26.65 -22.93 -44.50
C ASP G 87 27.53 -23.55 -45.60
N PRO G 88 28.47 -22.75 -46.12
CA PRO G 88 29.26 -23.11 -47.30
C PRO G 88 29.84 -24.55 -47.51
N ASN G 89 30.93 -25.05 -46.88
CA ASN G 89 31.39 -24.91 -45.49
C ASN G 89 30.55 -25.81 -44.58
N ASN G 90 30.94 -25.97 -43.31
CA ASN G 90 30.24 -26.88 -42.39
C ASN G 90 28.73 -26.76 -42.37
N LEU G 91 28.10 -27.60 -43.19
CA LEU G 91 26.68 -27.53 -43.43
C LEU G 91 25.90 -28.63 -42.73
N CYS G 92 24.78 -29.03 -43.33
CA CYS G 92 23.78 -29.83 -42.63
C CYS G 92 23.54 -31.18 -43.24
N HIS G 93 23.15 -32.12 -42.39
CA HIS G 93 22.97 -33.49 -42.81
C HIS G 93 21.80 -33.60 -43.75
N SER G 94 21.76 -34.72 -44.48
CA SER G 94 20.64 -35.08 -45.34
C SER G 94 20.58 -36.60 -45.43
N GLY G 95 19.37 -37.13 -45.56
CA GLY G 95 19.18 -38.57 -45.60
C GLY G 95 17.84 -39.00 -46.16
N ARG G 96 17.52 -40.29 -45.95
CA ARG G 96 16.23 -40.84 -46.33
C ARG G 96 15.70 -41.78 -45.24
N THR G 97 16.52 -42.04 -44.23
CA THR G 97 16.18 -43.06 -43.23
C THR G 97 16.74 -42.73 -41.85
N PHE G 98 15.93 -42.96 -40.82
CA PHE G 98 16.33 -42.65 -39.44
C PHE G 98 15.50 -43.41 -38.41
N ASP G 99 16.06 -43.56 -37.22
CA ASP G 99 15.35 -44.16 -36.10
C ASP G 99 14.90 -43.04 -35.16
N ALA G 100 13.78 -43.23 -34.48
CA ALA G 100 13.26 -42.15 -33.63
C ALA G 100 12.27 -42.58 -32.56
N GLN G 101 12.13 -41.71 -31.56
CA GLN G 101 11.17 -41.94 -30.50
C GLN G 101 9.85 -41.36 -30.94
N ILE G 102 8.88 -42.25 -31.11
CA ILE G 102 7.54 -41.88 -31.52
C ILE G 102 6.58 -42.13 -30.36
N VAL G 103 5.53 -41.32 -30.26
CA VAL G 103 4.47 -41.53 -29.27
C VAL G 103 3.08 -41.48 -29.88
N ILE G 104 2.63 -42.61 -30.43
CA ILE G 104 1.30 -42.68 -31.00
C ILE G 104 0.39 -41.85 -30.11
N ILE G 105 -0.15 -40.75 -30.64
CA ILE G 105 -1.34 -40.07 -30.08
C ILE G 105 -2.34 -40.46 -31.15
N GLU G 106 -3.18 -39.57 -31.68
CA GLU G 106 -4.65 -39.76 -31.62
C GLU G 106 -4.37 -40.74 -32.80
N HIS G 107 -4.53 -42.04 -32.65
CA HIS G 107 -5.09 -42.83 -33.67
C HIS G 107 -6.52 -42.77 -34.21
N LYS G 108 -7.33 -43.73 -33.78
CA LYS G 108 -6.89 -44.68 -32.75
C LYS G 108 -7.27 -46.09 -33.27
N SER G 109 -6.32 -46.80 -33.88
CA SER G 109 -6.56 -48.17 -34.36
C SER G 109 -5.30 -49.04 -34.16
N ILE G 110 -4.43 -49.07 -35.17
CA ILE G 110 -3.08 -49.62 -35.02
C ILE G 110 -2.09 -48.83 -35.86
N ILE G 111 -0.83 -49.16 -35.58
CA ILE G 111 0.28 -49.08 -36.50
C ILE G 111 1.14 -50.28 -36.25
N CYS G 112 1.33 -51.08 -37.28
CA CYS G 112 2.58 -51.85 -37.37
C CYS G 112 3.44 -51.46 -38.57
N PRO G 113 4.66 -51.98 -38.59
CA PRO G 113 5.61 -51.81 -39.68
C PRO G 113 4.90 -51.88 -41.02
N GLY G 114 5.28 -51.02 -41.96
CA GLY G 114 4.64 -51.01 -43.27
C GLY G 114 3.56 -49.96 -43.36
N TYR G 115 3.33 -49.26 -42.26
CA TYR G 115 2.35 -48.18 -42.19
C TYR G 115 2.93 -46.97 -42.89
N ASN G 116 2.06 -46.18 -43.50
CA ASN G 116 2.50 -44.99 -44.23
C ASN G 116 1.86 -43.73 -43.68
N ALA G 117 2.58 -42.62 -43.76
CA ALA G 117 2.04 -41.35 -43.29
C ALA G 117 2.85 -40.19 -43.86
N VAL G 118 2.35 -38.97 -43.65
CA VAL G 118 3.10 -37.78 -43.98
C VAL G 118 3.91 -37.34 -42.77
N LEU G 119 5.13 -36.89 -43.00
CA LEU G 119 5.95 -36.44 -41.90
C LEU G 119 6.32 -34.98 -42.05
N HIS G 120 6.33 -34.25 -40.95
CA HIS G 120 6.86 -32.89 -40.94
C HIS G 120 8.06 -32.87 -40.00
N ILE G 121 9.24 -32.55 -40.52
CA ILE G 121 10.39 -32.39 -39.64
C ILE G 121 10.67 -30.92 -39.47
N HIS G 122 10.57 -30.17 -40.55
CA HIS G 122 10.53 -28.73 -40.45
C HIS G 122 9.71 -28.19 -41.59
N THR G 123 10.22 -27.16 -42.26
CA THR G 123 9.52 -26.57 -43.39
C THR G 123 9.23 -27.65 -44.43
N CYS G 124 9.52 -28.89 -44.05
CA CYS G 124 9.36 -30.03 -44.95
C CYS G 124 8.10 -30.84 -44.65
N ILE G 125 7.42 -31.26 -45.71
CA ILE G 125 6.48 -32.36 -45.63
C ILE G 125 7.20 -33.46 -46.42
N GLU G 126 6.63 -34.66 -46.47
CA GLU G 126 7.30 -35.76 -47.18
C GLU G 126 6.78 -37.13 -46.80
N GLU G 127 6.59 -37.96 -47.82
CA GLU G 127 6.13 -39.33 -47.65
C GLU G 127 7.04 -40.12 -46.70
N VAL G 128 6.44 -41.02 -45.91
CA VAL G 128 7.20 -41.92 -45.02
C VAL G 128 6.52 -43.25 -44.69
N GLU G 129 7.32 -44.31 -44.56
CA GLU G 129 6.85 -45.61 -44.11
C GLU G 129 7.75 -46.07 -42.97
N ILE G 130 7.17 -46.28 -41.79
CA ILE G 130 7.96 -46.78 -40.68
C ILE G 130 8.29 -48.23 -40.99
N THR G 131 9.50 -48.43 -41.52
CA THR G 131 9.92 -49.71 -42.06
C THR G 131 9.89 -50.82 -41.02
N ALA G 132 10.60 -50.62 -39.92
CA ALA G 132 10.56 -51.56 -38.81
C ALA G 132 10.45 -50.78 -37.51
N LEU G 133 9.77 -51.36 -36.53
CA LEU G 133 9.74 -50.76 -35.21
C LEU G 133 10.53 -51.57 -34.20
N ILE G 134 11.41 -50.87 -33.47
CA ILE G 134 12.41 -51.45 -32.56
C ILE G 134 11.89 -51.77 -31.15
N CYS G 135 12.09 -50.82 -30.23
CA CYS G 135 11.75 -51.05 -28.84
C CYS G 135 10.65 -50.17 -28.36
N LEU G 136 9.81 -50.73 -27.50
CA LEU G 136 8.64 -50.05 -27.02
C LEU G 136 9.01 -49.40 -25.68
N VAL G 137 9.41 -48.13 -25.71
CA VAL G 137 9.82 -47.47 -24.48
C VAL G 137 8.65 -47.27 -23.53
N ASP G 138 8.76 -47.86 -22.34
CA ASP G 138 7.76 -47.73 -21.30
C ASP G 138 7.82 -46.32 -20.74
N LYS G 139 6.79 -45.89 -20.03
CA LYS G 139 6.85 -44.60 -19.34
C LYS G 139 7.40 -44.79 -17.93
N LYS G 140 7.62 -46.05 -17.57
CA LYS G 140 8.21 -46.38 -16.28
C LYS G 140 9.71 -46.19 -16.33
N SER G 141 10.21 -45.31 -15.47
CA SER G 141 11.63 -45.01 -15.35
C SER G 141 12.38 -45.00 -16.69
N GLY G 142 11.68 -44.62 -17.75
CA GLY G 142 12.31 -44.44 -19.06
C GLY G 142 12.82 -45.74 -19.65
N GLU G 143 12.33 -46.85 -19.13
CA GLU G 143 12.78 -48.17 -19.54
C GLU G 143 12.44 -48.53 -20.99
N LYS G 144 13.48 -48.82 -21.77
CA LYS G 144 13.28 -49.38 -23.10
C LYS G 144 12.64 -50.74 -22.99
N SER G 145 12.22 -51.29 -24.12
CA SER G 145 11.54 -52.57 -24.13
C SER G 145 12.57 -53.67 -24.11
N LYS G 146 12.25 -54.80 -24.73
CA LYS G 146 13.20 -55.88 -24.88
C LYS G 146 13.16 -56.41 -26.31
N THR G 147 12.04 -57.04 -26.67
CA THR G 147 11.87 -57.56 -28.03
C THR G 147 11.04 -56.63 -28.92
N ARG G 148 11.23 -56.72 -30.24
CA ARG G 148 10.46 -55.91 -31.17
C ARG G 148 9.01 -56.35 -31.18
N PRO G 149 8.09 -55.40 -31.05
CA PRO G 149 6.69 -55.74 -31.20
C PRO G 149 6.38 -55.77 -32.69
N ARG G 150 5.28 -56.42 -33.06
CA ARG G 150 4.84 -56.38 -34.45
C ARG G 150 4.13 -55.05 -34.62
N PHE G 151 3.47 -54.61 -33.55
CA PHE G 151 2.64 -53.42 -33.64
C PHE G 151 2.73 -52.50 -32.45
N VAL G 152 2.40 -51.25 -32.68
CA VAL G 152 2.41 -50.27 -31.62
C VAL G 152 1.04 -49.59 -31.54
N LYS G 153 0.34 -49.82 -30.43
CA LYS G 153 -1.02 -49.33 -30.26
C LYS G 153 -1.02 -47.85 -29.90
N GLN G 154 -2.19 -47.29 -29.66
CA GLN G 154 -2.31 -45.87 -29.38
C GLN G 154 -1.82 -45.56 -27.99
N ASP G 155 -1.53 -44.29 -27.72
CA ASP G 155 -1.08 -43.88 -26.38
C ASP G 155 0.17 -44.61 -25.90
N GLN G 156 0.94 -45.15 -26.84
CA GLN G 156 2.12 -45.92 -26.53
C GLN G 156 3.37 -45.19 -27.01
N VAL G 157 4.54 -45.63 -26.56
CA VAL G 157 5.76 -44.96 -26.95
C VAL G 157 6.79 -45.96 -27.43
N CYS G 158 7.52 -45.60 -28.47
CA CYS G 158 8.53 -46.50 -29.04
C CYS G 158 9.46 -45.83 -30.03
N ILE G 159 10.56 -46.52 -30.31
CA ILE G 159 11.60 -46.04 -31.21
C ILE G 159 11.51 -46.88 -32.49
N ALA G 160 11.46 -46.23 -33.64
CA ALA G 160 11.21 -46.97 -34.88
C ALA G 160 11.96 -46.40 -36.06
N ARG G 161 11.98 -47.17 -37.15
CA ARG G 161 12.68 -46.74 -38.35
C ARG G 161 11.71 -46.12 -39.33
N LEU G 162 12.15 -45.04 -39.97
CA LEU G 162 11.33 -44.33 -40.93
C LEU G 162 12.10 -44.14 -42.23
N ARG G 163 11.44 -44.32 -43.37
CA ARG G 163 12.04 -44.06 -44.69
C ARG G 163 11.25 -43.02 -45.47
N THR G 164 11.93 -42.02 -46.02
CA THR G 164 11.28 -40.96 -46.78
C THR G 164 11.54 -41.09 -48.27
N ALA G 165 10.49 -41.02 -49.08
CA ALA G 165 10.62 -41.17 -50.52
C ALA G 165 11.75 -40.32 -51.08
N GLY G 166 11.69 -39.02 -50.81
CA GLY G 166 12.71 -38.09 -51.25
C GLY G 166 13.65 -37.69 -50.13
N THR G 167 14.70 -36.96 -50.47
CA THR G 167 15.70 -36.53 -49.49
C THR G 167 15.12 -35.53 -48.49
N ILE G 168 15.66 -35.57 -47.28
CA ILE G 168 15.21 -34.72 -46.21
C ILE G 168 16.40 -34.15 -45.45
N CYS G 169 16.43 -32.84 -45.28
CA CYS G 169 17.46 -32.21 -44.43
C CYS G 169 17.17 -32.55 -42.97
N LEU G 170 18.23 -32.81 -42.19
CA LEU G 170 18.05 -33.41 -40.86
C LEU G 170 19.09 -33.07 -39.79
N GLU G 171 18.78 -33.48 -38.56
CA GLU G 171 19.70 -33.58 -37.44
C GLU G 171 18.96 -34.38 -36.38
N THR G 172 19.69 -35.05 -35.50
CA THR G 172 19.01 -35.79 -34.44
C THR G 172 18.63 -34.81 -33.37
N PHE G 173 17.48 -35.03 -32.74
CA PHE G 173 16.98 -34.10 -31.75
C PHE G 173 18.11 -33.47 -30.94
N LYS G 174 18.78 -34.25 -30.11
CA LYS G 174 19.71 -33.68 -29.14
C LYS G 174 20.68 -32.65 -29.74
N ASP G 175 20.87 -32.71 -31.06
CA ASP G 175 21.75 -31.79 -31.78
C ASP G 175 20.90 -30.85 -32.64
N PHE G 176 21.00 -29.54 -32.40
CA PHE G 176 20.11 -28.55 -33.07
C PHE G 176 18.70 -29.10 -33.34
N PRO G 177 17.91 -29.33 -32.26
CA PRO G 177 16.65 -30.11 -32.22
C PRO G 177 15.49 -29.58 -33.02
N GLN G 178 15.54 -28.31 -33.43
CA GLN G 178 14.53 -27.74 -34.31
C GLN G 178 14.59 -28.33 -35.73
N MET G 179 15.63 -29.12 -36.01
CA MET G 179 15.73 -29.92 -37.24
C MET G 179 15.36 -31.37 -36.94
N GLY G 180 14.92 -31.59 -35.69
CA GLY G 180 14.84 -32.95 -35.14
C GLY G 180 13.46 -33.44 -34.72
N ARG G 181 12.71 -32.65 -33.95
CA ARG G 181 11.35 -33.05 -33.60
C ARG G 181 10.46 -32.96 -34.83
N PHE G 182 9.77 -34.05 -35.10
CA PHE G 182 8.94 -34.15 -36.28
C PHE G 182 7.56 -34.61 -35.86
N THR G 183 6.65 -34.63 -36.82
CA THR G 183 5.32 -35.11 -36.59
C THR G 183 4.87 -36.05 -37.72
N LEU G 184 4.26 -37.15 -37.33
CA LEU G 184 3.59 -38.03 -38.28
C LEU G 184 2.13 -37.66 -38.38
N ARG G 185 1.77 -37.08 -39.53
CA ARG G 185 0.41 -36.68 -39.85
C ARG G 185 -0.19 -37.63 -40.89
N ASP G 186 -1.34 -38.21 -40.57
CA ASP G 186 -2.07 -39.02 -41.54
C ASP G 186 -3.48 -38.48 -41.69
N GLU G 187 -3.92 -38.25 -42.92
CA GLU G 187 -5.21 -37.57 -43.14
C GLU G 187 -5.18 -36.20 -42.50
N GLY G 188 -6.12 -35.96 -41.58
CA GLY G 188 -6.13 -34.73 -40.80
C GLY G 188 -5.40 -34.93 -39.48
N LYS G 189 -5.95 -35.81 -38.65
CA LYS G 189 -5.35 -36.21 -37.37
C LYS G 189 -3.80 -36.22 -37.43
N THR G 190 -3.15 -35.64 -36.44
CA THR G 190 -1.72 -35.87 -36.24
C THR G 190 -1.57 -37.20 -35.52
N ILE G 191 -1.44 -38.28 -36.29
CA ILE G 191 -1.51 -39.61 -35.71
C ILE G 191 -0.33 -39.93 -34.78
N ALA G 192 0.78 -39.22 -34.93
CA ALA G 192 1.90 -39.42 -34.02
C ALA G 192 2.89 -38.26 -33.92
N ILE G 193 3.55 -38.17 -32.76
CA ILE G 193 4.59 -37.21 -32.52
C ILE G 193 5.88 -37.88 -32.09
N GLY G 194 7.00 -37.22 -32.31
CA GLY G 194 8.27 -37.82 -31.92
C GLY G 194 9.51 -37.00 -32.22
N LYS G 195 10.62 -37.40 -31.59
CA LYS G 195 11.92 -36.80 -31.79
C LYS G 195 12.78 -37.85 -32.48
N VAL G 196 13.60 -37.43 -33.45
CA VAL G 196 14.48 -38.37 -34.15
C VAL G 196 15.81 -38.58 -33.40
N LEU G 197 16.04 -39.82 -32.98
CA LEU G 197 17.15 -40.12 -32.07
C LEU G 197 18.50 -40.47 -32.73
N LYS G 198 18.47 -41.08 -33.91
CA LYS G 198 19.70 -41.51 -34.59
C LYS G 198 19.46 -41.55 -36.10
N LEU G 199 20.45 -41.13 -36.88
CA LEU G 199 20.31 -41.12 -38.34
C LEU G 199 20.94 -42.37 -38.95
N VAL G 200 20.41 -42.84 -40.09
CA VAL G 200 20.91 -44.06 -40.73
C VAL G 200 21.82 -43.74 -41.91
N PRO G 201 22.31 -44.80 -42.57
CA PRO G 201 23.48 -44.75 -43.44
C PRO G 201 23.55 -43.40 -44.14
N ILE H 7 21.81 -10.17 45.97
CA ILE H 7 20.52 -9.47 45.71
C ILE H 7 20.37 -8.23 46.60
N ARG H 8 19.97 -7.11 46.00
CA ARG H 8 19.96 -5.82 46.72
C ARG H 8 18.76 -4.89 46.44
N LEU H 9 18.33 -4.17 47.46
CA LEU H 9 17.17 -3.28 47.38
C LEU H 9 17.40 -2.07 48.27
N PRO H 10 17.82 -0.94 47.68
CA PRO H 10 18.09 0.24 48.49
C PRO H 10 16.82 0.74 49.13
N ILE H 11 16.92 1.81 49.91
CA ILE H 11 15.77 2.30 50.64
C ILE H 11 15.72 3.80 50.50
N VAL H 12 14.60 4.30 50.01
CA VAL H 12 14.50 5.73 49.77
C VAL H 12 13.62 6.43 50.80
N ASP H 13 12.70 5.69 51.41
CA ASP H 13 11.87 6.26 52.48
C ASP H 13 11.57 5.33 53.67
N LYS H 14 11.26 5.96 54.80
CA LYS H 14 11.16 5.36 56.10
C LYS H 14 9.87 5.89 56.72
N TYR H 15 9.14 5.05 57.45
CA TYR H 15 8.02 5.59 58.21
C TYR H 15 7.26 4.61 59.09
N LYS H 16 6.65 5.14 60.13
CA LYS H 16 5.87 4.32 61.05
C LYS H 16 4.40 4.45 60.72
N ASP H 17 3.86 3.46 60.03
CA ASP H 17 2.43 3.37 59.73
C ASP H 17 1.82 2.14 60.43
N MET H 18 1.72 1.05 59.67
CA MET H 18 1.23 -0.21 60.21
C MET H 18 2.45 -0.98 60.71
N GLY H 19 3.12 -0.44 61.72
CA GLY H 19 4.42 -0.97 62.15
C GLY H 19 5.52 -0.23 61.41
N THR H 20 6.60 -0.92 61.02
CA THR H 20 7.68 -0.25 60.29
C THR H 20 7.58 -0.44 58.77
N VAL H 21 7.81 0.64 58.00
CA VAL H 21 7.73 0.58 56.53
C VAL H 21 8.90 1.23 55.82
N VAL H 22 9.22 0.72 54.65
CA VAL H 22 10.38 1.14 53.89
C VAL H 22 10.07 1.10 52.39
N LEU H 23 10.47 2.13 51.65
CA LEU H 23 10.24 2.15 50.20
C LEU H 23 11.55 2.19 49.45
N GLY H 24 11.65 1.32 48.45
CA GLY H 24 12.84 1.22 47.62
C GLY H 24 12.61 0.46 46.34
N LYS H 25 13.47 0.67 45.37
CA LYS H 25 13.35 -0.02 44.10
C LYS H 25 14.18 -1.29 44.15
N LEU H 26 13.59 -2.40 43.71
CA LEU H 26 14.28 -3.69 43.79
C LEU H 26 15.28 -3.86 42.64
N GLU H 27 16.49 -3.35 42.86
CA GLU H 27 17.52 -3.28 41.84
C GLU H 27 18.14 -4.64 41.47
N SER H 28 18.00 -5.62 42.34
CA SER H 28 18.75 -6.87 42.15
C SER H 28 18.35 -7.94 43.15
N GLY H 29 18.12 -9.15 42.63
CA GLY H 29 17.80 -10.29 43.47
C GLY H 29 16.37 -10.30 43.96
N SER H 30 15.70 -11.44 43.75
CA SER H 30 14.31 -11.61 44.15
C SER H 30 14.14 -11.73 45.66
N ILE H 31 13.06 -11.17 46.16
CA ILE H 31 12.85 -11.05 47.60
C ILE H 31 11.48 -11.57 48.02
N CYS H 32 11.48 -12.62 48.85
CA CYS H 32 10.27 -13.36 49.29
C CYS H 32 9.61 -12.76 50.54
N LYS H 33 8.38 -13.18 50.84
CA LYS H 33 7.67 -12.74 52.05
C LYS H 33 8.16 -13.46 53.29
N GLY H 34 8.48 -12.70 54.32
CA GLY H 34 9.00 -13.26 55.56
C GLY H 34 10.51 -13.25 55.59
N GLN H 35 11.12 -13.01 54.44
CA GLN H 35 12.58 -13.15 54.29
C GLN H 35 13.43 -12.30 55.21
N GLN H 36 14.32 -12.96 55.93
CA GLN H 36 15.11 -12.31 56.94
C GLN H 36 16.58 -12.05 56.52
N LEU H 37 17.17 -10.87 56.70
CA LEU H 37 17.33 -9.80 55.71
C LEU H 37 17.95 -8.66 56.43
N VAL H 38 18.97 -8.08 55.82
CA VAL H 38 19.87 -7.24 56.56
C VAL H 38 19.85 -5.82 56.03
N MET H 39 19.77 -4.87 56.96
CA MET H 39 19.69 -3.45 56.64
C MET H 39 21.08 -2.80 56.78
N MET H 40 21.89 -2.98 55.74
CA MET H 40 23.23 -2.41 55.65
C MET H 40 23.19 -0.88 55.60
N PRO H 41 24.31 -0.23 55.95
CA PRO H 41 25.59 -0.82 56.29
C PRO H 41 25.58 -1.36 57.71
N ASN H 42 24.84 -0.68 58.57
CA ASN H 42 24.75 -1.05 59.98
C ASN H 42 24.79 -2.56 60.21
N LYS H 43 24.24 -3.33 59.28
CA LYS H 43 24.11 -4.77 59.46
C LYS H 43 23.07 -5.02 60.55
N HIS H 44 21.82 -5.24 60.14
CA HIS H 44 20.71 -5.21 61.09
C HIS H 44 19.75 -6.40 60.93
N ASN H 45 19.39 -7.02 62.05
CA ASN H 45 18.43 -8.11 62.04
C ASN H 45 17.03 -7.54 61.92
N VAL H 46 16.35 -7.89 60.82
CA VAL H 46 15.02 -7.34 60.53
C VAL H 46 14.14 -8.31 59.70
N GLU H 47 12.85 -8.37 60.01
CA GLU H 47 11.96 -9.39 59.46
C GLU H 47 10.98 -8.82 58.42
N VAL H 48 10.72 -9.58 57.34
CA VAL H 48 9.81 -9.13 56.29
C VAL H 48 8.40 -9.66 56.47
N LEU H 49 7.44 -8.75 56.58
CA LEU H 49 6.07 -9.16 56.86
C LEU H 49 5.16 -9.10 55.64
N GLY H 50 5.02 -7.91 55.03
CA GLY H 50 4.12 -7.71 53.88
C GLY H 50 4.59 -6.76 52.80
N ILE H 51 4.58 -7.26 51.55
CA ILE H 51 5.11 -6.57 50.37
C ILE H 51 4.04 -6.07 49.39
N LEU H 52 4.14 -4.79 49.05
CA LEU H 52 3.29 -4.15 48.05
C LEU H 52 4.10 -3.64 46.87
N SER H 53 4.15 -4.42 45.80
CA SER H 53 4.84 -4.01 44.57
C SER H 53 3.87 -3.22 43.70
N ASP H 54 4.41 -2.27 42.94
CA ASP H 54 3.60 -1.27 42.25
C ASP H 54 2.59 -0.73 43.24
N ASP H 55 1.42 -1.34 43.34
CA ASP H 55 0.50 -0.97 44.41
C ASP H 55 -0.02 -2.16 45.19
N VAL H 56 -0.73 -3.05 44.50
CA VAL H 56 -1.21 -4.29 45.11
C VAL H 56 -0.11 -4.98 45.90
N GLU H 57 -0.43 -6.13 46.48
CA GLU H 57 0.52 -6.87 47.32
C GLU H 57 1.02 -8.12 46.60
N THR H 58 2.23 -8.57 46.95
CA THR H 58 2.79 -9.78 46.34
C THR H 58 3.48 -10.57 47.43
N ASP H 59 4.13 -11.67 47.05
CA ASP H 59 4.93 -12.49 47.96
C ASP H 59 6.19 -12.91 47.24
N THR H 60 6.09 -12.96 45.91
CA THR H 60 7.20 -13.30 45.04
C THR H 60 7.43 -12.12 44.10
N VAL H 61 8.32 -11.23 44.51
CA VAL H 61 8.58 -10.02 43.76
C VAL H 61 9.94 -10.11 43.04
N ALA H 62 9.92 -9.91 41.73
CA ALA H 62 11.14 -9.98 40.89
C ALA H 62 11.84 -8.61 40.76
N PRO H 63 13.04 -8.58 40.13
CA PRO H 63 13.78 -7.33 40.01
C PRO H 63 13.11 -6.33 39.06
N GLY H 64 12.74 -5.16 39.59
CA GLY H 64 12.17 -4.11 38.76
C GLY H 64 10.96 -3.45 39.40
N GLU H 65 10.33 -4.16 40.32
CA GLU H 65 9.12 -3.65 40.96
C GLU H 65 9.48 -2.63 42.04
N ASN H 66 8.60 -1.65 42.23
CA ASN H 66 8.71 -0.71 43.34
C ASN H 66 7.86 -1.17 44.52
N LEU H 67 8.49 -1.26 45.69
CA LEU H 67 7.86 -1.86 46.86
C LEU H 67 7.68 -0.89 48.04
N LYS H 68 6.63 -1.13 48.83
CA LYS H 68 6.46 -0.48 50.14
C LYS H 68 6.50 -1.52 51.27
N ILE H 69 7.67 -2.14 51.47
CA ILE H 69 7.85 -3.26 52.41
C ILE H 69 7.45 -2.96 53.86
N ARG H 70 6.64 -3.84 54.42
CA ARG H 70 6.20 -3.74 55.81
C ARG H 70 7.05 -4.66 56.67
N LEU H 71 7.62 -4.12 57.73
CA LEU H 71 8.78 -4.73 58.38
C LEU H 71 8.65 -4.86 59.90
N LYS H 72 9.38 -5.83 60.46
CA LYS H 72 9.53 -5.98 61.91
C LYS H 72 11.02 -5.92 62.30
N GLY H 73 11.39 -4.95 63.13
CA GLY H 73 12.81 -4.72 63.43
C GLY H 73 13.12 -4.42 64.89
N ILE H 74 14.41 -4.47 65.24
CA ILE H 74 14.90 -4.33 66.63
C ILE H 74 14.75 -2.91 67.23
N GLU H 75 15.23 -1.90 66.50
CA GLU H 75 15.01 -0.48 66.83
C GLU H 75 14.70 0.32 65.56
N GLU H 76 13.43 0.71 65.37
CA GLU H 76 12.95 1.04 64.02
C GLU H 76 12.76 2.51 63.58
N GLU H 77 12.92 3.46 64.49
CA GLU H 77 12.88 4.87 64.11
C GLU H 77 14.09 5.22 63.25
N GLU H 78 15.28 5.00 63.80
CA GLU H 78 16.55 5.32 63.14
C GLU H 78 16.86 4.41 61.95
N ILE H 79 16.08 4.55 60.88
CA ILE H 79 16.43 3.99 59.56
C ILE H 79 16.57 5.12 58.51
N LEU H 80 17.74 5.18 57.87
CA LEU H 80 18.17 6.35 57.10
C LEU H 80 18.08 6.16 55.57
N PRO H 81 17.61 7.18 54.84
CA PRO H 81 17.55 7.00 53.39
C PRO H 81 18.95 6.80 52.89
N GLY H 82 19.23 5.64 52.29
CA GLY H 82 20.57 5.31 51.86
C GLY H 82 21.00 3.90 52.22
N PHE H 83 20.27 3.27 53.12
CA PHE H 83 20.55 1.89 53.44
C PHE H 83 20.00 1.02 52.32
N ILE H 84 20.77 0.01 51.93
CA ILE H 84 20.24 -1.14 51.17
C ILE H 84 19.88 -2.10 52.35
N LEU H 85 18.68 -2.65 52.48
CA LEU H 85 18.37 -4.04 52.08
C LEU H 85 19.18 -4.96 51.22
N CYS H 86 19.90 -5.85 51.89
CA CYS H 86 20.68 -6.89 51.22
C CYS H 86 20.30 -8.31 51.69
N ASP H 87 21.20 -9.23 51.36
CA ASP H 87 21.00 -10.64 51.60
C ASP H 87 21.64 -11.10 52.91
N PRO H 88 21.10 -12.18 53.49
CA PRO H 88 21.45 -12.63 54.84
C PRO H 88 22.94 -12.64 55.36
N ASN H 89 23.86 -13.56 55.04
CA ASN H 89 24.15 -14.23 53.75
C ASN H 89 24.90 -13.26 52.84
N ASN H 90 25.42 -13.74 51.70
CA ASN H 90 26.23 -12.91 50.79
C ASN H 90 25.64 -11.54 50.46
N LEU H 91 26.06 -10.55 51.24
CA LEU H 91 25.49 -9.22 51.18
C LEU H 91 26.40 -8.21 50.51
N CYS H 92 26.30 -6.95 50.92
CA CYS H 92 26.86 -5.86 50.16
C CYS H 92 27.93 -5.09 50.90
N HIS H 93 28.85 -4.53 50.13
CA HIS H 93 29.97 -3.82 50.69
C HIS H 93 29.53 -2.55 51.38
N SER H 94 30.41 -2.03 52.23
CA SER H 94 30.23 -0.74 52.90
C SER H 94 31.61 -0.15 53.19
N GLY H 95 31.70 1.17 53.16
CA GLY H 95 32.97 1.84 53.38
C GLY H 95 32.84 3.32 53.70
N ARG H 96 33.96 4.03 53.60
CA ARG H 96 33.97 5.47 53.80
C ARG H 96 34.89 6.14 52.76
N THR H 97 35.58 5.34 51.97
CA THR H 97 36.62 5.87 51.08
C THR H 97 36.76 5.04 49.80
N PHE H 98 36.90 5.73 48.67
CA PHE H 98 37.03 5.06 47.37
C PHE H 98 37.67 5.94 46.32
N ASP H 99 38.21 5.31 45.28
CA ASP H 99 38.77 6.01 44.13
C ASP H 99 37.78 5.92 42.97
N ALA H 100 37.73 6.93 42.12
CA ALA H 100 36.73 6.93 41.05
C ALA H 100 37.01 7.85 39.87
N GLN H 101 36.37 7.53 38.76
CA GLN H 101 36.47 8.36 37.57
C GLN H 101 35.44 9.44 37.67
N ILE H 102 35.92 10.68 37.78
CA ILE H 102 35.07 11.85 37.84
C ILE H 102 35.22 12.67 36.56
N VAL H 103 34.15 13.35 36.16
CA VAL H 103 34.20 14.28 35.01
C VAL H 103 33.60 15.64 35.33
N ILE H 104 34.39 16.51 35.93
CA ILE H 104 33.94 17.85 36.24
C ILE H 104 33.05 18.28 35.09
N ILE H 105 31.76 18.49 35.34
CA ILE H 105 30.86 19.28 34.46
C ILE H 105 30.69 20.47 35.38
N GLU H 106 29.49 21.03 35.60
CA GLU H 106 29.22 22.44 35.28
C GLU H 106 29.97 22.70 36.61
N HIS H 107 31.16 23.27 36.61
CA HIS H 107 31.52 24.20 37.60
C HIS H 107 30.90 25.58 37.85
N LYS H 108 31.62 26.61 37.41
CA LYS H 108 32.84 26.39 36.62
C LYS H 108 33.93 27.30 37.24
N SER H 109 34.77 26.75 38.11
CA SER H 109 35.89 27.50 38.71
C SER H 109 37.13 26.60 38.88
N ILE H 110 37.22 25.95 40.04
CA ILE H 110 38.19 24.87 40.24
C ILE H 110 37.60 23.81 41.15
N ILE H 111 38.36 22.70 41.18
CA ILE H 111 38.48 21.78 42.25
C ILE H 111 39.91 21.36 42.35
N CYS H 112 40.52 21.60 43.50
CA CYS H 112 41.60 20.73 43.93
C CYS H 112 41.29 19.96 45.21
N PRO H 113 42.16 19.00 45.54
CA PRO H 113 42.08 18.21 46.76
C PRO H 113 41.66 19.08 47.93
N GLY H 114 40.79 18.56 48.80
CA GLY H 114 40.32 19.33 49.94
C GLY H 114 38.98 19.98 49.68
N TYR H 115 38.48 19.80 48.47
CA TYR H 115 37.18 20.32 48.05
C TYR H 115 36.11 19.47 48.70
N ASN H 116 34.98 20.09 49.00
CA ASN H 116 33.87 19.36 49.63
C ASN H 116 32.61 19.43 48.79
N ALA H 117 31.79 18.38 48.84
CA ALA H 117 30.52 18.38 48.12
C ALA H 117 29.60 17.30 48.65
N VAL H 118 28.36 17.35 48.21
CA VAL H 118 27.42 16.28 48.52
C VAL H 118 27.52 15.21 47.44
N LEU H 119 27.44 13.95 47.84
CA LEU H 119 27.49 12.88 46.86
C LEU H 119 26.23 12.05 46.89
N HIS H 120 25.75 11.65 45.72
CA HIS H 120 24.67 10.68 45.63
C HIS H 120 25.21 9.42 44.95
N ILE H 121 25.19 8.29 45.65
CA ILE H 121 25.58 7.05 45.00
C ILE H 121 24.33 6.25 44.69
N HIS H 122 23.40 6.22 45.62
CA HIS H 122 22.07 5.75 45.30
C HIS H 122 21.08 6.48 46.17
N THR H 123 20.16 5.75 46.78
CA THR H 123 19.17 6.36 47.66
C THR H 123 19.87 7.14 48.75
N CYS H 124 21.19 7.25 48.61
CA CYS H 124 22.03 7.91 49.60
C CYS H 124 22.43 9.32 49.18
N ILE H 125 22.40 10.24 50.14
CA ILE H 125 23.13 11.48 50.03
C ILE H 125 24.23 11.33 51.08
N GLU H 126 25.15 12.28 51.19
CA GLU H 126 26.24 12.12 52.16
C GLU H 126 27.42 13.04 51.88
N GLU H 127 27.94 13.63 52.93
CA GLU H 127 29.10 14.52 52.88
C GLU H 127 30.30 13.82 52.24
N VAL H 128 31.10 14.57 51.48
CA VAL H 128 32.36 14.05 50.90
C VAL H 128 33.44 15.09 50.62
N GLU H 129 34.69 14.70 50.81
CA GLU H 129 35.85 15.51 50.46
C GLU H 129 36.78 14.68 49.58
N ILE H 130 37.02 15.13 48.36
CA ILE H 130 37.95 14.43 47.49
C ILE H 130 39.34 14.66 48.05
N THR H 131 39.82 13.69 48.83
CA THR H 131 41.04 13.82 49.62
C THR H 131 42.26 14.08 48.76
N ALA H 132 42.52 13.20 47.80
CA ALA H 132 43.59 13.41 46.85
C ALA H 132 43.09 13.07 45.46
N LEU H 133 43.59 13.76 44.45
CA LEU H 133 43.28 13.39 43.08
C LEU H 133 44.49 12.80 42.36
N ILE H 134 44.26 11.65 41.74
CA ILE H 134 45.29 10.80 41.14
C ILE H 134 45.69 11.19 39.70
N CYS H 135 45.04 10.55 38.73
CA CYS H 135 45.42 10.75 37.34
C CYS H 135 44.35 11.41 36.53
N LEU H 136 44.78 12.26 35.61
CA LEU H 136 43.86 13.04 34.81
C LEU H 136 43.64 12.29 33.50
N VAL H 137 42.59 11.48 33.44
CA VAL H 137 42.35 10.70 32.24
C VAL H 137 41.99 11.58 31.05
N ASP H 138 42.80 11.52 30.00
CA ASP H 138 42.56 12.27 28.77
C ASP H 138 41.38 11.64 28.04
N LYS H 139 40.80 12.36 27.09
CA LYS H 139 39.75 11.75 26.26
C LYS H 139 40.38 11.12 25.02
N LYS H 140 41.69 11.30 24.89
CA LYS H 140 42.44 10.70 23.80
C LYS H 140 42.72 9.24 24.13
N SER H 141 42.23 8.36 23.27
CA SER H 141 42.44 6.92 23.39
C SER H 141 42.41 6.40 24.83
N GLY H 142 41.62 7.07 25.67
CA GLY H 142 41.39 6.60 27.04
C GLY H 142 42.63 6.65 27.90
N GLU H 143 43.62 7.43 27.45
CA GLU H 143 44.91 7.52 28.11
C GLU H 143 44.85 8.14 29.50
N LYS H 144 45.31 7.39 30.50
CA LYS H 144 45.50 7.95 31.82
C LYS H 144 46.58 9.02 31.78
N SER H 145 46.73 9.76 32.87
CA SER H 145 47.70 10.84 32.92
C SER H 145 49.06 10.25 33.24
N LYS H 146 49.88 11.03 33.95
CA LYS H 146 51.15 10.53 34.43
C LYS H 146 51.35 10.96 35.88
N THR H 147 51.51 12.26 36.12
CA THR H 147 51.68 12.79 37.47
C THR H 147 50.37 13.35 38.04
N ARG H 148 50.27 13.39 39.36
CA ARG H 148 49.08 13.95 40.01
C ARG H 148 49.03 15.45 39.81
N PRO H 149 47.87 15.96 39.38
CA PRO H 149 47.72 17.39 39.29
C PRO H 149 47.36 17.91 40.68
N ARG H 150 47.54 19.20 40.91
CA ARG H 150 47.09 19.80 42.15
C ARG H 150 45.60 20.02 41.99
N PHE H 151 45.19 20.34 40.77
CA PHE H 151 43.81 20.71 40.53
C PHE H 151 43.21 20.12 39.28
N VAL H 152 41.90 20.04 39.25
CA VAL H 152 41.20 19.53 38.10
C VAL H 152 40.16 20.56 37.65
N LYS H 153 40.35 21.13 36.47
CA LYS H 153 39.52 22.22 35.97
C LYS H 153 38.22 21.65 35.42
N GLN H 154 37.37 22.51 34.87
CA GLN H 154 36.07 22.08 34.39
C GLN H 154 36.20 21.35 33.09
N ASP H 155 35.17 20.60 32.71
CA ASP H 155 35.18 19.84 31.46
C ASP H 155 36.35 18.86 31.33
N GLN H 156 36.91 18.47 32.48
CA GLN H 156 38.07 17.60 32.50
C GLN H 156 37.68 16.26 33.12
N VAL H 157 38.55 15.27 32.97
CA VAL H 157 38.25 13.94 33.50
C VAL H 157 39.41 13.40 34.30
N CYS H 158 39.11 12.73 35.40
CA CYS H 158 40.15 12.20 36.26
C CYS H 158 39.64 11.24 37.32
N ILE H 159 40.57 10.48 37.90
CA ILE H 159 40.28 9.48 38.92
C ILE H 159 40.77 10.02 40.25
N ALA H 160 39.94 10.01 41.28
CA ALA H 160 40.31 10.66 42.52
C ALA H 160 39.79 9.94 43.75
N ARG H 161 40.28 10.34 44.91
CA ARG H 161 39.87 9.72 46.15
C ARG H 161 38.79 10.53 46.83
N LEU H 162 37.81 9.84 47.39
CA LEU H 162 36.71 10.49 48.07
C LEU H 162 36.53 9.87 49.45
N ARG H 163 36.27 10.71 50.46
CA ARG H 163 35.95 10.23 51.81
C ARG H 163 34.56 10.71 52.26
N THR H 164 33.75 9.81 52.80
CA THR H 164 32.41 10.17 53.27
C THR H 164 32.34 10.16 54.78
N ALA H 165 31.77 11.23 55.36
CA ALA H 165 31.68 11.37 56.81
C ALA H 165 31.13 10.10 57.46
N GLY H 166 29.96 9.68 56.99
CA GLY H 166 29.34 8.47 57.50
C GLY H 166 29.48 7.30 56.54
N THR H 167 29.04 6.13 56.98
CA THR H 167 29.15 4.92 56.16
C THR H 167 28.24 4.96 54.94
N ILE H 168 28.69 4.31 53.88
CA ILE H 168 27.96 4.29 52.63
C ILE H 168 27.97 2.88 52.04
N CYS H 169 26.80 2.38 51.67
CA CYS H 169 26.72 1.10 50.98
C CYS H 169 27.23 1.27 49.55
N LEU H 170 27.95 0.28 49.04
CA LEU H 170 28.73 0.45 47.81
C LEU H 170 28.94 -0.77 46.93
N GLU H 171 29.48 -0.50 45.73
CA GLU H 171 30.08 -1.49 44.83
C GLU H 171 30.79 -0.67 43.77
N THR H 172 31.81 -1.22 43.14
CA THR H 172 32.48 -0.49 42.09
C THR H 172 31.66 -0.63 40.84
N PHE H 173 31.64 0.43 40.04
CA PHE H 173 30.81 0.43 38.85
C PHE H 173 30.72 -0.94 38.18
N LYS H 174 31.81 -1.40 37.59
CA LYS H 174 31.77 -2.60 36.77
C LYS H 174 31.00 -3.77 37.42
N ASP H 175 30.88 -3.75 38.74
CA ASP H 175 30.15 -4.79 39.49
C ASP H 175 28.84 -4.19 40.02
N PHE H 176 27.70 -4.78 39.64
CA PHE H 176 26.38 -4.21 39.98
C PHE H 176 26.41 -2.67 40.05
N PRO H 177 26.58 -2.00 38.88
CA PRO H 177 26.91 -0.57 38.70
C PRO H 177 25.87 0.44 39.17
N GLN H 178 24.65 -0.01 39.41
CA GLN H 178 23.62 0.87 39.98
C GLN H 178 23.91 1.22 41.46
N MET H 179 24.90 0.55 42.04
CA MET H 179 25.45 0.91 43.36
C MET H 179 26.75 1.70 43.19
N GLY H 180 27.07 2.02 41.94
CA GLY H 180 28.40 2.51 41.57
C GLY H 180 28.50 3.89 40.97
N ARG H 181 27.69 4.20 39.96
CA ARG H 181 27.69 5.55 39.39
C ARG H 181 27.08 6.50 40.39
N PHE H 182 27.81 7.57 40.67
CA PHE H 182 27.42 8.53 41.67
C PHE H 182 27.46 9.91 41.06
N THR H 183 27.02 10.89 41.82
CA THR H 183 27.08 12.27 41.41
C THR H 183 27.59 13.15 42.54
N LEU H 184 28.51 14.07 42.21
CA LEU H 184 28.93 15.12 43.11
C LEU H 184 28.09 16.37 42.88
N ARG H 185 27.22 16.66 43.84
CA ARG H 185 26.35 17.82 43.83
C ARG H 185 26.84 18.85 44.84
N ASP H 186 27.07 20.07 44.39
CA ASP H 186 27.41 21.16 45.30
C ASP H 186 26.43 22.30 45.10
N GLU H 187 25.82 22.80 46.18
CA GLU H 187 24.75 23.79 46.05
C GLU H 187 23.61 23.20 45.23
N GLY H 188 23.28 23.87 44.13
CA GLY H 188 22.29 23.35 43.19
C GLY H 188 22.96 22.55 42.09
N LYS H 189 23.76 23.25 41.29
CA LYS H 189 24.56 22.66 40.23
C LYS H 189 25.06 21.24 40.59
N THR H 190 24.92 20.28 39.67
CA THR H 190 25.62 19.02 39.79
C THR H 190 27.05 19.24 39.31
N ILE H 191 27.94 19.61 40.22
CA ILE H 191 29.27 20.06 39.83
C ILE H 191 30.12 18.93 39.21
N ALA H 192 29.78 17.68 39.47
CA ALA H 192 30.50 16.57 38.83
C ALA H 192 29.76 15.24 38.78
N ILE H 193 30.11 14.45 37.77
CA ILE H 193 29.59 13.11 37.59
C ILE H 193 30.71 12.10 37.52
N GLY H 194 30.42 10.85 37.87
CA GLY H 194 31.44 9.83 37.82
C GLY H 194 31.02 8.43 38.23
N LYS H 195 31.86 7.46 37.88
CA LYS H 195 31.69 6.07 38.27
C LYS H 195 32.79 5.74 39.25
N VAL H 196 32.48 4.96 40.29
CA VAL H 196 33.49 4.56 41.27
C VAL H 196 34.27 3.30 40.83
N LEU H 197 35.57 3.45 40.63
CA LEU H 197 36.37 2.40 40.02
C LEU H 197 36.99 1.37 40.97
N LYS H 198 37.32 1.78 42.19
CA LYS H 198 37.98 0.88 43.15
C LYS H 198 37.63 1.31 44.58
N LEU H 199 37.41 0.35 45.47
CA LEU H 199 37.07 0.68 46.87
C LEU H 199 38.33 0.61 47.75
N VAL H 200 38.37 1.41 48.81
CA VAL H 200 39.53 1.47 49.71
C VAL H 200 39.29 0.68 50.99
N PRO H 201 40.30 0.69 51.87
CA PRO H 201 40.45 -0.29 52.96
C PRO H 201 39.09 -0.74 53.45
#